data_3G4G
#
_entry.id   3G4G
#
_cell.length_a   63.129
_cell.length_b   75.311
_cell.length_c   162.559
_cell.angle_alpha   90.00
_cell.angle_beta   92.43
_cell.angle_gamma   90.00
#
_symmetry.space_group_name_H-M   'P 1 21 1'
#
loop_
_entity.id
_entity.type
_entity.pdbx_description
1 polymer "cAMP-specific 3',5'-cyclic phosphodiesterase 4D"
2 non-polymer 'ZINC ION'
3 non-polymer 'MAGNESIUM ION'
4 non-polymer 'CALCIUM ION'
5 non-polymer 1-(3-nitrophenyl)-3-(pyridin-4-ylmethyl)pyrido[2,3-d]pyrimidine-2,4(1H,3H)-dione
6 water water
#
_entity_poly.entity_id   1
_entity_poly.type   'polypeptide(L)'
_entity_poly.pdbx_seq_one_letter_code
;MSVSEMASNKFKRMLNRELTHLSEMSRSGNQVSEFISNTFLDKQHEVEIPKVTAEEAPQPMSQISGVKKLMHSSSLTNSS
IPRFGVKTEQEDVLAKELEDVNKWGLHVFRIAELSGNRPLTVIMHTIFQERDLLKTFKIPVDTLITYLMTLEDHYHADVA
YHNNIHAADVVQSTHVLLSTPALEAVFTDLEILAAIFASAIHDVDHPGVSNQFLINTNSELALMYNDSSVLENHHLAVGF
KLLQEENCDIFQNLTKKQRQSLRKMVIDIVLATDMSKHMNLLADLKTMVETKKVTSSGVLLLDNYSDRIQVLQNMVHCAD
LSNPTKPLQLYRQWTDRIMEEFFRQGDRERERGMEISPMCDKHNASVEKSQVGFIDYIVHPLWETWADLVHPDAQDILDT
LEDNREWYQSTIPQAHHHHHH
;
_entity_poly.pdbx_strand_id   A,B,C,D
#
# COMPACT_ATOMS: atom_id res chain seq x y z
N ASN A 30 -7.04 -63.30 -21.09
CA ASN A 30 -7.44 -62.74 -19.75
C ASN A 30 -6.24 -62.25 -18.96
N GLN A 31 -5.36 -63.16 -18.55
CA GLN A 31 -4.11 -62.73 -17.94
C GLN A 31 -3.20 -62.10 -19.02
N VAL A 32 -3.41 -62.54 -20.26
CA VAL A 32 -2.87 -61.86 -21.45
C VAL A 32 -3.51 -60.48 -21.54
N SER A 33 -4.81 -60.43 -21.34
CA SER A 33 -5.54 -59.16 -21.39
C SER A 33 -5.05 -58.21 -20.29
N GLU A 34 -4.74 -58.80 -19.15
CA GLU A 34 -4.40 -58.02 -17.96
C GLU A 34 -2.96 -57.59 -17.99
N PHE A 35 -2.14 -58.39 -18.65
CA PHE A 35 -0.74 -58.05 -18.85
C PHE A 35 -0.68 -56.85 -19.73
N ILE A 36 -1.41 -56.95 -20.83
CA ILE A 36 -1.45 -55.88 -21.83
C ILE A 36 -1.95 -54.59 -21.25
N SER A 37 -3.07 -54.66 -20.55
CA SER A 37 -3.69 -53.46 -20.04
C SER A 37 -2.85 -52.77 -19.01
N ASN A 38 -2.07 -53.55 -18.25
CA ASN A 38 -1.25 -53.03 -17.16
C ASN A 38 0.19 -52.74 -17.58
N THR A 39 0.52 -52.96 -18.83
CA THR A 39 1.88 -52.70 -19.26
C THR A 39 2.00 -51.65 -20.34
N PHE A 40 1.14 -51.74 -21.34
CA PHE A 40 1.21 -50.88 -22.51
C PHE A 40 0.25 -49.70 -22.51
N LEU A 41 -0.39 -49.44 -21.37
CA LEU A 41 -1.36 -48.32 -21.25
C LEU A 41 -0.99 -47.29 -20.19
N ASP A 42 -1.51 -46.10 -20.42
CA ASP A 42 -1.31 -44.95 -19.55
C ASP A 42 -2.53 -44.75 -18.64
N GLU A 91 38.96 -63.93 -32.79
CA GLU A 91 39.11 -62.56 -33.27
C GLU A 91 38.79 -62.44 -34.75
N ASP A 92 38.69 -63.59 -35.41
CA ASP A 92 38.52 -63.66 -36.85
C ASP A 92 37.09 -63.98 -37.18
N VAL A 93 36.62 -64.99 -36.46
CA VAL A 93 35.23 -65.41 -36.46
C VAL A 93 34.31 -64.25 -36.05
N LEU A 94 34.74 -63.52 -35.03
CA LEU A 94 33.99 -62.38 -34.47
C LEU A 94 33.80 -61.32 -35.54
N ALA A 95 34.88 -61.00 -36.24
CA ALA A 95 34.86 -60.02 -37.33
C ALA A 95 34.02 -60.46 -38.51
N LYS A 96 33.96 -61.76 -38.76
CA LYS A 96 33.13 -62.31 -39.84
C LYS A 96 31.66 -62.21 -39.46
N GLU A 97 31.35 -62.47 -38.20
CA GLU A 97 29.98 -62.35 -37.70
C GLU A 97 29.54 -60.86 -37.64
N LEU A 98 30.47 -59.97 -37.28
CA LEU A 98 30.23 -58.49 -37.26
C LEU A 98 29.99 -57.88 -38.65
N GLU A 99 30.29 -58.67 -39.68
CA GLU A 99 29.98 -58.28 -41.05
C GLU A 99 28.48 -58.29 -41.30
N ASP A 100 27.73 -58.93 -40.42
CA ASP A 100 26.26 -58.94 -40.56
C ASP A 100 25.57 -57.78 -39.86
N VAL A 101 26.39 -56.80 -39.45
CA VAL A 101 25.95 -55.65 -38.65
C VAL A 101 24.78 -54.87 -39.30
N ASN A 102 24.72 -54.89 -40.63
CA ASN A 102 23.66 -54.22 -41.41
C ASN A 102 22.41 -55.08 -41.62
N LYS A 103 22.42 -56.28 -41.09
CA LYS A 103 21.31 -57.21 -41.33
C LYS A 103 20.37 -57.35 -40.17
N TRP A 104 19.10 -57.42 -40.51
CA TRP A 104 18.06 -57.71 -39.53
C TRP A 104 18.25 -59.16 -39.20
N GLY A 105 18.28 -59.50 -37.94
CA GLY A 105 18.56 -60.91 -37.64
C GLY A 105 20.04 -61.29 -37.52
N LEU A 106 20.85 -60.30 -37.19
CA LEU A 106 22.20 -60.56 -36.66
C LEU A 106 22.13 -61.57 -35.50
N HIS A 107 23.09 -62.49 -35.49
CA HIS A 107 23.22 -63.53 -34.43
C HIS A 107 23.88 -62.91 -33.21
N VAL A 108 23.08 -62.09 -32.53
CA VAL A 108 23.60 -61.27 -31.42
C VAL A 108 24.16 -62.10 -30.24
N PHE A 109 23.57 -63.28 -30.02
CA PHE A 109 23.94 -64.20 -28.94
C PHE A 109 25.25 -64.87 -29.26
N ARG A 110 25.54 -64.93 -30.53
CA ARG A 110 26.77 -65.54 -31.00
C ARG A 110 27.92 -64.55 -30.86
N ILE A 111 27.59 -63.28 -31.10
CA ILE A 111 28.54 -62.21 -31.04
C ILE A 111 28.90 -62.04 -29.58
N ALA A 112 27.94 -62.33 -28.72
CA ALA A 112 28.14 -62.16 -27.29
C ALA A 112 29.17 -63.19 -26.86
N GLU A 113 28.88 -64.43 -27.18
CA GLU A 113 29.85 -65.50 -26.93
C GLU A 113 31.27 -65.25 -27.48
N LEU A 114 31.39 -64.80 -28.72
CA LEU A 114 32.71 -64.58 -29.36
C LEU A 114 33.48 -63.39 -28.80
N SER A 115 32.78 -62.52 -28.09
CA SER A 115 33.35 -61.24 -27.65
C SER A 115 33.68 -61.26 -26.18
N GLY A 116 33.44 -62.43 -25.58
CA GLY A 116 33.61 -62.61 -24.15
C GLY A 116 32.58 -61.83 -23.39
N ASN A 117 31.34 -62.02 -23.78
CA ASN A 117 30.20 -61.27 -23.23
C ASN A 117 30.33 -59.75 -23.35
N ARG A 118 30.87 -59.28 -24.47
CA ARG A 118 30.89 -57.85 -24.74
C ARG A 118 30.21 -57.38 -26.04
N PRO A 119 28.98 -57.84 -26.30
CA PRO A 119 28.32 -57.53 -27.57
C PRO A 119 28.13 -56.04 -27.78
N LEU A 120 27.67 -55.37 -26.72
CA LEU A 120 27.39 -53.96 -26.77
C LEU A 120 28.63 -53.14 -27.22
N THR A 121 29.78 -53.52 -26.74
CA THR A 121 31.00 -52.77 -27.03
C THR A 121 31.43 -52.95 -28.48
N VAL A 122 31.43 -54.19 -28.91
CA VAL A 122 31.96 -54.53 -30.24
C VAL A 122 30.97 -54.10 -31.29
N ILE A 123 29.70 -54.30 -31.00
CA ILE A 123 28.61 -53.86 -31.89
C ILE A 123 28.62 -52.35 -32.01
N MET A 124 28.66 -51.65 -30.88
CA MET A 124 28.61 -50.18 -30.89
C MET A 124 29.86 -49.60 -31.60
N HIS A 125 30.99 -50.22 -31.34
CA HIS A 125 32.25 -49.83 -31.98
C HIS A 125 32.19 -49.99 -33.49
N THR A 126 31.66 -51.12 -33.95
CA THR A 126 31.41 -51.37 -35.40
C THR A 126 30.50 -50.34 -36.07
N ILE A 127 29.41 -50.01 -35.40
CA ILE A 127 28.43 -49.07 -35.94
C ILE A 127 29.09 -47.69 -36.11
N PHE A 128 29.93 -47.36 -35.14
CA PHE A 128 30.57 -46.03 -35.10
C PHE A 128 31.61 -45.87 -36.18
N GLN A 129 32.30 -46.96 -36.49
CA GLN A 129 33.27 -46.97 -37.60
C GLN A 129 32.49 -46.93 -38.91
N GLU A 130 31.42 -47.70 -38.95
CA GLU A 130 30.66 -47.86 -40.21
C GLU A 130 29.95 -46.54 -40.60
N ARG A 131 29.45 -45.81 -39.61
CA ARG A 131 28.77 -44.53 -39.82
C ARG A 131 29.73 -43.33 -39.77
N ASP A 132 31.00 -43.63 -39.55
CA ASP A 132 32.08 -42.64 -39.55
C ASP A 132 31.93 -41.63 -38.41
N LEU A 133 31.25 -42.05 -37.35
CA LEU A 133 30.92 -41.14 -36.22
C LEU A 133 32.13 -40.60 -35.42
N LEU A 134 33.25 -41.30 -35.47
CA LEU A 134 34.45 -40.95 -34.69
C LEU A 134 35.16 -39.76 -35.35
N LYS A 135 35.18 -39.76 -36.67
CA LYS A 135 35.74 -38.62 -37.42
C LYS A 135 34.84 -37.42 -37.29
N THR A 136 33.54 -37.63 -37.48
CA THR A 136 32.59 -36.51 -37.49
C THR A 136 32.59 -35.76 -36.16
N PHE A 137 32.68 -36.51 -35.07
CA PHE A 137 32.55 -35.93 -33.72
C PHE A 137 33.84 -35.93 -32.89
N LYS A 138 34.95 -36.25 -33.57
CA LYS A 138 36.30 -36.27 -33.01
C LYS A 138 36.31 -36.99 -31.67
N ILE A 139 35.85 -38.23 -31.73
CA ILE A 139 35.81 -39.11 -30.59
C ILE A 139 37.05 -40.01 -30.68
N PRO A 140 37.97 -39.89 -29.72
CA PRO A 140 39.08 -40.84 -29.74
C PRO A 140 38.55 -42.22 -29.43
N VAL A 141 39.09 -43.21 -30.14
CA VAL A 141 38.62 -44.57 -30.06
C VAL A 141 38.82 -45.09 -28.64
N ASP A 142 39.94 -44.74 -28.06
CA ASP A 142 40.22 -45.05 -26.65
C ASP A 142 39.08 -44.61 -25.72
N THR A 143 38.58 -43.39 -25.97
CA THR A 143 37.49 -42.80 -25.17
C THR A 143 36.19 -43.59 -25.42
N LEU A 144 35.95 -43.93 -26.69
CA LEU A 144 34.73 -44.65 -27.05
C LEU A 144 34.70 -46.03 -26.35
N ILE A 145 35.85 -46.69 -26.37
CA ILE A 145 35.98 -48.05 -25.87
C ILE A 145 35.90 -48.08 -24.36
N THR A 146 36.52 -47.09 -23.71
CA THR A 146 36.42 -47.00 -22.25
C THR A 146 34.97 -46.76 -21.81
N TYR A 147 34.33 -45.81 -22.47
CA TYR A 147 32.96 -45.45 -22.09
C TYR A 147 32.07 -46.70 -22.25
N LEU A 148 32.26 -47.40 -23.36
CA LEU A 148 31.40 -48.53 -23.72
C LEU A 148 31.60 -49.69 -22.78
N MET A 149 32.85 -49.95 -22.43
CA MET A 149 33.14 -51.04 -21.51
C MET A 149 32.52 -50.75 -20.15
N THR A 150 32.65 -49.52 -19.72
CA THR A 150 32.08 -49.10 -18.45
C THR A 150 30.56 -49.17 -18.43
N LEU A 151 29.95 -48.73 -19.52
CA LEU A 151 28.49 -48.71 -19.64
C LEU A 151 27.96 -50.14 -19.59
N GLU A 152 28.67 -51.01 -20.30
CA GLU A 152 28.35 -52.44 -20.42
C GLU A 152 28.49 -53.11 -19.08
N ASP A 153 29.55 -52.77 -18.35
CA ASP A 153 29.70 -53.20 -16.93
C ASP A 153 28.46 -52.87 -16.09
N HIS A 154 27.69 -51.84 -16.44
CA HIS A 154 26.59 -51.42 -15.58
C HIS A 154 25.26 -52.04 -15.93
N TYR A 155 25.29 -52.94 -16.89
CA TYR A 155 24.17 -53.83 -17.14
C TYR A 155 24.45 -55.05 -16.27
N HIS A 156 23.39 -55.62 -15.74
CA HIS A 156 23.50 -56.67 -14.72
C HIS A 156 23.79 -58.03 -15.34
N ALA A 157 24.81 -58.65 -14.78
CA ALA A 157 25.17 -60.04 -15.02
C ALA A 157 23.94 -60.93 -14.96
N ASP A 158 23.28 -60.86 -13.81
CA ASP A 158 22.30 -61.86 -13.40
C ASP A 158 20.92 -61.78 -14.06
N VAL A 159 20.60 -60.63 -14.63
CA VAL A 159 19.27 -60.35 -15.22
C VAL A 159 19.14 -61.01 -16.61
N ALA A 160 18.07 -61.76 -16.79
CA ALA A 160 17.96 -62.74 -17.88
C ALA A 160 17.66 -62.07 -19.22
N TYR A 161 16.91 -60.97 -19.17
CA TYR A 161 16.53 -60.29 -20.39
C TYR A 161 17.18 -58.90 -20.51
N HIS A 162 17.09 -58.10 -19.45
CA HIS A 162 17.46 -56.67 -19.52
C HIS A 162 18.92 -56.51 -19.21
N ASN A 163 19.70 -57.10 -20.08
CA ASN A 163 21.12 -57.14 -19.92
C ASN A 163 21.86 -56.53 -21.11
N ASN A 164 23.18 -56.66 -21.14
CA ASN A 164 23.97 -55.97 -22.14
C ASN A 164 23.68 -56.50 -23.56
N ILE A 165 23.09 -57.71 -23.63
CA ILE A 165 22.80 -58.39 -24.91
C ILE A 165 21.50 -57.82 -25.49
N HIS A 166 20.53 -57.57 -24.63
CA HIS A 166 19.35 -56.83 -25.06
C HIS A 166 19.75 -55.42 -25.50
N ALA A 167 20.66 -54.78 -24.79
CA ALA A 167 21.14 -53.42 -25.19
C ALA A 167 21.74 -53.39 -26.61
N ALA A 168 22.62 -54.36 -26.85
CA ALA A 168 23.33 -54.56 -28.12
C ALA A 168 22.35 -54.80 -29.26
N ASP A 169 21.44 -55.72 -28.99
CA ASP A 169 20.32 -56.05 -29.87
C ASP A 169 19.52 -54.84 -30.32
N VAL A 170 19.12 -54.00 -29.35
CA VAL A 170 18.30 -52.83 -29.66
C VAL A 170 19.11 -51.79 -30.47
N VAL A 171 20.37 -51.63 -30.08
CA VAL A 171 21.28 -50.69 -30.77
C VAL A 171 21.37 -51.07 -32.26
N GLN A 172 21.64 -52.34 -32.52
CA GLN A 172 21.86 -52.82 -33.89
C GLN A 172 20.56 -52.81 -34.69
N SER A 173 19.44 -53.08 -34.02
CA SER A 173 18.12 -52.93 -34.64
C SER A 173 17.86 -51.44 -35.01
N THR A 174 18.11 -50.53 -34.09
CA THR A 174 18.08 -49.10 -34.43
C THR A 174 18.97 -48.76 -35.61
N HIS A 175 20.20 -49.27 -35.58
CA HIS A 175 21.16 -49.08 -36.68
C HIS A 175 20.57 -49.38 -38.05
N VAL A 176 19.96 -50.55 -38.18
CA VAL A 176 19.37 -50.99 -39.46
C VAL A 176 18.18 -50.11 -39.87
N LEU A 177 17.29 -49.81 -38.90
CA LEU A 177 16.11 -48.97 -39.16
C LEU A 177 16.49 -47.54 -39.52
N LEU A 178 17.60 -47.08 -38.98
CA LEU A 178 18.18 -45.78 -39.39
C LEU A 178 18.61 -45.76 -40.89
N SER A 179 19.03 -46.91 -41.40
CA SER A 179 19.62 -47.04 -42.75
C SER A 179 18.58 -47.33 -43.83
N THR A 180 17.32 -47.36 -43.42
CA THR A 180 16.19 -47.61 -44.33
C THR A 180 16.10 -46.53 -45.44
N PRO A 181 15.90 -46.94 -46.73
CA PRO A 181 15.81 -46.05 -47.90
C PRO A 181 14.88 -44.88 -47.75
N ALA A 182 13.68 -45.14 -47.31
CA ALA A 182 12.66 -44.09 -47.08
C ALA A 182 13.17 -42.98 -46.13
N LEU A 183 14.17 -43.31 -45.33
CA LEU A 183 14.76 -42.31 -44.43
C LEU A 183 16.11 -41.73 -44.91
N GLU A 184 16.44 -41.98 -46.18
CA GLU A 184 17.76 -41.60 -46.76
C GLU A 184 18.03 -40.10 -46.71
N ALA A 185 19.07 -39.74 -45.96
CA ALA A 185 19.54 -38.35 -45.81
C ALA A 185 18.58 -37.45 -45.01
N VAL A 186 17.60 -38.07 -44.38
CA VAL A 186 16.64 -37.31 -43.60
C VAL A 186 17.20 -36.79 -42.28
N PHE A 187 17.96 -37.62 -41.57
CA PHE A 187 18.45 -37.27 -40.22
C PHE A 187 19.89 -36.77 -40.28
N THR A 188 20.18 -35.81 -39.43
CA THR A 188 21.56 -35.32 -39.28
C THR A 188 22.36 -36.33 -38.48
N ASP A 189 23.67 -36.22 -38.58
CA ASP A 189 24.59 -37.08 -37.83
C ASP A 189 24.44 -36.98 -36.32
N LEU A 190 24.04 -35.80 -35.83
CA LEU A 190 23.76 -35.59 -34.41
C LEU A 190 22.52 -36.34 -33.95
N GLU A 191 21.55 -36.45 -34.85
CA GLU A 191 20.35 -37.24 -34.59
C GLU A 191 20.60 -38.72 -34.68
N ILE A 192 21.48 -39.09 -35.59
CA ILE A 192 21.89 -40.49 -35.73
C ILE A 192 22.62 -40.92 -34.46
N LEU A 193 23.58 -40.09 -34.06
CA LEU A 193 24.37 -40.32 -32.87
C LEU A 193 23.46 -40.44 -31.66
N ALA A 194 22.47 -39.56 -31.57
CA ALA A 194 21.52 -39.52 -30.45
C ALA A 194 20.62 -40.80 -30.28
N ALA A 195 20.07 -41.30 -31.39
CA ALA A 195 19.25 -42.53 -31.40
C ALA A 195 20.07 -43.80 -31.08
N ILE A 196 21.32 -43.82 -31.51
CA ILE A 196 22.20 -44.95 -31.23
C ILE A 196 22.68 -44.95 -29.78
N PHE A 197 23.01 -43.78 -29.26
CA PHE A 197 23.36 -43.63 -27.84
C PHE A 197 22.17 -43.93 -26.91
N ALA A 198 21.00 -43.40 -27.27
CA ALA A 198 19.77 -43.63 -26.52
C ALA A 198 19.52 -45.13 -26.37
N SER A 199 19.68 -45.84 -27.48
CA SER A 199 19.52 -47.29 -27.57
C SER A 199 20.45 -48.03 -26.66
N ALA A 200 21.70 -47.62 -26.71
CA ALA A 200 22.77 -48.24 -25.92
C ALA A 200 22.57 -48.12 -24.42
N ILE A 201 22.02 -46.99 -23.96
CA ILE A 201 21.88 -46.73 -22.52
C ILE A 201 20.48 -47.04 -21.96
N HIS A 202 19.52 -47.29 -22.85
CA HIS A 202 18.09 -47.25 -22.49
C HIS A 202 17.62 -48.22 -21.41
N ASP A 203 18.43 -49.23 -21.06
CA ASP A 203 18.05 -50.16 -20.00
C ASP A 203 19.18 -50.36 -18.97
N VAL A 204 20.14 -49.41 -18.91
CA VAL A 204 21.34 -49.59 -18.05
C VAL A 204 20.96 -49.63 -16.60
N ASP A 205 21.57 -50.58 -15.87
CA ASP A 205 21.32 -50.76 -14.44
C ASP A 205 19.88 -51.18 -14.15
N HIS A 206 19.28 -51.90 -15.09
CA HIS A 206 17.94 -52.44 -14.89
C HIS A 206 18.00 -53.54 -13.83
N PRO A 207 17.12 -53.49 -12.80
CA PRO A 207 17.21 -54.51 -11.75
C PRO A 207 16.46 -55.81 -12.11
N GLY A 208 15.80 -55.82 -13.26
CA GLY A 208 15.07 -57.01 -13.71
C GLY A 208 13.67 -57.13 -13.11
N VAL A 209 13.09 -55.99 -12.76
CA VAL A 209 11.71 -55.91 -12.23
C VAL A 209 11.09 -54.66 -12.81
N SER A 210 9.77 -54.63 -12.89
CA SER A 210 9.06 -53.49 -13.48
C SER A 210 8.92 -52.25 -12.59
N ASN A 211 8.51 -51.16 -13.24
CA ASN A 211 8.12 -49.91 -12.62
C ASN A 211 7.00 -50.15 -11.60
N GLN A 212 5.98 -50.88 -12.00
CA GLN A 212 4.88 -51.19 -11.07
C GLN A 212 5.33 -52.02 -9.87
N PHE A 213 6.28 -52.93 -10.04
CA PHE A 213 6.85 -53.67 -8.91
C PHE A 213 7.49 -52.74 -7.94
N LEU A 214 8.35 -51.89 -8.49
CA LEU A 214 9.08 -50.89 -7.73
C LEU A 214 8.15 -49.94 -7.03
N ILE A 215 7.05 -49.59 -7.69
CA ILE A 215 6.05 -48.68 -7.09
C ILE A 215 5.33 -49.39 -5.94
N ASN A 216 4.94 -50.65 -6.12
CA ASN A 216 4.14 -51.40 -5.13
C ASN A 216 4.92 -51.89 -3.94
N THR A 217 6.22 -51.75 -4.00
CA THR A 217 7.06 -52.26 -2.91
C THR A 217 7.70 -51.09 -2.20
N ASN A 218 7.23 -49.90 -2.52
CA ASN A 218 7.72 -48.65 -1.92
C ASN A 218 9.22 -48.58 -1.91
N SER A 219 9.78 -48.69 -3.10
CA SER A 219 11.20 -48.65 -3.30
C SER A 219 11.69 -47.23 -3.41
N GLU A 220 12.93 -47.07 -2.97
CA GLU A 220 13.67 -45.79 -3.02
C GLU A 220 13.68 -45.12 -4.42
N LEU A 221 13.73 -45.93 -5.48
CA LEU A 221 13.75 -45.40 -6.85
C LEU A 221 12.41 -44.75 -7.17
N ALA A 222 11.34 -45.41 -6.76
CA ALA A 222 9.98 -44.94 -7.02
C ALA A 222 9.67 -43.67 -6.25
N LEU A 223 10.23 -43.58 -5.05
CA LEU A 223 10.08 -42.38 -4.18
C LEU A 223 10.77 -41.19 -4.85
N MET A 224 12.02 -41.41 -5.19
CA MET A 224 12.91 -40.48 -5.90
C MET A 224 12.31 -39.84 -7.15
N TYR A 225 11.56 -40.61 -7.92
CA TYR A 225 11.09 -40.19 -9.26
C TYR A 225 9.61 -40.30 -9.50
N ASN A 226 8.80 -40.62 -8.49
CA ASN A 226 7.78 -39.83 -7.86
C ASN A 226 6.75 -40.66 -8.64
N ASP A 227 7.03 -41.96 -8.76
CA ASP A 227 6.19 -42.92 -9.50
C ASP A 227 6.12 -42.79 -11.05
N SER A 228 6.89 -41.89 -11.67
CA SER A 228 6.81 -41.64 -13.13
C SER A 228 8.03 -42.05 -13.96
N SER A 229 7.84 -42.96 -14.89
CA SER A 229 8.93 -43.50 -15.70
C SER A 229 10.15 -43.74 -14.83
N VAL A 230 9.89 -44.40 -13.72
CA VAL A 230 10.88 -44.57 -12.67
C VAL A 230 12.17 -45.17 -13.20
N LEU A 231 12.09 -46.26 -13.98
CA LEU A 231 13.31 -46.93 -14.46
C LEU A 231 13.96 -46.13 -15.60
N GLU A 232 13.13 -45.52 -16.43
CA GLU A 232 13.63 -44.85 -17.62
C GLU A 232 14.42 -43.54 -17.30
N ASN A 233 13.95 -42.83 -16.32
CA ASN A 233 14.72 -41.76 -15.67
C ASN A 233 16.06 -42.23 -15.07
N HIS A 234 16.02 -43.38 -14.43
CA HIS A 234 17.20 -43.97 -13.85
C HIS A 234 18.24 -44.33 -14.93
N HIS A 235 17.80 -45.02 -15.96
CA HIS A 235 18.67 -45.41 -17.09
C HIS A 235 19.35 -44.20 -17.67
N LEU A 236 18.56 -43.16 -17.84
CA LEU A 236 19.09 -41.90 -18.35
C LEU A 236 20.15 -41.39 -17.42
N ALA A 237 19.85 -41.33 -16.13
CA ALA A 237 20.77 -40.69 -15.15
C ALA A 237 22.09 -41.46 -15.12
N VAL A 238 21.99 -42.79 -15.14
CA VAL A 238 23.21 -43.64 -15.10
C VAL A 238 24.08 -43.51 -16.36
N GLY A 239 23.42 -43.46 -17.51
CA GLY A 239 24.09 -43.43 -18.80
C GLY A 239 24.83 -42.13 -19.06
N PHE A 240 24.25 -41.03 -18.61
CA PHE A 240 24.92 -39.74 -18.65
C PHE A 240 25.95 -39.58 -17.53
N LYS A 241 25.69 -40.16 -16.36
CA LYS A 241 26.63 -40.10 -15.23
C LYS A 241 27.96 -40.76 -15.59
N LEU A 242 27.89 -41.85 -16.35
CA LEU A 242 29.08 -42.59 -16.72
C LEU A 242 29.99 -41.85 -17.67
N LEU A 243 29.49 -40.76 -18.23
CA LEU A 243 30.29 -39.89 -19.10
C LEU A 243 31.34 -39.16 -18.32
N GLN A 244 31.16 -39.07 -17.01
CA GLN A 244 31.96 -38.22 -16.12
C GLN A 244 33.20 -38.90 -15.59
N GLU A 245 33.40 -40.15 -15.97
CA GLU A 245 34.57 -40.93 -15.54
C GLU A 245 35.77 -40.59 -16.43
N GLU A 246 36.96 -40.95 -15.97
CA GLU A 246 38.18 -40.49 -16.64
C GLU A 246 38.24 -41.10 -18.05
N ASN A 247 38.46 -40.24 -19.04
CA ASN A 247 38.53 -40.65 -20.45
C ASN A 247 37.26 -41.36 -20.97
N CYS A 248 36.11 -40.94 -20.45
CA CYS A 248 34.83 -41.51 -20.86
C CYS A 248 33.94 -40.53 -21.58
N ASP A 249 34.39 -39.29 -21.73
CA ASP A 249 33.49 -38.25 -22.26
C ASP A 249 33.50 -38.21 -23.78
N ILE A 250 32.71 -39.10 -24.33
CA ILE A 250 32.64 -39.30 -25.77
C ILE A 250 32.06 -38.05 -26.52
N PHE A 251 31.53 -37.10 -25.74
CA PHE A 251 30.93 -35.87 -26.28
C PHE A 251 31.83 -34.67 -26.07
N GLN A 252 33.09 -34.96 -25.77
CA GLN A 252 34.02 -33.89 -25.37
C GLN A 252 34.20 -32.88 -26.50
N ASN A 253 34.12 -33.32 -27.74
CA ASN A 253 34.40 -32.40 -28.83
C ASN A 253 33.15 -31.94 -29.54
N LEU A 254 32.02 -32.18 -28.91
CA LEU A 254 30.77 -31.62 -29.38
C LEU A 254 30.73 -30.17 -28.86
N THR A 255 30.06 -29.30 -29.59
CA THR A 255 29.84 -27.96 -29.16
C THR A 255 28.79 -28.00 -28.08
N LYS A 256 28.68 -26.90 -27.35
CA LYS A 256 27.73 -26.73 -26.26
C LYS A 256 26.32 -26.87 -26.82
N LYS A 257 26.08 -26.24 -27.97
CA LYS A 257 24.80 -26.34 -28.66
C LYS A 257 24.50 -27.77 -29.09
N GLN A 258 25.45 -28.41 -29.76
CA GLN A 258 25.35 -29.83 -30.09
C GLN A 258 25.04 -30.72 -28.89
N ARG A 259 25.72 -30.46 -27.78
CA ARG A 259 25.59 -31.28 -26.58
C ARG A 259 24.21 -31.16 -25.93
N GLN A 260 23.63 -29.97 -25.98
CA GLN A 260 22.33 -29.72 -25.38
C GLN A 260 21.21 -30.34 -26.25
N SER A 261 21.43 -30.25 -27.53
CA SER A 261 20.51 -30.76 -28.52
C SER A 261 20.50 -32.31 -28.34
N LEU A 262 21.67 -32.92 -28.35
CA LEU A 262 21.76 -34.37 -28.12
C LEU A 262 21.16 -34.83 -26.78
N ARG A 263 21.49 -34.11 -25.71
CA ARG A 263 20.95 -34.45 -24.40
C ARG A 263 19.42 -34.44 -24.39
N LYS A 264 18.84 -33.41 -25.00
CA LYS A 264 17.41 -33.30 -25.09
C LYS A 264 16.79 -34.48 -25.86
N MET A 265 17.39 -34.80 -27.00
CA MET A 265 16.88 -35.85 -27.87
C MET A 265 16.99 -37.21 -27.21
N VAL A 266 18.10 -37.43 -26.53
CA VAL A 266 18.32 -38.71 -25.86
C VAL A 266 17.29 -38.92 -24.75
N ILE A 267 17.03 -37.89 -23.97
CA ILE A 267 16.06 -37.97 -22.88
C ILE A 267 14.64 -38.24 -23.44
N ASP A 268 14.27 -37.50 -24.47
CA ASP A 268 12.98 -37.71 -25.13
C ASP A 268 12.79 -39.15 -25.64
N ILE A 269 13.86 -39.72 -26.17
CA ILE A 269 13.82 -41.10 -26.70
C ILE A 269 13.73 -42.17 -25.61
N VAL A 270 14.58 -42.07 -24.58
CA VAL A 270 14.64 -43.14 -23.56
C VAL A 270 13.35 -43.15 -22.75
N LEU A 271 12.82 -41.96 -22.47
CA LEU A 271 11.52 -41.85 -21.78
C LEU A 271 10.36 -42.39 -22.61
N ALA A 272 10.51 -42.34 -23.93
CA ALA A 272 9.56 -42.97 -24.86
C ALA A 272 9.64 -44.51 -24.85
N THR A 273 10.60 -45.08 -24.12
CA THR A 273 10.76 -46.55 -24.03
C THR A 273 9.97 -47.11 -22.84
N ASP A 274 9.38 -46.19 -22.08
CA ASP A 274 8.44 -46.55 -21.03
C ASP A 274 7.24 -47.20 -21.72
N MET A 275 7.07 -48.49 -21.42
CA MET A 275 6.10 -49.33 -22.14
C MET A 275 4.68 -48.79 -22.03
N SER A 276 4.42 -48.08 -20.93
CA SER A 276 3.09 -47.61 -20.63
C SER A 276 2.69 -46.49 -21.61
N LYS A 277 3.67 -45.90 -22.28
CA LYS A 277 3.43 -44.89 -23.29
C LYS A 277 3.12 -45.49 -24.67
N HIS A 278 3.10 -46.80 -24.79
CA HIS A 278 3.03 -47.45 -26.13
C HIS A 278 1.88 -46.93 -27.01
N MET A 279 0.71 -46.84 -26.40
CA MET A 279 -0.51 -46.48 -27.12
C MET A 279 -0.44 -45.02 -27.56
N ASN A 280 0.18 -44.20 -26.72
CA ASN A 280 0.37 -42.79 -27.03
C ASN A 280 1.29 -42.66 -28.20
N LEU A 281 2.44 -43.29 -28.10
CA LEU A 281 3.37 -43.30 -29.24
C LEU A 281 2.69 -43.77 -30.55
N LEU A 282 1.95 -44.88 -30.44
CA LEU A 282 1.34 -45.53 -31.60
C LEU A 282 0.38 -44.59 -32.29
N ALA A 283 -0.35 -43.81 -31.48
CA ALA A 283 -1.35 -42.89 -32.00
C ALA A 283 -0.64 -41.83 -32.83
N ASP A 284 0.48 -41.37 -32.28
CA ASP A 284 1.26 -40.35 -32.95
C ASP A 284 1.84 -40.85 -34.27
N LEU A 285 2.34 -42.08 -34.24
CA LEU A 285 2.95 -42.65 -35.44
C LEU A 285 1.92 -42.76 -36.54
N LYS A 286 0.70 -43.16 -36.16
CA LYS A 286 -0.44 -43.26 -37.09
C LYS A 286 -0.77 -41.91 -37.74
N THR A 287 -0.76 -40.86 -36.93
CA THR A 287 -0.90 -39.49 -37.44
C THR A 287 0.25 -39.05 -38.36
N MET A 288 1.46 -39.51 -38.08
CA MET A 288 2.62 -39.25 -38.96
C MET A 288 2.45 -39.90 -40.32
N VAL A 289 1.77 -41.05 -40.32
CA VAL A 289 1.53 -41.81 -41.56
C VAL A 289 0.39 -41.18 -42.35
N GLU A 290 -0.65 -40.79 -41.63
CA GLU A 290 -1.81 -40.10 -42.21
C GLU A 290 -1.45 -38.80 -42.87
N THR A 291 -0.44 -38.12 -42.32
CA THR A 291 -0.03 -36.80 -42.77
C THR A 291 1.27 -36.88 -43.51
N LYS A 292 1.64 -38.07 -43.94
CA LYS A 292 2.94 -38.31 -44.62
C LYS A 292 3.14 -37.49 -45.90
N LYS A 293 4.27 -36.81 -45.96
CA LYS A 293 4.70 -36.09 -47.15
C LYS A 293 6.02 -36.68 -47.59
N VAL A 294 6.21 -36.75 -48.90
CA VAL A 294 7.43 -37.30 -49.49
C VAL A 294 7.99 -36.40 -50.58
N THR A 295 9.31 -36.49 -50.77
CA THR A 295 9.96 -35.90 -51.94
C THR A 295 9.47 -36.66 -53.19
N SER A 296 9.89 -36.19 -54.35
CA SER A 296 9.56 -36.87 -55.63
C SER A 296 10.29 -38.22 -55.79
N SER A 297 11.41 -38.41 -55.09
CA SER A 297 12.10 -39.71 -55.13
C SER A 297 11.52 -40.67 -54.08
N GLY A 298 10.57 -40.16 -53.29
CA GLY A 298 9.79 -40.99 -52.38
C GLY A 298 10.35 -41.08 -50.97
N VAL A 299 11.23 -40.13 -50.64
CA VAL A 299 11.88 -40.09 -49.33
C VAL A 299 11.08 -39.20 -48.39
N LEU A 300 10.98 -39.66 -47.15
CA LEU A 300 10.20 -38.97 -46.10
C LEU A 300 10.63 -37.53 -45.89
N LEU A 301 9.64 -36.66 -45.71
CA LEU A 301 9.84 -35.21 -45.47
C LEU A 301 9.45 -34.92 -44.04
N LEU A 302 10.45 -34.65 -43.20
CA LEU A 302 10.21 -34.28 -41.83
C LEU A 302 10.82 -32.92 -41.54
N ASP A 303 10.00 -31.88 -41.54
CA ASP A 303 10.49 -30.48 -41.52
C ASP A 303 10.35 -29.81 -40.16
N ASN A 304 9.91 -30.54 -39.14
CA ASN A 304 9.94 -29.96 -37.80
C ASN A 304 10.46 -30.90 -36.75
N TYR A 305 10.94 -30.34 -35.64
CA TYR A 305 11.63 -31.11 -34.61
C TYR A 305 10.71 -32.15 -33.96
N SER A 306 9.49 -31.73 -33.69
CA SER A 306 8.52 -32.59 -33.04
C SER A 306 8.23 -33.82 -33.92
N ASP A 307 8.24 -33.59 -35.22
CA ASP A 307 8.05 -34.69 -36.18
C ASP A 307 9.23 -35.65 -36.21
N ARG A 308 10.43 -35.11 -36.21
CA ARG A 308 11.64 -35.93 -36.35
C ARG A 308 11.99 -36.68 -35.06
N ILE A 309 11.82 -36.02 -33.90
CA ILE A 309 12.01 -36.70 -32.58
C ILE A 309 10.95 -37.77 -32.38
N GLN A 310 9.77 -37.53 -32.93
CA GLN A 310 8.69 -38.52 -32.85
C GLN A 310 9.01 -39.76 -33.65
N VAL A 311 9.54 -39.55 -34.84
CA VAL A 311 9.98 -40.63 -35.70
C VAL A 311 11.08 -41.41 -35.01
N LEU A 312 11.96 -40.74 -34.28
CA LEU A 312 13.08 -41.45 -33.60
C LEU A 312 12.67 -42.14 -32.31
N GLN A 313 11.66 -41.60 -31.65
CA GLN A 313 11.07 -42.26 -30.49
C GLN A 313 10.41 -43.55 -30.92
N ASN A 314 9.66 -43.50 -32.01
CA ASN A 314 8.95 -44.70 -32.47
C ASN A 314 9.90 -45.76 -33.02
N MET A 315 10.95 -45.28 -33.63
CA MET A 315 11.96 -46.14 -34.21
C MET A 315 12.64 -46.96 -33.11
N VAL A 316 13.08 -46.26 -32.06
CA VAL A 316 13.75 -46.89 -30.93
C VAL A 316 12.77 -47.77 -30.14
N HIS A 317 11.49 -47.42 -30.18
CA HIS A 317 10.43 -48.24 -29.55
C HIS A 317 10.18 -49.53 -30.37
N CYS A 318 10.17 -49.39 -31.68
CA CYS A 318 10.10 -50.56 -32.58
C CYS A 318 11.31 -51.47 -32.36
N ALA A 319 12.49 -50.88 -32.31
CA ALA A 319 13.73 -51.68 -32.00
C ALA A 319 13.62 -52.47 -30.68
N ASP A 320 12.91 -51.89 -29.74
CA ASP A 320 12.73 -52.42 -28.40
C ASP A 320 11.68 -53.54 -28.39
N LEU A 321 10.68 -53.44 -29.28
CA LEU A 321 9.62 -54.46 -29.48
C LEU A 321 9.83 -55.22 -30.79
N SER A 322 11.07 -55.54 -31.06
CA SER A 322 11.45 -56.14 -32.32
C SER A 322 11.63 -57.66 -32.24
N ASN A 323 11.73 -58.22 -31.04
CA ASN A 323 12.06 -59.64 -30.88
C ASN A 323 11.15 -60.59 -31.72
N PRO A 324 9.83 -60.33 -31.72
CA PRO A 324 8.91 -61.16 -32.50
C PRO A 324 9.07 -61.06 -34.02
N THR A 325 9.83 -60.06 -34.45
CA THR A 325 10.08 -59.82 -35.86
C THR A 325 11.38 -60.41 -36.34
N LYS A 326 12.06 -61.13 -35.44
CA LYS A 326 13.39 -61.68 -35.74
C LYS A 326 13.21 -63.11 -36.19
N PRO A 327 14.20 -63.64 -36.93
CA PRO A 327 14.20 -65.09 -37.14
C PRO A 327 13.91 -65.83 -35.83
N LEU A 328 13.13 -66.87 -36.02
CA LEU A 328 12.47 -67.58 -34.97
C LEU A 328 13.42 -68.13 -33.88
N GLN A 329 14.64 -68.50 -34.26
CA GLN A 329 15.60 -69.03 -33.28
C GLN A 329 16.09 -67.89 -32.35
N LEU A 330 16.09 -66.66 -32.85
CA LEU A 330 16.41 -65.50 -32.00
C LEU A 330 15.21 -65.20 -31.09
N TYR A 331 14.04 -65.08 -31.74
CA TYR A 331 12.76 -64.87 -31.08
C TYR A 331 12.52 -65.84 -29.90
N ARG A 332 12.72 -67.13 -30.12
CA ARG A 332 12.47 -68.08 -29.00
C ARG A 332 13.38 -67.89 -27.79
N GLN A 333 14.61 -67.43 -28.02
CA GLN A 333 15.57 -67.23 -26.93
C GLN A 333 15.17 -66.04 -26.07
N TRP A 334 14.78 -64.97 -26.75
CA TRP A 334 14.26 -63.75 -26.12
C TRP A 334 13.02 -64.08 -25.32
N THR A 335 12.11 -64.86 -25.89
CA THR A 335 10.91 -65.24 -25.17
C THR A 335 11.26 -66.03 -23.89
N ASP A 336 12.19 -66.96 -23.99
CA ASP A 336 12.62 -67.74 -22.79
C ASP A 336 13.22 -66.86 -21.68
N ARG A 337 13.99 -65.89 -22.14
CA ARG A 337 14.72 -65.04 -21.27
C ARG A 337 13.83 -64.08 -20.55
N ILE A 338 12.81 -63.59 -21.24
CA ILE A 338 11.88 -62.63 -20.63
C ILE A 338 10.97 -63.29 -19.63
N MET A 339 10.50 -64.49 -19.97
CA MET A 339 9.66 -65.28 -19.09
C MET A 339 10.38 -65.65 -17.81
N GLU A 340 11.67 -65.91 -17.92
CA GLU A 340 12.49 -66.21 -16.75
C GLU A 340 12.75 -64.95 -15.87
N GLU A 341 12.74 -63.78 -16.47
CA GLU A 341 12.84 -62.53 -15.73
C GLU A 341 11.50 -62.26 -15.04
N PHE A 342 10.42 -62.54 -15.75
CA PHE A 342 9.06 -62.35 -15.22
C PHE A 342 8.78 -63.31 -14.05
N PHE A 343 9.07 -64.59 -14.24
CA PHE A 343 8.95 -65.59 -13.16
C PHE A 343 9.83 -65.24 -11.94
N ARG A 344 11.00 -64.69 -12.19
CA ARG A 344 11.90 -64.23 -11.13
C ARG A 344 11.27 -63.12 -10.28
N GLN A 345 10.49 -62.24 -10.92
CA GLN A 345 9.79 -61.16 -10.21
C GLN A 345 8.65 -61.71 -9.38
N GLY A 346 7.87 -62.56 -10.03
CA GLY A 346 6.72 -63.18 -9.43
C GLY A 346 7.07 -64.02 -8.23
N ASP A 347 8.26 -64.59 -8.23
CA ASP A 347 8.80 -65.31 -7.06
C ASP A 347 8.95 -64.32 -5.90
N ARG A 348 9.47 -63.13 -6.21
CA ARG A 348 9.64 -62.09 -5.21
C ARG A 348 8.28 -61.68 -4.65
N GLU A 349 7.31 -61.57 -5.53
CA GLU A 349 5.96 -61.19 -5.15
C GLU A 349 5.34 -62.26 -4.25
N ARG A 350 5.72 -63.51 -4.49
CA ARG A 350 5.20 -64.63 -3.71
C ARG A 350 5.86 -64.68 -2.35
N GLU A 351 7.14 -64.35 -2.30
CA GLU A 351 7.88 -64.32 -1.02
C GLU A 351 7.39 -63.16 -0.13
N ARG A 352 6.85 -62.12 -0.75
CA ARG A 352 6.37 -60.93 -0.05
C ARG A 352 4.87 -61.01 0.25
N GLY A 353 4.27 -62.12 -0.12
CA GLY A 353 2.83 -62.32 0.07
C GLY A 353 1.96 -61.47 -0.84
N MET A 354 2.58 -60.86 -1.85
CA MET A 354 1.83 -60.01 -2.80
C MET A 354 1.12 -60.90 -3.79
N GLU A 355 0.10 -60.33 -4.42
CA GLU A 355 -0.57 -60.95 -5.56
C GLU A 355 0.43 -60.97 -6.74
N ILE A 356 0.70 -62.16 -7.24
CA ILE A 356 1.62 -62.32 -8.36
C ILE A 356 1.06 -61.65 -9.64
N SER A 357 1.91 -60.87 -10.29
CA SER A 357 1.52 -60.09 -11.49
C SER A 357 1.21 -61.02 -12.67
N PRO A 358 0.41 -60.55 -13.63
CA PRO A 358 0.16 -61.41 -14.79
C PRO A 358 1.42 -61.76 -15.58
N MET A 359 1.53 -63.03 -15.93
CA MET A 359 2.64 -63.60 -16.69
C MET A 359 3.89 -63.83 -15.86
N CYS A 360 3.75 -63.64 -14.55
CA CYS A 360 4.89 -63.80 -13.62
C CYS A 360 4.80 -65.03 -12.73
N ASP A 361 3.68 -65.73 -12.80
CA ASP A 361 3.47 -66.99 -12.08
C ASP A 361 3.89 -68.22 -12.91
N LYS A 362 5.08 -68.73 -12.60
CA LYS A 362 5.63 -69.91 -13.27
C LYS A 362 4.73 -71.14 -13.20
N HIS A 363 3.86 -71.19 -12.19
CA HIS A 363 2.96 -72.32 -11.99
C HIS A 363 1.67 -72.16 -12.80
N ASN A 364 1.58 -71.08 -13.58
CA ASN A 364 0.36 -70.74 -14.30
C ASN A 364 0.56 -69.70 -15.40
N ALA A 365 1.33 -70.08 -16.41
CA ALA A 365 1.69 -69.14 -17.50
C ALA A 365 1.53 -69.78 -18.87
N SER A 366 0.65 -69.19 -19.67
CA SER A 366 0.33 -69.71 -21.01
C SER A 366 1.15 -68.98 -22.06
N VAL A 367 2.33 -69.50 -22.29
CA VAL A 367 3.34 -68.72 -23.02
C VAL A 367 2.98 -68.51 -24.49
N GLU A 368 2.45 -69.55 -25.09
CA GLU A 368 2.18 -69.60 -26.54
C GLU A 368 1.08 -68.63 -26.82
N LYS A 369 0.02 -68.80 -26.06
CA LYS A 369 -1.14 -67.93 -26.17
C LYS A 369 -0.77 -66.47 -25.90
N SER A 370 0.13 -66.26 -24.94
CA SER A 370 0.55 -64.92 -24.56
C SER A 370 1.28 -64.23 -25.71
N GLN A 371 1.97 -65.00 -26.55
CA GLN A 371 2.74 -64.43 -27.65
C GLN A 371 1.84 -64.07 -28.81
N VAL A 372 0.78 -64.83 -29.00
CA VAL A 372 -0.14 -64.55 -30.09
C VAL A 372 -0.89 -63.27 -29.77
N GLY A 373 -1.19 -63.08 -28.50
CA GLY A 373 -1.84 -61.85 -28.01
C GLY A 373 -0.96 -60.60 -28.10
N PHE A 374 0.27 -60.78 -27.67
CA PHE A 374 1.28 -59.72 -27.69
C PHE A 374 1.51 -59.24 -29.12
N ILE A 375 1.61 -60.19 -30.04
CA ILE A 375 1.77 -59.84 -31.47
C ILE A 375 0.51 -59.18 -31.99
N ASP A 376 -0.62 -59.83 -31.76
CA ASP A 376 -1.91 -59.37 -32.32
C ASP A 376 -2.26 -57.95 -31.88
N TYR A 377 -2.05 -57.67 -30.60
CA TYR A 377 -2.56 -56.43 -30.00
C TYR A 377 -1.55 -55.32 -29.77
N ILE A 378 -0.27 -55.66 -29.88
CA ILE A 378 0.83 -54.73 -29.55
C ILE A 378 1.88 -54.63 -30.63
N VAL A 379 2.47 -55.78 -30.99
CA VAL A 379 3.63 -55.75 -31.89
C VAL A 379 3.24 -55.47 -33.34
N HIS A 380 2.25 -56.20 -33.82
CA HIS A 380 1.85 -56.10 -35.24
C HIS A 380 1.25 -54.75 -35.58
N PRO A 381 0.38 -54.21 -34.71
CA PRO A 381 -0.11 -52.86 -34.85
C PRO A 381 0.98 -51.81 -35.04
N LEU A 382 1.98 -51.89 -34.21
CA LEU A 382 3.11 -50.97 -34.23
C LEU A 382 3.87 -51.12 -35.53
N TRP A 383 4.29 -52.35 -35.77
CA TRP A 383 5.11 -52.66 -36.95
C TRP A 383 4.36 -52.47 -38.27
N GLU A 384 3.07 -52.67 -38.24
CA GLU A 384 2.24 -52.42 -39.43
C GLU A 384 2.17 -50.94 -39.80
N THR A 385 2.11 -50.09 -38.78
CA THR A 385 2.14 -48.64 -38.94
C THR A 385 3.54 -48.17 -39.35
N TRP A 386 4.57 -48.69 -38.70
CA TRP A 386 5.94 -48.39 -39.12
C TRP A 386 6.17 -48.76 -40.60
N ALA A 387 5.78 -49.96 -40.96
CA ALA A 387 5.85 -50.44 -42.35
C ALA A 387 5.13 -49.46 -43.33
N ASP A 388 4.00 -48.94 -42.90
CA ASP A 388 3.30 -47.93 -43.70
C ASP A 388 4.18 -46.72 -43.90
N LEU A 389 4.87 -46.33 -42.82
CA LEU A 389 5.65 -45.08 -42.85
C LEU A 389 6.85 -45.17 -43.79
N VAL A 390 7.46 -46.34 -43.85
CA VAL A 390 8.71 -46.51 -44.59
C VAL A 390 8.49 -47.35 -45.85
N HIS A 391 7.23 -47.51 -46.23
CA HIS A 391 6.83 -48.46 -47.31
C HIS A 391 7.78 -48.44 -48.51
N PRO A 392 8.30 -49.61 -48.95
CA PRO A 392 8.12 -50.99 -48.48
C PRO A 392 9.34 -51.55 -47.74
N ASP A 393 10.09 -50.68 -47.07
CA ASP A 393 11.39 -51.06 -46.52
C ASP A 393 11.30 -52.09 -45.39
N ALA A 394 10.14 -52.20 -44.76
CA ALA A 394 9.95 -53.07 -43.58
C ALA A 394 9.14 -54.33 -43.87
N GLN A 395 8.91 -54.65 -45.15
CA GLN A 395 7.99 -55.73 -45.53
C GLN A 395 8.48 -57.11 -45.10
N ASP A 396 9.75 -57.37 -45.34
CA ASP A 396 10.37 -58.64 -44.92
C ASP A 396 10.31 -58.80 -43.39
N ILE A 397 10.55 -57.70 -42.67
CA ILE A 397 10.42 -57.72 -41.19
C ILE A 397 9.01 -58.15 -40.81
N LEU A 398 8.05 -57.53 -41.47
CA LEU A 398 6.62 -57.73 -41.16
C LEU A 398 6.16 -59.14 -41.59
N ASP A 399 6.77 -59.67 -42.65
CA ASP A 399 6.49 -61.05 -43.09
C ASP A 399 7.00 -62.06 -42.06
N THR A 400 8.20 -61.81 -41.52
CA THR A 400 8.73 -62.68 -40.43
C THR A 400 7.85 -62.68 -39.19
N LEU A 401 7.38 -61.49 -38.82
CA LEU A 401 6.53 -61.35 -37.65
C LEU A 401 5.24 -62.15 -37.80
N GLU A 402 4.64 -62.09 -38.99
CA GLU A 402 3.40 -62.81 -39.27
C GLU A 402 3.60 -64.32 -39.28
N ASP A 403 4.74 -64.73 -39.81
CA ASP A 403 5.12 -66.15 -39.81
C ASP A 403 5.37 -66.64 -38.42
N ASN A 404 5.96 -65.78 -37.59
CA ASN A 404 6.28 -66.11 -36.21
C ASN A 404 5.01 -66.25 -35.39
N ARG A 405 4.07 -65.36 -35.67
CA ARG A 405 2.78 -65.37 -35.00
C ARG A 405 2.10 -66.71 -35.30
N GLU A 406 2.24 -67.09 -36.57
CA GLU A 406 1.63 -68.28 -37.14
C GLU A 406 2.20 -69.54 -36.48
N TRP A 407 3.50 -69.54 -36.24
CA TRP A 407 4.16 -70.64 -35.54
C TRP A 407 3.66 -70.82 -34.12
N TYR A 408 3.69 -69.75 -33.36
CA TYR A 408 3.24 -69.78 -31.95
C TYR A 408 1.78 -70.21 -31.85
N GLN A 409 0.98 -69.70 -32.76
CA GLN A 409 -0.43 -70.14 -32.88
C GLN A 409 -0.56 -71.69 -33.02
N SER A 410 0.30 -72.29 -33.85
CA SER A 410 0.23 -73.73 -34.15
C SER A 410 0.67 -74.58 -32.97
N THR A 411 1.16 -73.89 -31.96
CA THR A 411 1.87 -74.50 -30.87
C THR A 411 1.01 -74.39 -29.63
N ILE A 412 -0.10 -73.68 -29.76
CA ILE A 412 -1.02 -73.51 -28.62
C ILE A 412 -1.56 -74.86 -28.20
N PRO A 413 -1.31 -75.22 -26.93
CA PRO A 413 -1.66 -76.54 -26.40
C PRO A 413 -3.18 -76.78 -26.33
N GLN A 414 -3.55 -78.01 -26.63
CA GLN A 414 -4.95 -78.43 -26.63
C GLN A 414 -5.29 -79.55 -25.71
N ALA A 415 -6.50 -79.45 -25.20
CA ALA A 415 -7.15 -80.54 -24.50
C ALA A 415 -7.98 -81.41 -25.48
N ASN B 30 16.58 -6.39 -22.97
CA ASN B 30 15.86 -5.97 -21.72
C ASN B 30 15.78 -7.15 -20.76
N GLN B 31 16.31 -6.98 -19.55
CA GLN B 31 16.39 -8.12 -18.64
C GLN B 31 15.05 -8.52 -17.97
N VAL B 32 14.03 -7.68 -18.12
CA VAL B 32 12.72 -8.01 -17.58
C VAL B 32 12.08 -8.93 -18.60
N SER B 33 12.25 -8.56 -19.85
CA SER B 33 11.75 -9.34 -20.97
C SER B 33 12.35 -10.75 -20.92
N GLU B 34 13.66 -10.78 -20.80
CA GLU B 34 14.45 -12.01 -20.75
C GLU B 34 14.14 -12.90 -19.56
N PHE B 35 13.88 -12.26 -18.43
CA PHE B 35 13.54 -12.98 -17.23
C PHE B 35 12.28 -13.71 -17.48
N ILE B 36 11.33 -13.01 -18.09
CA ILE B 36 9.96 -13.55 -18.18
C ILE B 36 9.93 -14.70 -19.16
N SER B 37 10.70 -14.57 -20.23
CA SER B 37 10.62 -15.56 -21.27
C SER B 37 11.51 -16.75 -20.97
N ASN B 38 12.40 -16.62 -20.00
CA ASN B 38 13.27 -17.73 -19.68
C ASN B 38 12.86 -18.39 -18.39
N THR B 39 11.76 -17.91 -17.84
CA THR B 39 11.28 -18.39 -16.55
C THR B 39 9.91 -19.06 -16.61
N PHE B 40 9.00 -18.46 -17.37
CA PHE B 40 7.56 -18.82 -17.40
C PHE B 40 7.11 -19.51 -18.67
N LEU B 41 8.07 -19.76 -19.55
CA LEU B 41 7.78 -20.44 -20.81
C LEU B 41 8.54 -21.76 -20.92
N ASP B 42 8.09 -22.56 -21.87
CA ASP B 42 8.58 -23.92 -22.05
C ASP B 42 9.29 -24.08 -23.40
N ASP B 92 -0.04 -16.15 23.46
CA ASP B 92 -1.38 -15.56 23.50
C ASP B 92 -1.58 -14.56 22.36
N VAL B 93 -0.53 -13.77 22.11
CA VAL B 93 -0.49 -12.84 20.98
C VAL B 93 -0.54 -13.64 19.67
N LEU B 94 0.20 -14.74 19.66
CA LEU B 94 0.25 -15.66 18.51
C LEU B 94 -1.15 -16.15 18.18
N ALA B 95 -1.88 -16.56 19.21
CA ALA B 95 -3.22 -17.15 19.02
C ALA B 95 -4.20 -16.14 18.42
N LYS B 96 -4.01 -14.86 18.75
CA LYS B 96 -4.83 -13.77 18.20
C LYS B 96 -4.44 -13.48 16.76
N GLU B 97 -3.14 -13.44 16.49
CA GLU B 97 -2.64 -13.29 15.11
C GLU B 97 -3.18 -14.41 14.22
N LEU B 98 -3.17 -15.62 14.75
CA LEU B 98 -3.69 -16.81 14.05
C LEU B 98 -5.20 -16.81 13.81
N GLU B 99 -5.93 -15.93 14.50
CA GLU B 99 -7.38 -15.78 14.26
C GLU B 99 -7.69 -15.23 12.84
N ASP B 100 -6.68 -14.59 12.24
CA ASP B 100 -6.70 -14.11 10.83
C ASP B 100 -6.46 -15.21 9.77
N VAL B 101 -6.36 -16.45 10.22
CA VAL B 101 -5.94 -17.56 9.35
C VAL B 101 -6.81 -17.73 8.14
N ASN B 102 -8.01 -17.18 8.20
CA ASN B 102 -8.98 -17.24 7.10
C ASN B 102 -9.02 -15.98 6.25
N LYS B 103 -8.11 -15.06 6.53
CA LYS B 103 -8.04 -13.79 5.78
C LYS B 103 -6.87 -13.73 4.80
N TRP B 104 -7.12 -13.04 3.70
CA TRP B 104 -6.10 -12.75 2.69
C TRP B 104 -5.28 -11.60 3.20
N GLY B 105 -4.02 -11.87 3.52
CA GLY B 105 -3.18 -10.81 4.12
C GLY B 105 -2.84 -11.00 5.59
N LEU B 106 -2.94 -12.23 6.05
CA LEU B 106 -2.31 -12.66 7.32
C LEU B 106 -0.90 -12.07 7.52
N HIS B 107 -0.58 -11.76 8.77
CA HIS B 107 0.73 -11.18 9.13
C HIS B 107 1.70 -12.31 9.37
N VAL B 108 2.11 -12.90 8.26
CA VAL B 108 2.90 -14.13 8.29
C VAL B 108 4.34 -13.96 8.77
N PHE B 109 4.90 -12.79 8.50
CA PHE B 109 6.23 -12.45 9.04
C PHE B 109 6.17 -12.31 10.56
N ARG B 110 5.12 -11.65 11.06
CA ARG B 110 4.90 -11.60 12.52
C ARG B 110 4.69 -12.97 13.13
N ILE B 111 3.94 -13.82 12.43
CA ILE B 111 3.72 -15.19 12.90
C ILE B 111 5.04 -15.92 12.95
N ALA B 112 5.93 -15.63 12.00
CA ALA B 112 7.28 -16.22 12.00
C ALA B 112 8.05 -15.85 13.28
N GLU B 113 8.06 -14.54 13.54
CA GLU B 113 8.64 -13.93 14.76
C GLU B 113 8.04 -14.55 16.01
N LEU B 114 6.73 -14.44 16.12
CA LEU B 114 6.01 -14.89 17.35
C LEU B 114 6.22 -16.38 17.64
N SER B 115 6.35 -17.16 16.57
CA SER B 115 6.41 -18.63 16.70
C SER B 115 7.83 -19.14 16.95
N GLY B 116 8.79 -18.22 17.02
CA GLY B 116 10.20 -18.61 17.04
C GLY B 116 10.66 -19.34 15.77
N ASN B 117 10.27 -18.78 14.63
CA ASN B 117 10.69 -19.26 13.31
C ASN B 117 10.14 -20.65 13.04
N ARG B 118 8.85 -20.80 13.35
CA ARG B 118 8.05 -21.97 13.00
C ARG B 118 6.67 -21.62 12.41
N PRO B 119 6.68 -20.68 11.42
CA PRO B 119 5.47 -20.30 10.70
C PRO B 119 4.75 -21.47 10.03
N LEU B 120 5.50 -22.34 9.37
CA LEU B 120 4.87 -23.46 8.66
C LEU B 120 4.17 -24.45 9.63
N THR B 121 4.82 -24.76 10.74
CA THR B 121 4.22 -25.68 11.73
C THR B 121 2.90 -25.20 12.35
N VAL B 122 2.86 -23.96 12.82
CA VAL B 122 1.68 -23.46 13.57
C VAL B 122 0.54 -23.09 12.63
N ILE B 123 0.88 -22.59 11.43
CA ILE B 123 -0.14 -22.29 10.41
C ILE B 123 -0.80 -23.57 9.87
N MET B 124 0.02 -24.57 9.54
CA MET B 124 -0.52 -25.89 9.11
C MET B 124 -1.43 -26.51 10.19
N HIS B 125 -0.99 -26.41 11.44
CA HIS B 125 -1.71 -26.98 12.59
C HIS B 125 -3.01 -26.23 12.87
N THR B 126 -2.99 -24.92 12.69
CA THR B 126 -4.22 -24.14 12.84
C THR B 126 -5.23 -24.61 11.80
N ILE B 127 -4.76 -24.72 10.55
CA ILE B 127 -5.60 -25.08 9.40
C ILE B 127 -6.17 -26.50 9.50
N PHE B 128 -5.38 -27.41 10.04
CA PHE B 128 -5.78 -28.83 10.21
C PHE B 128 -6.82 -28.96 11.28
N GLN B 129 -6.65 -28.19 12.35
CA GLN B 129 -7.68 -28.08 13.39
C GLN B 129 -8.95 -27.46 12.81
N GLU B 130 -8.82 -26.33 12.11
CA GLU B 130 -9.98 -25.59 11.56
C GLU B 130 -10.81 -26.36 10.53
N ARG B 131 -10.18 -27.23 9.75
CA ARG B 131 -10.89 -28.04 8.74
C ARG B 131 -11.18 -29.48 9.23
N ASP B 132 -10.76 -29.74 10.47
CA ASP B 132 -11.09 -30.98 11.18
C ASP B 132 -10.44 -32.23 10.55
N LEU B 133 -9.24 -32.01 10.01
CA LEU B 133 -8.52 -33.03 9.21
C LEU B 133 -7.86 -34.10 10.07
N LEU B 134 -7.51 -33.72 11.29
CA LEU B 134 -6.96 -34.68 12.24
C LEU B 134 -7.95 -35.78 12.60
N LYS B 135 -9.22 -35.43 12.75
CA LYS B 135 -10.25 -36.39 13.10
C LYS B 135 -10.61 -37.17 11.87
N THR B 136 -10.92 -36.43 10.82
CA THR B 136 -11.35 -37.01 9.54
C THR B 136 -10.43 -38.11 9.06
N PHE B 137 -9.13 -37.83 9.08
CA PHE B 137 -8.11 -38.81 8.65
C PHE B 137 -7.37 -39.41 9.84
N LYS B 138 -7.97 -39.21 11.01
CA LYS B 138 -7.42 -39.68 12.28
C LYS B 138 -5.89 -39.62 12.32
N ILE B 139 -5.40 -38.40 12.36
CA ILE B 139 -3.97 -38.18 12.41
C ILE B 139 -3.60 -37.83 13.83
N PRO B 140 -2.76 -38.64 14.48
CA PRO B 140 -2.32 -38.29 15.83
C PRO B 140 -1.67 -36.93 15.82
N VAL B 141 -2.06 -36.09 16.76
CA VAL B 141 -1.62 -34.70 16.76
C VAL B 141 -0.11 -34.58 16.95
N ASP B 142 0.46 -35.49 17.73
CA ASP B 142 1.92 -35.56 17.94
C ASP B 142 2.68 -35.95 16.65
N THR B 143 2.03 -36.78 15.86
CA THR B 143 2.55 -37.20 14.56
C THR B 143 2.53 -36.04 13.56
N LEU B 144 1.45 -35.27 13.58
CA LEU B 144 1.36 -34.09 12.75
C LEU B 144 2.45 -33.09 13.10
N ILE B 145 2.60 -32.82 14.40
CA ILE B 145 3.60 -31.83 14.85
C ILE B 145 5.02 -32.29 14.53
N THR B 146 5.31 -33.56 14.82
CA THR B 146 6.65 -34.11 14.56
C THR B 146 6.99 -34.00 13.08
N TYR B 147 6.01 -34.30 12.24
CA TYR B 147 6.21 -34.19 10.81
C TYR B 147 6.45 -32.73 10.42
N LEU B 148 5.55 -31.87 10.87
CA LEU B 148 5.59 -30.46 10.45
C LEU B 148 6.95 -29.84 10.81
N MET B 149 7.52 -30.33 11.91
CA MET B 149 8.81 -29.85 12.40
C MET B 149 9.98 -30.30 11.53
N THR B 150 10.03 -31.59 11.19
CA THR B 150 11.10 -32.10 10.35
C THR B 150 11.08 -31.36 9.04
N LEU B 151 9.87 -31.30 8.48
CA LEU B 151 9.62 -30.64 7.22
C LEU B 151 10.10 -29.18 7.27
N GLU B 152 9.66 -28.47 8.30
CA GLU B 152 10.04 -27.08 8.45
C GLU B 152 11.55 -26.96 8.59
N ASP B 153 12.16 -27.93 9.27
CA ASP B 153 13.61 -27.99 9.41
C ASP B 153 14.37 -28.14 8.09
N HIS B 154 13.73 -28.72 7.07
CA HIS B 154 14.37 -29.02 5.77
C HIS B 154 14.22 -27.89 4.77
N TYR B 155 13.48 -26.83 5.14
CA TYR B 155 13.57 -25.56 4.38
C TYR B 155 14.78 -24.80 4.92
N HIS B 156 15.56 -24.22 4.02
CA HIS B 156 16.82 -23.55 4.37
C HIS B 156 16.58 -22.14 4.87
N ALA B 157 16.99 -21.88 6.10
CA ALA B 157 16.77 -20.56 6.72
C ALA B 157 17.67 -19.47 6.12
N ASP B 158 18.80 -19.88 5.54
CA ASP B 158 19.78 -18.96 4.89
C ASP B 158 19.37 -18.51 3.45
N VAL B 159 18.17 -18.91 3.04
CA VAL B 159 17.65 -18.55 1.74
C VAL B 159 16.52 -17.58 2.04
N ALA B 160 16.56 -16.44 1.36
CA ALA B 160 15.76 -15.28 1.70
C ALA B 160 14.30 -15.43 1.34
N TYR B 161 14.00 -16.10 0.22
CA TYR B 161 12.61 -16.25 -0.23
C TYR B 161 12.05 -17.67 -0.06
N HIS B 162 12.81 -18.65 -0.55
CA HIS B 162 12.30 -20.02 -0.61
C HIS B 162 12.62 -20.75 0.65
N ASN B 163 12.08 -20.17 1.71
CA ASN B 163 12.26 -20.64 3.06
C ASN B 163 10.87 -21.04 3.60
N ASN B 164 10.83 -21.33 4.90
CA ASN B 164 9.63 -21.87 5.56
C ASN B 164 8.53 -20.86 5.64
N ILE B 165 8.89 -19.59 5.51
CA ILE B 165 7.92 -18.52 5.61
C ILE B 165 7.10 -18.53 4.31
N HIS B 166 7.78 -18.63 3.20
CA HIS B 166 7.11 -18.75 1.92
C HIS B 166 6.19 -20.00 1.85
N ALA B 167 6.68 -21.12 2.36
CA ALA B 167 5.88 -22.35 2.43
C ALA B 167 4.58 -22.11 3.19
N ALA B 168 4.68 -21.44 4.34
CA ALA B 168 3.54 -21.17 5.26
C ALA B 168 2.55 -20.29 4.58
N ASP B 169 3.07 -19.32 3.84
CA ASP B 169 2.31 -18.32 3.06
C ASP B 169 1.50 -18.93 1.92
N VAL B 170 2.08 -19.88 1.19
CA VAL B 170 1.37 -20.54 0.07
C VAL B 170 0.34 -21.51 0.64
N VAL B 171 0.70 -22.16 1.73
CA VAL B 171 -0.21 -23.05 2.42
C VAL B 171 -1.49 -22.30 2.80
N GLN B 172 -1.29 -21.19 3.50
CA GLN B 172 -2.39 -20.36 4.00
C GLN B 172 -3.20 -19.72 2.90
N SER B 173 -2.49 -19.24 1.88
CA SER B 173 -3.12 -18.64 0.70
C SER B 173 -4.00 -19.69 0.01
N THR B 174 -3.54 -20.93 0.00
CA THR B 174 -4.28 -22.03 -0.61
C THR B 174 -5.52 -22.28 0.20
N HIS B 175 -5.34 -22.22 1.51
CA HIS B 175 -6.41 -22.45 2.45
C HIS B 175 -7.57 -21.46 2.19
N VAL B 176 -7.22 -20.21 1.88
CA VAL B 176 -8.22 -19.15 1.66
C VAL B 176 -8.86 -19.38 0.31
N LEU B 177 -8.06 -19.80 -0.67
CA LEU B 177 -8.56 -20.01 -2.05
C LEU B 177 -9.56 -21.14 -2.11
N LEU B 178 -9.34 -22.13 -1.25
CA LEU B 178 -10.20 -23.29 -1.13
C LEU B 178 -11.62 -22.89 -0.66
N SER B 179 -11.69 -21.94 0.27
CA SER B 179 -12.95 -21.55 0.92
C SER B 179 -13.75 -20.49 0.15
N THR B 180 -13.33 -20.20 -1.06
CA THR B 180 -14.07 -19.26 -1.91
C THR B 180 -15.46 -19.87 -2.26
N PRO B 181 -16.52 -19.03 -2.35
CA PRO B 181 -17.89 -19.57 -2.49
C PRO B 181 -18.15 -20.37 -3.77
N ALA B 182 -17.53 -20.00 -4.88
CA ALA B 182 -17.74 -20.72 -6.14
C ALA B 182 -17.26 -22.16 -6.03
N LEU B 183 -16.53 -22.44 -4.96
CA LEU B 183 -15.90 -23.75 -4.73
C LEU B 183 -16.51 -24.45 -3.51
N GLU B 184 -17.62 -23.87 -3.03
CA GLU B 184 -18.39 -24.44 -1.89
C GLU B 184 -18.84 -25.87 -2.15
N ALA B 185 -18.35 -26.75 -1.30
CA ALA B 185 -18.63 -28.19 -1.33
C ALA B 185 -18.18 -28.87 -2.61
N VAL B 186 -17.32 -28.18 -3.37
CA VAL B 186 -16.85 -28.72 -4.66
C VAL B 186 -15.85 -29.82 -4.43
N PHE B 187 -14.98 -29.64 -3.46
CA PHE B 187 -13.87 -30.57 -3.21
C PHE B 187 -14.04 -31.39 -1.94
N THR B 188 -13.64 -32.64 -2.08
CA THR B 188 -13.65 -33.59 -0.98
C THR B 188 -12.57 -33.22 0.02
N ASP B 189 -12.67 -33.81 1.20
CA ASP B 189 -11.69 -33.61 2.27
C ASP B 189 -10.29 -34.11 1.88
N LEU B 190 -10.25 -35.12 0.99
CA LEU B 190 -8.97 -35.73 0.56
C LEU B 190 -8.27 -34.85 -0.47
N GLU B 191 -9.07 -34.27 -1.35
CA GLU B 191 -8.61 -33.23 -2.27
C GLU B 191 -8.13 -31.96 -1.55
N ILE B 192 -8.83 -31.58 -0.48
CA ILE B 192 -8.40 -30.45 0.36
C ILE B 192 -7.07 -30.81 1.02
N LEU B 193 -6.95 -32.03 1.52
CA LEU B 193 -5.72 -32.46 2.21
C LEU B 193 -4.50 -32.49 1.24
N ALA B 194 -4.78 -32.83 -0.03
CA ALA B 194 -3.74 -32.92 -1.06
C ALA B 194 -3.20 -31.56 -1.43
N ALA B 195 -4.10 -30.60 -1.57
CA ALA B 195 -3.74 -29.23 -1.98
C ALA B 195 -3.01 -28.47 -0.86
N ILE B 196 -3.36 -28.78 0.39
CA ILE B 196 -2.72 -28.15 1.55
C ILE B 196 -1.35 -28.79 1.77
N PHE B 197 -1.28 -30.11 1.66
CA PHE B 197 0.00 -30.84 1.81
C PHE B 197 0.99 -30.50 0.68
N ALA B 198 0.44 -30.42 -0.54
CA ALA B 198 1.16 -29.99 -1.74
C ALA B 198 1.89 -28.66 -1.50
N SER B 199 1.12 -27.70 -1.04
CA SER B 199 1.60 -26.36 -0.71
C SER B 199 2.70 -26.36 0.35
N ALA B 200 2.49 -27.14 1.38
CA ALA B 200 3.49 -27.30 2.47
C ALA B 200 4.87 -27.75 1.99
N ILE B 201 4.90 -28.72 1.11
CA ILE B 201 6.15 -29.38 0.75
C ILE B 201 6.74 -28.84 -0.54
N HIS B 202 6.10 -27.86 -1.15
CA HIS B 202 6.30 -27.59 -2.59
C HIS B 202 7.63 -26.93 -2.91
N ASP B 203 8.33 -26.43 -1.86
CA ASP B 203 9.68 -25.84 -2.06
C ASP B 203 10.70 -26.38 -1.06
N VAL B 204 10.39 -27.54 -0.48
CA VAL B 204 11.25 -28.05 0.57
C VAL B 204 12.68 -28.36 0.06
N ASP B 205 13.66 -27.85 0.80
CA ASP B 205 15.06 -28.09 0.53
C ASP B 205 15.48 -27.35 -0.74
N HIS B 206 14.82 -26.23 -0.99
CA HIS B 206 15.17 -25.35 -2.11
C HIS B 206 16.53 -24.75 -1.80
N PRO B 207 17.50 -24.88 -2.74
CA PRO B 207 18.84 -24.42 -2.46
C PRO B 207 19.07 -22.96 -2.79
N GLY B 208 18.05 -22.29 -3.32
CA GLY B 208 18.09 -20.84 -3.59
C GLY B 208 18.49 -20.50 -5.02
N VAL B 209 18.55 -21.53 -5.86
CA VAL B 209 18.91 -21.36 -7.26
C VAL B 209 17.84 -21.95 -8.15
N SER B 210 17.76 -21.45 -9.38
CA SER B 210 16.76 -21.91 -10.35
C SER B 210 17.16 -23.25 -10.95
N ASN B 211 16.17 -23.85 -11.61
CA ASN B 211 16.32 -25.10 -12.36
C ASN B 211 17.38 -24.91 -13.44
N GLN B 212 17.30 -23.78 -14.12
CA GLN B 212 18.26 -23.42 -15.20
C GLN B 212 19.68 -23.28 -14.70
N PHE B 213 19.86 -22.77 -13.50
CA PHE B 213 21.19 -22.71 -12.86
C PHE B 213 21.76 -24.10 -12.57
N LEU B 214 20.90 -24.95 -12.04
CA LEU B 214 21.21 -26.36 -11.78
C LEU B 214 21.53 -27.09 -13.07
N ILE B 215 20.79 -26.78 -14.13
CA ILE B 215 21.02 -27.35 -15.45
C ILE B 215 22.37 -26.84 -16.02
N ASN B 216 22.55 -25.52 -16.00
CA ASN B 216 23.73 -24.89 -16.61
C ASN B 216 25.07 -25.15 -15.87
N THR B 217 24.98 -25.64 -14.63
CA THR B 217 26.17 -25.94 -13.84
C THR B 217 26.41 -27.42 -13.77
N ASN B 218 25.64 -28.15 -14.56
CA ASN B 218 25.74 -29.60 -14.64
C ASN B 218 25.67 -30.26 -13.27
N SER B 219 24.68 -29.87 -12.48
CA SER B 219 24.53 -30.37 -11.11
C SER B 219 24.03 -31.81 -11.02
N GLU B 220 24.39 -32.42 -9.91
CA GLU B 220 23.93 -33.75 -9.51
C GLU B 220 22.38 -33.91 -9.64
N LEU B 221 21.65 -32.90 -9.19
CA LEU B 221 20.19 -32.92 -9.23
C LEU B 221 19.69 -32.85 -10.67
N ALA B 222 20.31 -31.98 -11.48
CA ALA B 222 19.92 -31.89 -12.89
C ALA B 222 20.15 -33.23 -13.65
N LEU B 223 21.22 -33.90 -13.25
CA LEU B 223 21.58 -35.21 -13.81
C LEU B 223 20.59 -36.27 -13.40
N MET B 224 20.20 -36.25 -12.14
CA MET B 224 19.25 -37.21 -11.54
C MET B 224 17.92 -37.17 -12.25
N TYR B 225 17.45 -35.97 -12.58
CA TYR B 225 16.09 -35.79 -13.07
C TYR B 225 16.02 -35.14 -14.42
N ASN B 226 17.09 -35.08 -15.20
CA ASN B 226 17.13 -35.44 -16.61
C ASN B 226 16.57 -34.09 -17.13
N ASP B 227 16.95 -33.02 -16.39
CA ASP B 227 16.56 -31.61 -16.62
C ASP B 227 15.06 -31.27 -16.64
N SER B 228 14.21 -32.15 -16.12
CA SER B 228 12.76 -31.88 -16.20
C SER B 228 12.23 -31.67 -14.79
N SER B 229 11.76 -30.44 -14.55
CA SER B 229 11.20 -30.02 -13.26
C SER B 229 12.09 -30.56 -12.18
N VAL B 230 13.33 -30.15 -12.28
CA VAL B 230 14.38 -30.72 -11.46
C VAL B 230 14.11 -30.49 -9.99
N LEU B 231 13.84 -29.23 -9.63
CA LEU B 231 13.62 -28.91 -8.23
C LEU B 231 12.27 -29.45 -7.77
N GLU B 232 11.28 -29.33 -8.64
CA GLU B 232 9.91 -29.70 -8.27
C GLU B 232 9.83 -31.20 -7.95
N ASN B 233 10.50 -32.02 -8.77
CA ASN B 233 10.71 -33.43 -8.44
C ASN B 233 11.41 -33.68 -7.10
N HIS B 234 12.43 -32.89 -6.84
CA HIS B 234 13.21 -33.04 -5.60
C HIS B 234 12.37 -32.69 -4.37
N HIS B 235 11.54 -31.67 -4.53
CA HIS B 235 10.64 -31.19 -3.46
C HIS B 235 9.67 -32.31 -3.04
N LEU B 236 9.04 -32.90 -4.04
CA LEU B 236 8.15 -34.06 -3.84
C LEU B 236 8.85 -35.20 -3.12
N ALA B 237 10.02 -35.53 -3.60
CA ALA B 237 10.78 -36.66 -3.08
C ALA B 237 11.15 -36.42 -1.62
N VAL B 238 11.69 -35.25 -1.32
CA VAL B 238 12.07 -34.94 0.06
C VAL B 238 10.85 -34.99 0.98
N GLY B 239 9.71 -34.56 0.46
CA GLY B 239 8.50 -34.41 1.26
C GLY B 239 7.81 -35.71 1.61
N PHE B 240 7.78 -36.62 0.66
CA PHE B 240 7.25 -37.97 0.92
C PHE B 240 8.27 -38.82 1.70
N LYS B 241 9.55 -38.51 1.52
CA LYS B 241 10.60 -39.22 2.24
C LYS B 241 10.57 -38.95 3.76
N LEU B 242 10.16 -37.74 4.11
CA LEU B 242 10.10 -37.37 5.53
C LEU B 242 9.01 -38.14 6.27
N LEU B 243 8.00 -38.60 5.54
CA LEU B 243 6.90 -39.36 6.17
C LEU B 243 7.41 -40.67 6.76
N GLN B 244 8.66 -41.00 6.46
CA GLN B 244 9.23 -42.29 6.83
C GLN B 244 9.98 -42.22 8.13
N GLU B 245 10.13 -41.01 8.63
CA GLU B 245 10.82 -40.81 9.88
C GLU B 245 9.99 -41.24 11.07
N GLU B 246 10.70 -41.45 12.17
CA GLU B 246 10.09 -41.94 13.41
C GLU B 246 8.96 -41.01 13.84
N ASN B 247 7.77 -41.58 13.89
CA ASN B 247 6.55 -40.87 14.27
C ASN B 247 6.28 -39.64 13.39
N CYS B 248 6.40 -39.85 12.09
CA CYS B 248 6.20 -38.79 11.10
C CYS B 248 5.21 -39.11 10.00
N ASP B 249 4.64 -40.32 10.00
CA ASP B 249 3.70 -40.74 8.94
C ASP B 249 2.28 -40.25 9.22
N ILE B 250 2.04 -39.02 8.80
CA ILE B 250 0.77 -38.37 9.01
C ILE B 250 -0.35 -39.02 8.21
N PHE B 251 -0.02 -39.94 7.29
CA PHE B 251 -1.03 -40.68 6.50
C PHE B 251 -1.14 -42.15 6.90
N GLN B 252 -0.60 -42.51 8.05
CA GLN B 252 -0.53 -43.93 8.46
C GLN B 252 -1.88 -44.66 8.53
N ASN B 253 -2.96 -43.91 8.81
CA ASN B 253 -4.33 -44.46 8.91
C ASN B 253 -5.27 -44.06 7.76
N LEU B 254 -4.70 -43.54 6.70
CA LEU B 254 -5.44 -43.38 5.44
C LEU B 254 -5.59 -44.76 4.86
N THR B 255 -6.64 -44.95 4.07
CA THR B 255 -6.85 -46.26 3.42
C THR B 255 -5.91 -46.39 2.22
N LYS B 256 -5.84 -47.59 1.68
CA LYS B 256 -4.95 -47.87 0.54
C LYS B 256 -5.28 -46.93 -0.62
N LYS B 257 -6.55 -46.89 -1.00
CA LYS B 257 -7.03 -46.08 -2.14
C LYS B 257 -6.88 -44.59 -1.90
N GLN B 258 -7.05 -44.20 -0.65
CA GLN B 258 -6.90 -42.80 -0.24
C GLN B 258 -5.46 -42.36 -0.43
N ARG B 259 -4.53 -43.26 -0.08
CA ARG B 259 -3.11 -42.96 -0.10
C ARG B 259 -2.66 -42.75 -1.54
N GLN B 260 -3.04 -43.69 -2.40
CA GLN B 260 -2.63 -43.73 -3.79
C GLN B 260 -3.14 -42.47 -4.45
N SER B 261 -4.37 -42.16 -4.07
CA SER B 261 -5.07 -41.02 -4.64
C SER B 261 -4.42 -39.71 -4.20
N LEU B 262 -4.12 -39.63 -2.92
CA LEU B 262 -3.49 -38.47 -2.34
C LEU B 262 -2.10 -38.24 -2.97
N ARG B 263 -1.33 -39.32 -3.00
CA ARG B 263 0.00 -39.25 -3.58
C ARG B 263 -0.10 -38.76 -5.03
N LYS B 264 -1.01 -39.35 -5.78
CA LYS B 264 -1.16 -38.97 -7.17
C LYS B 264 -1.48 -37.48 -7.34
N MET B 265 -2.43 -37.00 -6.55
CA MET B 265 -2.86 -35.60 -6.63
C MET B 265 -1.73 -34.62 -6.28
N VAL B 266 -0.96 -34.96 -5.26
CA VAL B 266 0.12 -34.10 -4.75
C VAL B 266 1.26 -34.00 -5.76
N ILE B 267 1.62 -35.14 -6.33
CA ILE B 267 2.58 -35.13 -7.41
C ILE B 267 2.11 -34.20 -8.53
N ASP B 268 0.88 -34.37 -8.99
CA ASP B 268 0.38 -33.53 -10.09
C ASP B 268 0.41 -32.02 -9.76
N ILE B 269 0.12 -31.67 -8.51
CA ILE B 269 0.02 -30.26 -8.13
C ILE B 269 1.41 -29.62 -8.01
N VAL B 270 2.34 -30.33 -7.38
CA VAL B 270 3.68 -29.75 -7.19
C VAL B 270 4.43 -29.61 -8.53
N LEU B 271 4.34 -30.62 -9.40
CA LEU B 271 4.90 -30.49 -10.76
C LEU B 271 4.34 -29.28 -11.48
N ALA B 272 3.06 -29.02 -11.27
CA ALA B 272 2.41 -27.81 -11.83
C ALA B 272 2.95 -26.48 -11.27
N THR B 273 3.82 -26.52 -10.28
CA THR B 273 4.35 -25.28 -9.67
C THR B 273 5.67 -24.86 -10.33
N ASP B 274 6.11 -25.71 -11.25
CA ASP B 274 7.23 -25.40 -12.12
C ASP B 274 6.80 -24.20 -12.97
N MET B 275 7.52 -23.09 -12.79
CA MET B 275 7.13 -21.83 -13.36
C MET B 275 7.17 -21.88 -14.89
N SER B 276 8.04 -22.73 -15.45
CA SER B 276 8.13 -22.87 -16.91
C SER B 276 6.86 -23.44 -17.55
N LYS B 277 5.99 -24.06 -16.75
CA LYS B 277 4.67 -24.57 -17.20
C LYS B 277 3.57 -23.51 -17.14
N HIS B 278 3.92 -22.33 -16.64
CA HIS B 278 2.95 -21.26 -16.41
C HIS B 278 2.07 -21.01 -17.61
N MET B 279 2.70 -20.73 -18.73
CA MET B 279 1.95 -20.41 -19.95
C MET B 279 0.95 -21.53 -20.30
N ASN B 280 1.43 -22.76 -20.31
CA ASN B 280 0.60 -23.92 -20.68
C ASN B 280 -0.59 -24.09 -19.72
N LEU B 281 -0.28 -23.96 -18.44
CA LEU B 281 -1.25 -24.09 -17.35
C LEU B 281 -2.35 -23.01 -17.48
N LEU B 282 -1.93 -21.77 -17.68
CA LEU B 282 -2.86 -20.65 -17.95
C LEU B 282 -3.60 -20.83 -19.29
N ALA B 283 -2.91 -21.31 -20.32
CA ALA B 283 -3.54 -21.60 -21.61
C ALA B 283 -4.75 -22.50 -21.35
N ASP B 284 -4.46 -23.66 -20.78
CA ASP B 284 -5.49 -24.64 -20.46
C ASP B 284 -6.62 -24.05 -19.62
N LEU B 285 -6.30 -23.16 -18.70
CA LEU B 285 -7.27 -22.63 -17.73
C LEU B 285 -8.28 -21.67 -18.37
N LYS B 286 -7.85 -20.98 -19.42
CA LYS B 286 -8.74 -20.16 -20.24
C LYS B 286 -9.77 -21.02 -20.97
N THR B 287 -9.28 -22.13 -21.49
CA THR B 287 -10.09 -23.11 -22.20
C THR B 287 -11.15 -23.71 -21.30
N MET B 288 -10.84 -23.78 -20.01
CA MET B 288 -11.75 -24.33 -19.00
C MET B 288 -12.82 -23.33 -18.60
N VAL B 289 -12.51 -22.05 -18.75
CA VAL B 289 -13.46 -21.00 -18.37
C VAL B 289 -14.39 -20.72 -19.56
N GLU B 290 -13.86 -20.87 -20.76
CA GLU B 290 -14.66 -20.82 -21.99
C GLU B 290 -15.87 -21.72 -21.82
N THR B 291 -15.61 -22.89 -21.28
CA THR B 291 -16.61 -23.94 -21.19
C THR B 291 -17.10 -24.12 -19.75
N LYS B 292 -17.06 -23.05 -18.99
CA LYS B 292 -17.39 -23.10 -17.56
C LYS B 292 -18.81 -23.62 -17.38
N LYS B 293 -19.01 -24.40 -16.32
CA LYS B 293 -20.36 -24.84 -15.94
C LYS B 293 -20.59 -24.65 -14.45
N VAL B 294 -21.70 -24.02 -14.11
CA VAL B 294 -22.10 -23.85 -12.71
C VAL B 294 -23.44 -24.54 -12.40
N THR B 295 -23.56 -24.95 -11.15
CA THR B 295 -24.74 -25.64 -10.64
C THR B 295 -25.84 -24.60 -10.48
N SER B 296 -27.06 -25.06 -10.20
CA SER B 296 -28.15 -24.15 -9.87
C SER B 296 -27.77 -23.39 -8.59
N SER B 297 -27.14 -24.11 -7.66
CA SER B 297 -26.65 -23.52 -6.40
C SER B 297 -25.57 -22.47 -6.64
N GLY B 298 -25.16 -22.32 -7.90
CA GLY B 298 -24.19 -21.28 -8.31
C GLY B 298 -22.74 -21.67 -8.13
N VAL B 299 -22.54 -22.93 -7.82
CA VAL B 299 -21.21 -23.47 -7.52
C VAL B 299 -20.61 -24.01 -8.80
N LEU B 300 -19.29 -24.14 -8.82
CA LEU B 300 -18.60 -24.62 -10.00
C LEU B 300 -18.80 -26.10 -10.14
N LEU B 301 -19.18 -26.52 -11.33
CA LEU B 301 -19.33 -27.95 -11.62
C LEU B 301 -18.11 -28.51 -12.31
N LEU B 302 -17.51 -29.51 -11.67
CA LEU B 302 -16.37 -30.23 -12.22
C LEU B 302 -16.66 -31.73 -12.27
N ASP B 303 -16.87 -32.23 -13.47
CA ASP B 303 -17.44 -33.55 -13.73
C ASP B 303 -16.43 -34.70 -13.74
N ASN B 304 -15.16 -34.38 -13.61
CA ASN B 304 -14.09 -35.39 -13.87
C ASN B 304 -12.77 -35.07 -13.21
N TYR B 305 -11.87 -36.05 -13.19
CA TYR B 305 -10.60 -35.88 -12.48
C TYR B 305 -9.69 -34.85 -13.12
N SER B 306 -9.76 -34.74 -14.43
CA SER B 306 -8.88 -33.85 -15.17
C SER B 306 -9.17 -32.39 -14.82
N ASP B 307 -10.44 -32.04 -14.77
CA ASP B 307 -10.84 -30.66 -14.49
C ASP B 307 -10.65 -30.33 -13.02
N ARG B 308 -10.86 -31.34 -12.19
CA ARG B 308 -10.71 -31.22 -10.74
C ARG B 308 -9.27 -30.95 -10.38
N ILE B 309 -8.38 -31.79 -10.88
CA ILE B 309 -6.94 -31.57 -10.68
C ILE B 309 -6.44 -30.28 -11.30
N GLN B 310 -6.99 -29.93 -12.46
CA GLN B 310 -6.52 -28.76 -13.20
C GLN B 310 -6.81 -27.51 -12.41
N VAL B 311 -7.97 -27.52 -11.76
CA VAL B 311 -8.40 -26.44 -10.88
C VAL B 311 -7.52 -26.34 -9.63
N LEU B 312 -7.15 -27.48 -9.05
CA LEU B 312 -6.26 -27.48 -7.85
C LEU B 312 -4.82 -27.07 -8.19
N GLN B 313 -4.38 -27.48 -9.37
CA GLN B 313 -3.06 -27.13 -9.87
C GLN B 313 -2.97 -25.60 -10.04
N ASN B 314 -3.99 -25.05 -10.66
CA ASN B 314 -4.02 -23.62 -10.95
C ASN B 314 -4.16 -22.82 -9.68
N MET B 315 -4.85 -23.39 -8.70
CA MET B 315 -5.05 -22.76 -7.40
C MET B 315 -3.72 -22.58 -6.66
N VAL B 316 -2.94 -23.65 -6.58
CA VAL B 316 -1.66 -23.64 -5.86
C VAL B 316 -0.61 -22.77 -6.60
N HIS B 317 -0.73 -22.74 -7.91
CA HIS B 317 0.10 -21.90 -8.79
C HIS B 317 -0.24 -20.45 -8.58
N CYS B 318 -1.51 -20.17 -8.38
CA CYS B 318 -1.98 -18.84 -7.95
C CYS B 318 -1.50 -18.43 -6.57
N ALA B 319 -1.53 -19.38 -5.66
CA ALA B 319 -1.02 -19.18 -4.30
C ALA B 319 0.47 -18.87 -4.37
N ASP B 320 1.19 -19.66 -5.14
CA ASP B 320 2.63 -19.52 -5.36
C ASP B 320 2.96 -18.12 -5.97
N LEU B 321 2.06 -17.63 -6.82
CA LEU B 321 2.17 -16.32 -7.46
C LEU B 321 1.20 -15.31 -6.84
N SER B 322 0.99 -15.41 -5.54
CA SER B 322 0.05 -14.51 -4.84
C SER B 322 0.71 -13.24 -4.24
N ASN B 323 2.04 -13.18 -4.22
CA ASN B 323 2.72 -12.04 -3.51
C ASN B 323 2.21 -10.65 -3.96
N PRO B 324 2.07 -10.42 -5.27
CA PRO B 324 1.64 -9.11 -5.73
C PRO B 324 0.21 -8.72 -5.40
N THR B 325 -0.55 -9.66 -4.86
CA THR B 325 -2.00 -9.47 -4.60
C THR B 325 -2.32 -9.23 -3.14
N LYS B 326 -1.30 -9.33 -2.31
CA LYS B 326 -1.42 -9.06 -0.88
C LYS B 326 -1.22 -7.57 -0.58
N PRO B 327 -1.64 -7.13 0.61
CA PRO B 327 -1.30 -5.77 1.05
C PRO B 327 0.14 -5.45 0.78
N LEU B 328 0.35 -4.25 0.26
CA LEU B 328 1.66 -3.77 -0.18
C LEU B 328 2.76 -4.03 0.84
N GLN B 329 2.42 -3.95 2.12
CA GLN B 329 3.39 -4.11 3.22
C GLN B 329 4.10 -5.45 3.08
N LEU B 330 3.28 -6.46 2.86
CA LEU B 330 3.75 -7.83 2.63
C LEU B 330 4.52 -7.96 1.32
N TYR B 331 3.93 -7.41 0.25
CA TYR B 331 4.46 -7.50 -1.12
C TYR B 331 5.85 -6.95 -1.23
N ARG B 332 6.05 -5.80 -0.60
CA ARG B 332 7.35 -5.10 -0.61
C ARG B 332 8.45 -5.93 0.05
N GLN B 333 8.09 -6.70 1.06
CA GLN B 333 9.04 -7.53 1.80
C GLN B 333 9.38 -8.80 0.98
N TRP B 334 8.38 -9.37 0.37
CA TRP B 334 8.55 -10.51 -0.52
C TRP B 334 9.40 -10.12 -1.69
N THR B 335 9.17 -8.92 -2.22
CA THR B 335 10.00 -8.39 -3.33
C THR B 335 11.47 -8.24 -2.93
N ASP B 336 11.69 -7.68 -1.75
CA ASP B 336 13.04 -7.51 -1.22
C ASP B 336 13.72 -8.85 -1.06
N ARG B 337 13.02 -9.79 -0.44
CA ARG B 337 13.56 -11.15 -0.19
C ARG B 337 13.89 -11.95 -1.47
N ILE B 338 13.03 -11.89 -2.48
CA ILE B 338 13.28 -12.64 -3.71
C ILE B 338 14.44 -11.98 -4.49
N MET B 339 14.58 -10.67 -4.38
CA MET B 339 15.67 -9.95 -5.08
C MET B 339 17.01 -10.30 -4.43
N GLU B 340 17.02 -10.27 -3.09
CA GLU B 340 18.16 -10.73 -2.32
C GLU B 340 18.58 -12.16 -2.76
N GLU B 341 17.64 -13.08 -2.84
CA GLU B 341 17.92 -14.49 -3.27
C GLU B 341 18.51 -14.61 -4.68
N PHE B 342 17.94 -13.85 -5.61
CA PHE B 342 18.43 -13.80 -6.97
C PHE B 342 19.84 -13.25 -7.06
N PHE B 343 20.11 -12.19 -6.30
CA PHE B 343 21.41 -11.57 -6.28
C PHE B 343 22.44 -12.53 -5.74
N ARG B 344 22.06 -13.39 -4.81
CA ARG B 344 23.01 -14.42 -4.33
C ARG B 344 23.28 -15.45 -5.44
N GLN B 345 22.23 -15.79 -6.20
CA GLN B 345 22.40 -16.71 -7.32
C GLN B 345 23.40 -16.07 -8.26
N GLY B 346 23.26 -14.77 -8.40
CA GLY B 346 24.05 -13.96 -9.33
C GLY B 346 25.49 -13.80 -8.92
N ASP B 347 25.71 -13.75 -7.61
CA ASP B 347 27.06 -13.77 -7.04
C ASP B 347 27.73 -15.15 -7.26
N ARG B 348 26.97 -16.23 -7.13
CA ARG B 348 27.50 -17.58 -7.32
C ARG B 348 27.97 -17.76 -8.76
N GLU B 349 27.24 -17.12 -9.66
CA GLU B 349 27.40 -17.28 -11.11
C GLU B 349 28.61 -16.51 -11.58
N ARG B 350 28.78 -15.38 -10.92
CA ARG B 350 29.85 -14.43 -11.24
C ARG B 350 31.15 -15.07 -10.84
N GLU B 351 31.16 -15.63 -9.63
CA GLU B 351 32.33 -16.32 -9.07
C GLU B 351 32.73 -17.62 -9.78
N ARG B 352 31.84 -18.11 -10.63
CA ARG B 352 32.02 -19.38 -11.39
C ARG B 352 32.41 -19.11 -12.83
N GLY B 353 32.55 -17.85 -13.16
CA GLY B 353 32.82 -17.42 -14.53
C GLY B 353 31.67 -17.59 -15.47
N MET B 354 30.47 -17.67 -14.90
CA MET B 354 29.24 -17.70 -15.73
C MET B 354 28.70 -16.33 -16.00
N GLU B 355 27.96 -16.25 -17.08
CA GLU B 355 27.11 -15.10 -17.33
C GLU B 355 25.97 -15.00 -16.33
N ILE B 356 25.76 -13.78 -15.87
CA ILE B 356 24.76 -13.47 -14.86
C ILE B 356 23.38 -13.39 -15.49
N SER B 357 22.47 -14.14 -14.89
CA SER B 357 21.11 -14.26 -15.37
C SER B 357 20.36 -12.96 -15.18
N PRO B 358 19.33 -12.73 -16.02
CA PRO B 358 18.44 -11.57 -15.87
C PRO B 358 17.93 -11.42 -14.44
N MET B 359 17.99 -10.19 -13.93
CA MET B 359 17.50 -9.83 -12.59
C MET B 359 18.38 -10.33 -11.45
N CYS B 360 19.54 -10.92 -11.78
CA CYS B 360 20.41 -11.52 -10.75
C CYS B 360 21.65 -10.73 -10.45
N ASP B 361 21.82 -9.62 -11.13
CA ASP B 361 23.00 -8.76 -10.98
C ASP B 361 22.67 -7.58 -10.08
N LYS B 362 23.27 -7.58 -8.90
CA LYS B 362 23.04 -6.52 -7.91
C LYS B 362 23.58 -5.13 -8.35
N HIS B 363 24.43 -5.10 -9.36
CA HIS B 363 25.06 -3.86 -9.83
C HIS B 363 24.26 -3.24 -10.94
N ASN B 364 23.21 -3.92 -11.34
CA ASN B 364 22.35 -3.49 -12.45
C ASN B 364 21.00 -4.21 -12.42
N ALA B 365 20.05 -3.60 -11.74
CA ALA B 365 18.72 -4.15 -11.48
C ALA B 365 17.65 -3.06 -11.45
N SER B 366 16.58 -3.25 -12.22
CA SER B 366 15.43 -2.32 -12.19
C SER B 366 14.24 -2.96 -11.53
N VAL B 367 14.20 -2.86 -10.21
CA VAL B 367 13.21 -3.64 -9.44
C VAL B 367 11.77 -3.27 -9.74
N GLU B 368 11.51 -1.96 -9.74
CA GLU B 368 10.17 -1.41 -9.96
C GLU B 368 9.62 -1.83 -11.30
N LYS B 369 10.39 -1.52 -12.33
CA LYS B 369 10.05 -1.94 -13.69
C LYS B 369 9.71 -3.44 -13.82
N SER B 370 10.52 -4.27 -13.19
CA SER B 370 10.36 -5.71 -13.32
C SER B 370 9.04 -6.15 -12.67
N GLN B 371 8.62 -5.44 -11.64
CA GLN B 371 7.35 -5.74 -10.99
C GLN B 371 6.19 -5.34 -11.87
N VAL B 372 6.34 -4.24 -12.59
CA VAL B 372 5.26 -3.81 -13.50
C VAL B 372 5.12 -4.84 -14.65
N GLY B 373 6.24 -5.31 -15.17
CA GLY B 373 6.26 -6.35 -16.22
C GLY B 373 5.77 -7.72 -15.76
N PHE B 374 6.13 -8.07 -14.51
CA PHE B 374 5.69 -9.29 -13.84
C PHE B 374 4.15 -9.31 -13.69
N ILE B 375 3.61 -8.21 -13.24
CA ILE B 375 2.16 -8.11 -13.10
C ILE B 375 1.44 -8.08 -14.47
N ASP B 376 1.96 -7.27 -15.38
CA ASP B 376 1.28 -7.00 -16.65
C ASP B 376 1.26 -8.23 -17.54
N TYR B 377 2.34 -9.02 -17.49
CA TYR B 377 2.49 -10.16 -18.39
C TYR B 377 2.30 -11.50 -17.74
N ILE B 378 2.41 -11.59 -16.43
CA ILE B 378 2.22 -12.89 -15.75
C ILE B 378 1.12 -12.94 -14.67
N VAL B 379 1.29 -12.17 -13.62
CA VAL B 379 0.39 -12.25 -12.46
C VAL B 379 -1.04 -11.73 -12.73
N HIS B 380 -1.16 -10.63 -13.46
CA HIS B 380 -2.49 -10.13 -13.83
C HIS B 380 -3.28 -11.06 -14.80
N PRO B 381 -2.68 -11.47 -15.93
CA PRO B 381 -3.39 -12.43 -16.81
C PRO B 381 -3.87 -13.69 -16.06
N LEU B 382 -3.09 -14.11 -15.06
CA LEU B 382 -3.36 -15.31 -14.27
C LEU B 382 -4.56 -15.09 -13.36
N TRP B 383 -4.45 -14.08 -12.49
CA TRP B 383 -5.49 -13.79 -11.51
C TRP B 383 -6.76 -13.27 -12.17
N GLU B 384 -6.58 -12.73 -13.36
CA GLU B 384 -7.69 -12.34 -14.19
C GLU B 384 -8.54 -13.57 -14.55
N THR B 385 -7.87 -14.66 -14.94
CA THR B 385 -8.55 -15.90 -15.37
C THR B 385 -9.11 -16.71 -14.19
N TRP B 386 -8.44 -16.62 -13.07
CA TRP B 386 -8.96 -17.19 -11.83
C TRP B 386 -10.25 -16.46 -11.45
N ALA B 387 -10.17 -15.13 -11.47
CA ALA B 387 -11.34 -14.23 -11.19
C ALA B 387 -12.60 -14.56 -12.01
N ASP B 388 -12.36 -14.95 -13.26
CA ASP B 388 -13.46 -15.41 -14.12
C ASP B 388 -14.07 -16.64 -13.52
N LEU B 389 -13.21 -17.64 -13.33
CA LEU B 389 -13.61 -18.96 -12.85
C LEU B 389 -14.48 -18.91 -11.59
N VAL B 390 -14.13 -18.03 -10.66
CA VAL B 390 -14.79 -17.94 -9.35
C VAL B 390 -15.62 -16.67 -9.23
N HIS B 391 -16.00 -16.11 -10.38
CA HIS B 391 -16.68 -14.80 -10.42
C HIS B 391 -17.81 -14.77 -9.37
N PRO B 392 -17.85 -13.71 -8.54
CA PRO B 392 -17.00 -12.53 -8.45
C PRO B 392 -16.14 -12.54 -7.20
N ASP B 393 -15.89 -13.74 -6.68
CA ASP B 393 -15.22 -13.92 -5.37
C ASP B 393 -13.79 -13.34 -5.30
N ALA B 394 -13.18 -13.13 -6.46
CA ALA B 394 -11.76 -12.78 -6.54
C ALA B 394 -11.52 -11.28 -6.69
N GLN B 395 -12.60 -10.51 -6.65
CA GLN B 395 -12.56 -9.08 -7.03
C GLN B 395 -11.65 -8.27 -6.14
N ASP B 396 -11.70 -8.57 -4.84
CA ASP B 396 -10.91 -7.80 -3.85
C ASP B 396 -9.41 -8.06 -4.02
N ILE B 397 -9.06 -9.27 -4.45
CA ILE B 397 -7.67 -9.65 -4.78
C ILE B 397 -7.17 -8.90 -6.00
N LEU B 398 -8.02 -8.86 -7.00
CA LEU B 398 -7.72 -8.23 -8.29
C LEU B 398 -7.51 -6.73 -8.10
N ASP B 399 -8.31 -6.15 -7.21
CA ASP B 399 -8.23 -4.71 -6.93
C ASP B 399 -6.95 -4.38 -6.19
N THR B 400 -6.62 -5.22 -5.21
CA THR B 400 -5.32 -5.07 -4.52
C THR B 400 -4.16 -5.13 -5.52
N LEU B 401 -4.18 -6.15 -6.39
CA LEU B 401 -3.13 -6.34 -7.38
C LEU B 401 -2.94 -5.10 -8.26
N GLU B 402 -4.04 -4.40 -8.51
CA GLU B 402 -4.02 -3.28 -9.46
C GLU B 402 -3.47 -2.04 -8.79
N ASP B 403 -3.72 -1.93 -7.50
CA ASP B 403 -3.20 -0.80 -6.75
C ASP B 403 -1.74 -0.96 -6.54
N ASN B 404 -1.36 -2.22 -6.33
CA ASN B 404 0.05 -2.60 -6.15
C ASN B 404 0.85 -2.36 -7.42
N ARG B 405 0.20 -2.63 -8.54
CA ARG B 405 0.81 -2.36 -9.84
C ARG B 405 1.10 -0.89 -10.04
N GLU B 406 0.20 -0.04 -9.55
CA GLU B 406 0.34 1.43 -9.67
C GLU B 406 1.43 1.97 -8.74
N TRP B 407 1.56 1.36 -7.57
CA TRP B 407 2.62 1.75 -6.65
C TRP B 407 4.01 1.60 -7.29
N TYR B 408 4.23 0.48 -7.98
CA TYR B 408 5.52 0.21 -8.65
C TYR B 408 5.75 1.09 -9.87
N GLN B 409 4.72 1.24 -10.69
CA GLN B 409 4.78 2.14 -11.86
C GLN B 409 5.13 3.58 -11.43
N SER B 410 4.49 4.03 -10.35
CA SER B 410 4.70 5.38 -9.82
C SER B 410 6.08 5.52 -9.16
N THR B 411 6.68 4.39 -8.90
CA THR B 411 7.90 4.30 -8.11
C THR B 411 9.14 4.08 -8.97
N ILE B 412 8.89 3.91 -10.27
CA ILE B 412 9.94 3.74 -11.24
C ILE B 412 10.73 5.05 -11.25
N PRO B 413 12.03 5.00 -10.90
CA PRO B 413 12.83 6.22 -10.94
C PRO B 413 13.06 6.56 -12.37
N GLN B 414 12.63 7.75 -12.75
CA GLN B 414 12.51 8.09 -14.18
C GLN B 414 13.56 9.12 -14.60
N ASN C 30 16.36 24.52 1.08
CA ASN C 30 16.15 25.92 0.57
C ASN C 30 14.68 26.23 0.27
N GLN C 31 14.17 25.67 -0.82
CA GLN C 31 12.71 25.71 -1.06
C GLN C 31 12.02 25.06 0.12
N VAL C 32 12.60 23.97 0.60
CA VAL C 32 12.12 23.27 1.80
C VAL C 32 12.17 24.19 3.02
N SER C 33 13.34 24.80 3.21
CA SER C 33 13.58 25.76 4.29
C SER C 33 12.58 26.89 4.24
N GLU C 34 12.32 27.38 3.03
CA GLU C 34 11.44 28.54 2.83
C GLU C 34 9.99 28.15 2.97
N PHE C 35 9.63 26.97 2.50
CA PHE C 35 8.25 26.54 2.56
C PHE C 35 7.90 26.47 4.02
N ILE C 36 8.73 25.72 4.66
CA ILE C 36 8.54 25.53 6.07
C ILE C 36 8.60 26.82 6.85
N SER C 37 9.59 27.61 6.55
CA SER C 37 9.61 28.86 7.22
C SER C 37 8.27 29.62 7.08
N ASN C 38 7.71 29.64 5.89
CA ASN C 38 6.53 30.46 5.60
C ASN C 38 5.18 29.76 5.84
N THR C 39 5.22 28.56 6.41
CA THR C 39 3.98 27.75 6.56
C THR C 39 3.66 27.49 8.01
N PHE C 40 4.67 27.05 8.73
CA PHE C 40 4.50 26.59 10.07
C PHE C 40 4.96 27.55 11.14
N LEU C 41 5.21 28.80 10.77
CA LEU C 41 5.69 29.84 11.73
C LEU C 41 4.77 31.05 11.80
N ASP C 42 4.79 31.61 13.00
CA ASP C 42 4.03 32.79 13.42
C ASP C 42 4.92 34.05 13.31
N GLU C 91 -21.96 -1.85 -1.26
CA GLU C 91 -23.01 -1.68 -0.25
C GLU C 91 -22.76 -2.63 0.92
N ASP C 92 -22.76 -3.90 0.56
CA ASP C 92 -22.30 -4.99 1.41
C ASP C 92 -20.78 -4.89 1.49
N VAL C 93 -20.18 -4.45 0.39
CA VAL C 93 -18.74 -4.24 0.28
C VAL C 93 -18.28 -3.03 1.12
N LEU C 94 -19.00 -1.93 0.96
CA LEU C 94 -18.76 -0.65 1.66
C LEU C 94 -18.80 -0.87 3.17
N ALA C 95 -19.79 -1.62 3.61
CA ALA C 95 -20.01 -1.88 5.05
C ALA C 95 -18.91 -2.77 5.65
N LYS C 96 -18.40 -3.68 4.83
CA LYS C 96 -17.26 -4.55 5.20
C LYS C 96 -15.98 -3.75 5.27
N GLU C 97 -15.86 -2.75 4.40
CA GLU C 97 -14.72 -1.82 4.44
C GLU C 97 -14.80 -0.90 5.67
N LEU C 98 -15.99 -0.43 6.00
CA LEU C 98 -16.21 0.42 7.18
C LEU C 98 -15.94 -0.31 8.50
N GLU C 99 -15.76 -1.63 8.43
CA GLU C 99 -15.28 -2.42 9.58
C GLU C 99 -13.84 -2.07 9.96
N ASP C 100 -13.19 -1.23 9.18
CA ASP C 100 -11.83 -0.77 9.53
C ASP C 100 -11.80 0.64 10.11
N VAL C 101 -12.96 1.11 10.55
CA VAL C 101 -13.12 2.50 10.98
C VAL C 101 -12.25 2.85 12.22
N ASN C 102 -11.93 1.83 13.02
CA ASN C 102 -11.13 2.01 14.26
C ASN C 102 -9.64 1.77 14.03
N LYS C 103 -9.27 1.59 12.76
CA LYS C 103 -7.89 1.29 12.41
C LYS C 103 -7.25 2.45 11.70
N TRP C 104 -6.05 2.77 12.18
CA TRP C 104 -5.13 3.69 11.52
C TRP C 104 -4.83 3.09 10.17
N GLY C 105 -5.04 3.82 9.10
CA GLY C 105 -4.75 3.18 7.77
C GLY C 105 -5.97 2.57 7.07
N LEU C 106 -7.14 3.04 7.48
CA LEU C 106 -8.36 2.88 6.71
C LEU C 106 -8.09 3.29 5.25
N HIS C 107 -8.60 2.45 4.36
CA HIS C 107 -8.49 2.64 2.92
C HIS C 107 -9.53 3.68 2.55
N VAL C 108 -9.21 4.92 2.84
CA VAL C 108 -10.18 6.02 2.76
C VAL C 108 -10.55 6.35 1.30
N PHE C 109 -9.62 6.09 0.40
CA PHE C 109 -9.84 6.25 -1.04
C PHE C 109 -10.80 5.18 -1.63
N ARG C 110 -10.73 3.96 -1.10
CA ARG C 110 -11.72 2.91 -1.40
C ARG C 110 -13.12 3.28 -0.91
N ILE C 111 -13.23 3.74 0.33
CA ILE C 111 -14.53 4.16 0.88
C ILE C 111 -15.14 5.29 0.03
N ALA C 112 -14.28 6.08 -0.58
CA ALA C 112 -14.70 7.21 -1.41
C ALA C 112 -15.31 6.69 -2.73
N GLU C 113 -14.67 5.67 -3.30
CA GLU C 113 -15.19 5.00 -4.48
C GLU C 113 -16.49 4.26 -4.16
N LEU C 114 -16.42 3.42 -3.13
CA LEU C 114 -17.53 2.53 -2.80
C LEU C 114 -18.77 3.25 -2.34
N SER C 115 -18.68 4.57 -2.16
CA SER C 115 -19.79 5.33 -1.54
C SER C 115 -20.33 6.44 -2.44
N GLY C 116 -19.88 6.45 -3.69
CA GLY C 116 -20.28 7.48 -4.64
C GLY C 116 -19.75 8.84 -4.22
N ASN C 117 -18.52 8.81 -3.71
CA ASN C 117 -17.81 10.01 -3.25
C ASN C 117 -18.54 10.68 -2.07
N ARG C 118 -18.93 9.85 -1.12
CA ARG C 118 -19.52 10.34 0.14
C ARG C 118 -18.80 9.79 1.34
N PRO C 119 -17.46 9.90 1.38
CA PRO C 119 -16.74 9.31 2.50
C PRO C 119 -16.95 10.05 3.78
N LEU C 120 -17.09 11.35 3.70
CA LEU C 120 -17.30 12.12 4.90
C LEU C 120 -18.59 11.68 5.60
N THR C 121 -19.68 11.63 4.85
CA THR C 121 -21.02 11.22 5.33
C THR C 121 -21.06 9.82 5.91
N VAL C 122 -20.44 8.88 5.21
CA VAL C 122 -20.52 7.46 5.64
C VAL C 122 -19.57 7.20 6.82
N ILE C 123 -18.40 7.81 6.79
CA ILE C 123 -17.45 7.71 7.92
C ILE C 123 -18.03 8.41 9.14
N MET C 124 -18.53 9.62 8.93
CA MET C 124 -19.15 10.36 10.06
C MET C 124 -20.30 9.55 10.68
N HIS C 125 -21.21 9.10 9.85
CA HIS C 125 -22.37 8.30 10.31
C HIS C 125 -21.95 7.04 11.08
N THR C 126 -20.93 6.34 10.59
CA THR C 126 -20.40 5.15 11.31
C THR C 126 -19.89 5.47 12.72
N ILE C 127 -19.15 6.57 12.80
CA ILE C 127 -18.51 7.01 14.08
C ILE C 127 -19.59 7.37 15.12
N PHE C 128 -20.61 8.11 14.66
CA PHE C 128 -21.69 8.56 15.56
C PHE C 128 -22.47 7.36 16.08
N GLN C 129 -22.68 6.38 15.21
CA GLN C 129 -23.32 5.10 15.60
C GLN C 129 -22.43 4.38 16.62
N GLU C 130 -21.16 4.26 16.29
CA GLU C 130 -20.22 3.49 17.13
C GLU C 130 -20.04 4.15 18.49
N ARG C 131 -20.10 5.47 18.54
CA ARG C 131 -19.93 6.25 19.79
C ARG C 131 -21.25 6.64 20.45
N ASP C 132 -22.33 6.16 19.88
CA ASP C 132 -23.66 6.34 20.45
C ASP C 132 -24.07 7.81 20.61
N LEU C 133 -23.51 8.63 19.73
CA LEU C 133 -23.70 10.10 19.79
C LEU C 133 -25.14 10.52 19.45
N LEU C 134 -25.84 9.74 18.63
CA LEU C 134 -27.23 10.04 18.27
C LEU C 134 -28.15 9.89 19.48
N LYS C 135 -27.95 8.84 20.25
CA LYS C 135 -28.76 8.54 21.43
C LYS C 135 -28.44 9.50 22.57
N THR C 136 -27.16 9.80 22.76
CA THR C 136 -26.69 10.69 23.84
C THR C 136 -27.12 12.14 23.68
N PHE C 137 -27.12 12.62 22.44
CA PHE C 137 -27.40 14.01 22.17
C PHE C 137 -28.71 14.19 21.42
N LYS C 138 -29.46 13.08 21.40
CA LYS C 138 -30.77 12.98 20.75
C LYS C 138 -30.78 13.57 19.36
N ILE C 139 -29.79 13.14 18.58
CA ILE C 139 -29.68 13.59 17.18
C ILE C 139 -30.52 12.67 16.32
N PRO C 140 -31.58 13.20 15.69
CA PRO C 140 -32.26 12.37 14.71
C PRO C 140 -31.34 12.02 13.55
N VAL C 141 -31.29 10.75 13.24
CA VAL C 141 -30.41 10.22 12.18
C VAL C 141 -30.61 10.90 10.81
N ASP C 142 -31.85 11.26 10.53
CA ASP C 142 -32.21 11.98 9.30
C ASP C 142 -31.61 13.40 9.30
N THR C 143 -31.66 14.05 10.46
CA THR C 143 -31.02 15.34 10.64
C THR C 143 -29.53 15.19 10.41
N LEU C 144 -28.92 14.18 11.01
CA LEU C 144 -27.49 13.93 10.83
C LEU C 144 -27.09 13.70 9.36
N ILE C 145 -27.83 12.85 8.68
CA ILE C 145 -27.55 12.56 7.26
C ILE C 145 -27.72 13.82 6.41
N THR C 146 -28.75 14.61 6.67
CA THR C 146 -28.97 15.84 5.88
C THR C 146 -27.87 16.86 6.08
N TYR C 147 -27.42 17.02 7.34
CA TYR C 147 -26.32 17.97 7.62
C TYR C 147 -25.00 17.51 6.96
N LEU C 148 -24.66 16.25 7.14
CA LEU C 148 -23.45 15.67 6.53
C LEU C 148 -23.43 15.73 5.01
N MET C 149 -24.55 15.41 4.37
CA MET C 149 -24.61 15.51 2.89
C MET C 149 -24.42 16.94 2.43
N THR C 150 -24.95 17.90 3.19
CA THR C 150 -24.85 19.33 2.87
C THR C 150 -23.44 19.89 3.09
N LEU C 151 -22.83 19.46 4.18
CA LEU C 151 -21.46 19.80 4.53
C LEU C 151 -20.50 19.30 3.49
N GLU C 152 -20.63 18.03 3.19
CA GLU C 152 -19.86 17.37 2.15
C GLU C 152 -19.96 18.06 0.78
N ASP C 153 -21.15 18.58 0.49
CA ASP C 153 -21.40 19.30 -0.77
C ASP C 153 -20.65 20.63 -0.79
N HIS C 154 -20.19 21.09 0.36
CA HIS C 154 -19.52 22.38 0.40
C HIS C 154 -18.04 22.25 0.41
N TYR C 155 -17.56 21.02 0.16
CA TYR C 155 -16.12 20.76 -0.08
C TYR C 155 -15.99 20.68 -1.58
N HIS C 156 -15.00 21.36 -2.13
CA HIS C 156 -14.88 21.53 -3.60
C HIS C 156 -14.47 20.25 -4.33
N ALA C 157 -15.35 19.84 -5.23
CA ALA C 157 -15.10 18.80 -6.22
C ALA C 157 -13.68 18.85 -6.81
N ASP C 158 -13.47 19.87 -7.65
CA ASP C 158 -12.19 20.17 -8.33
C ASP C 158 -10.88 20.15 -7.49
N VAL C 159 -10.94 20.57 -6.24
CA VAL C 159 -9.73 20.76 -5.42
C VAL C 159 -9.08 19.43 -5.08
N ALA C 160 -7.75 19.38 -5.24
CA ALA C 160 -6.98 18.14 -5.32
C ALA C 160 -6.70 17.46 -3.97
N TYR C 161 -6.50 18.30 -2.97
CA TYR C 161 -6.20 17.81 -1.63
C TYR C 161 -7.33 18.14 -0.61
N HIS C 162 -7.70 19.41 -0.52
CA HIS C 162 -8.62 19.91 0.53
C HIS C 162 -10.05 19.73 0.13
N ASN C 163 -10.42 18.47 0.02
CA ASN C 163 -11.76 18.12 -0.35
C ASN C 163 -12.35 17.17 0.67
N ASN C 164 -13.50 16.60 0.34
CA ASN C 164 -14.26 15.77 1.30
C ASN C 164 -13.51 14.53 1.77
N ILE C 165 -12.61 14.00 0.93
CA ILE C 165 -11.81 12.81 1.29
C ILE C 165 -10.79 13.12 2.38
N HIS C 166 -10.16 14.29 2.28
CA HIS C 166 -9.25 14.78 3.31
C HIS C 166 -10.02 15.01 4.60
N ALA C 167 -11.15 15.72 4.50
CA ALA C 167 -12.05 15.91 5.65
C ALA C 167 -12.40 14.62 6.39
N ALA C 168 -12.72 13.59 5.60
CA ALA C 168 -13.11 12.27 6.10
C ALA C 168 -11.93 11.61 6.76
N ASP C 169 -10.77 11.82 6.15
CA ASP C 169 -9.50 11.30 6.65
C ASP C 169 -9.15 11.84 8.03
N VAL C 170 -9.30 13.14 8.18
CA VAL C 170 -9.04 13.81 9.47
C VAL C 170 -10.07 13.38 10.52
N VAL C 171 -11.33 13.27 10.11
CA VAL C 171 -12.38 12.84 11.07
C VAL C 171 -12.01 11.45 11.64
N GLN C 172 -11.61 10.57 10.75
CA GLN C 172 -11.41 9.17 11.12
C GLN C 172 -10.18 9.03 12.00
N SER C 173 -9.17 9.86 11.69
CA SER C 173 -7.90 9.84 12.38
C SER C 173 -8.07 10.37 13.83
N THR C 174 -8.85 11.42 13.96
CA THR C 174 -9.24 11.97 15.28
C THR C 174 -9.97 10.89 16.08
N HIS C 175 -10.91 10.23 15.41
CA HIS C 175 -11.67 9.12 15.97
C HIS C 175 -10.78 8.02 16.59
N VAL C 176 -9.70 7.66 15.89
CA VAL C 176 -8.77 6.63 16.35
C VAL C 176 -7.93 7.19 17.51
N LEU C 177 -7.47 8.43 17.39
CA LEU C 177 -6.66 9.07 18.46
C LEU C 177 -7.43 9.30 19.76
N LEU C 178 -8.71 9.55 19.66
CA LEU C 178 -9.60 9.66 20.83
C LEU C 178 -9.79 8.35 21.61
N SER C 179 -9.44 7.23 21.00
CA SER C 179 -9.70 5.87 21.58
C SER C 179 -8.46 5.28 22.21
N THR C 180 -7.37 5.97 22.00
CA THR C 180 -6.09 5.62 22.62
C THR C 180 -6.27 5.41 24.14
N PRO C 181 -5.70 4.30 24.68
CA PRO C 181 -5.74 3.98 26.13
C PRO C 181 -5.37 5.08 27.12
N ALA C 182 -4.31 5.84 26.83
CA ALA C 182 -3.88 6.88 27.77
C ALA C 182 -4.98 7.93 27.99
N LEU C 183 -5.94 7.97 27.06
CA LEU C 183 -7.02 8.95 27.11
C LEU C 183 -8.37 8.35 27.51
N GLU C 184 -8.36 7.10 27.98
CA GLU C 184 -9.62 6.39 28.33
C GLU C 184 -10.40 7.09 29.43
N ALA C 185 -11.65 7.43 29.12
CA ALA C 185 -12.60 8.05 30.08
C ALA C 185 -12.23 9.48 30.47
N VAL C 186 -11.23 10.04 29.82
CA VAL C 186 -10.76 11.39 30.11
C VAL C 186 -11.71 12.45 29.62
N PHE C 187 -12.18 12.32 28.38
CA PHE C 187 -13.06 13.36 27.77
C PHE C 187 -14.52 13.05 27.88
N THR C 188 -15.32 14.09 28.03
CA THR C 188 -16.79 13.95 28.05
C THR C 188 -17.26 13.68 26.63
N ASP C 189 -18.53 13.35 26.49
CA ASP C 189 -19.09 13.04 25.18
C ASP C 189 -19.25 14.32 24.35
N LEU C 190 -19.39 15.42 25.06
CA LEU C 190 -19.54 16.76 24.46
C LEU C 190 -18.20 17.19 23.86
N GLU C 191 -17.14 16.94 24.59
CA GLU C 191 -15.79 17.19 24.08
C GLU C 191 -15.52 16.26 22.89
N ILE C 192 -15.93 15.01 23.00
CA ILE C 192 -15.73 14.06 21.90
C ILE C 192 -16.51 14.57 20.67
N LEU C 193 -17.71 15.07 20.93
CA LEU C 193 -18.57 15.58 19.85
C LEU C 193 -17.92 16.79 19.22
N ALA C 194 -17.30 17.60 20.06
CA ALA C 194 -16.59 18.78 19.62
C ALA C 194 -15.39 18.45 18.71
N ALA C 195 -14.55 17.51 19.10
CA ALA C 195 -13.33 17.21 18.29
C ALA C 195 -13.69 16.65 16.91
N ILE C 196 -14.71 15.80 16.86
CA ILE C 196 -15.15 15.12 15.61
C ILE C 196 -15.88 16.05 14.63
N PHE C 197 -16.75 16.90 15.17
CA PHE C 197 -17.41 17.94 14.38
C PHE C 197 -16.38 18.93 13.81
N ALA C 198 -15.46 19.34 14.68
CA ALA C 198 -14.37 20.24 14.31
C ALA C 198 -13.54 19.67 13.13
N SER C 199 -13.17 18.41 13.27
CA SER C 199 -12.49 17.68 12.20
C SER C 199 -13.23 17.67 10.86
N ALA C 200 -14.54 17.46 10.95
CA ALA C 200 -15.46 17.40 9.78
C ALA C 200 -15.56 18.72 9.00
N ILE C 201 -15.61 19.83 9.72
CA ILE C 201 -15.79 21.16 9.07
C ILE C 201 -14.49 21.93 8.87
N HIS C 202 -13.38 21.38 9.35
CA HIS C 202 -12.12 22.14 9.52
C HIS C 202 -11.52 22.70 8.25
N ASP C 203 -11.90 22.15 7.10
CA ASP C 203 -11.44 22.67 5.77
C ASP C 203 -12.58 22.94 4.75
N VAL C 204 -13.80 23.11 5.24
CA VAL C 204 -14.97 23.23 4.36
C VAL C 204 -14.88 24.49 3.53
N ASP C 205 -15.28 24.40 2.28
CA ASP C 205 -15.22 25.51 1.34
C ASP C 205 -13.80 25.99 1.05
N HIS C 206 -12.84 25.10 1.14
CA HIS C 206 -11.43 25.49 0.87
C HIS C 206 -11.30 25.78 -0.61
N PRO C 207 -10.67 26.94 -1.00
CA PRO C 207 -10.52 27.27 -2.44
C PRO C 207 -9.36 26.57 -3.11
N GLY C 208 -8.48 25.98 -2.32
CA GLY C 208 -7.31 25.29 -2.86
C GLY C 208 -6.11 26.21 -3.00
N VAL C 209 -6.11 27.26 -2.20
CA VAL C 209 -4.99 28.21 -2.14
C VAL C 209 -4.73 28.54 -0.67
N SER C 210 -3.49 28.87 -0.38
CA SER C 210 -3.08 29.21 0.99
C SER C 210 -3.64 30.54 1.50
N ASN C 211 -3.53 30.75 2.80
CA ASN C 211 -3.81 32.07 3.43
C ASN C 211 -2.92 33.19 2.87
N GLN C 212 -1.64 32.90 2.65
CA GLN C 212 -0.71 33.91 2.11
C GLN C 212 -1.12 34.28 0.68
N PHE C 213 -1.44 33.29 -0.16
CA PHE C 213 -1.97 33.60 -1.50
C PHE C 213 -3.15 34.56 -1.51
N LEU C 214 -4.05 34.32 -0.57
CA LEU C 214 -5.24 35.15 -0.37
C LEU C 214 -4.88 36.56 0.13
N ILE C 215 -3.90 36.64 1.01
CA ILE C 215 -3.41 37.96 1.51
C ILE C 215 -2.64 38.70 0.39
N ASN C 216 -1.89 37.96 -0.43
CA ASN C 216 -1.08 38.50 -1.51
C ASN C 216 -1.87 38.96 -2.69
N THR C 217 -3.06 38.42 -2.82
CA THR C 217 -3.89 38.72 -3.97
C THR C 217 -4.93 39.73 -3.61
N ASN C 218 -4.87 40.27 -2.40
CA ASN C 218 -5.89 41.23 -1.93
C ASN C 218 -7.32 40.71 -2.06
N SER C 219 -7.53 39.49 -1.63
CA SER C 219 -8.84 38.85 -1.70
C SER C 219 -9.84 39.46 -0.69
N GLU C 220 -11.13 39.30 -1.01
CA GLU C 220 -12.21 39.74 -0.14
C GLU C 220 -12.15 39.07 1.22
N LEU C 221 -11.79 37.79 1.22
CA LEU C 221 -11.72 36.99 2.47
C LEU C 221 -10.64 37.49 3.44
N ALA C 222 -9.45 37.80 2.92
CA ALA C 222 -8.35 38.38 3.73
C ALA C 222 -8.70 39.73 4.32
N LEU C 223 -9.33 40.56 3.51
CA LEU C 223 -9.86 41.86 3.96
C LEU C 223 -10.87 41.67 5.12
N MET C 224 -11.84 40.82 4.89
CA MET C 224 -12.89 40.45 5.85
C MET C 224 -12.32 40.04 7.20
N TYR C 225 -11.29 39.21 7.18
CA TYR C 225 -10.76 38.64 8.42
C TYR C 225 -9.34 38.99 8.71
N ASN C 226 -8.76 40.00 8.08
CA ASN C 226 -8.06 41.13 8.66
C ASN C 226 -6.67 40.43 8.69
N ASP C 227 -6.45 39.61 7.67
CA ASP C 227 -5.24 38.77 7.48
C ASP C 227 -5.02 37.70 8.53
N SER C 228 -5.97 37.50 9.46
CA SER C 228 -5.76 36.52 10.55
C SER C 228 -6.54 35.23 10.36
N SER C 229 -5.80 34.13 10.26
CA SER C 229 -6.39 32.82 10.11
C SER C 229 -7.58 32.89 9.20
N VAL C 230 -7.33 33.53 8.07
CA VAL C 230 -8.36 33.86 7.10
C VAL C 230 -9.23 32.65 6.71
N LEU C 231 -8.59 31.57 6.33
CA LEU C 231 -9.35 30.41 5.83
C LEU C 231 -10.04 29.66 6.97
N GLU C 232 -9.37 29.59 8.11
CA GLU C 232 -9.85 28.80 9.24
C GLU C 232 -11.08 29.47 9.89
N ASN C 233 -11.08 30.79 9.88
CA ASN C 233 -12.27 31.56 10.21
C ASN C 233 -13.43 31.28 9.26
N HIS C 234 -13.11 31.27 7.98
CA HIS C 234 -14.09 30.95 6.95
C HIS C 234 -14.72 29.59 7.15
N HIS C 235 -13.87 28.59 7.34
CA HIS C 235 -14.33 27.21 7.44
C HIS C 235 -15.29 27.10 8.60
N LEU C 236 -14.95 27.75 9.70
CA LEU C 236 -15.82 27.81 10.87
C LEU C 236 -17.19 28.42 10.58
N ALA C 237 -17.19 29.55 9.89
CA ALA C 237 -18.43 30.31 9.55
C ALA C 237 -19.38 29.50 8.67
N VAL C 238 -18.85 28.87 7.66
CA VAL C 238 -19.67 28.05 6.74
C VAL C 238 -20.24 26.84 7.48
N GLY C 239 -19.40 26.15 8.25
CA GLY C 239 -19.79 24.93 8.97
C GLY C 239 -20.87 25.13 10.00
N PHE C 240 -20.76 26.23 10.75
CA PHE C 240 -21.85 26.67 11.64
C PHE C 240 -23.03 27.27 10.86
N LYS C 241 -22.76 27.94 9.74
CA LYS C 241 -23.87 28.45 8.88
C LYS C 241 -24.77 27.31 8.38
N LEU C 242 -24.16 26.21 7.99
CA LEU C 242 -24.91 25.07 7.39
C LEU C 242 -25.90 24.38 8.35
N LEU C 243 -25.74 24.63 9.66
CA LEU C 243 -26.66 24.13 10.70
C LEU C 243 -28.03 24.78 10.63
N GLN C 244 -28.06 25.98 10.04
CA GLN C 244 -29.29 26.81 9.96
C GLN C 244 -30.20 26.39 8.83
N GLU C 245 -29.68 25.49 8.03
CA GLU C 245 -30.47 24.85 7.00
C GLU C 245 -31.59 23.95 7.52
N GLU C 246 -32.38 23.54 6.57
CA GLU C 246 -33.62 22.83 6.83
C GLU C 246 -33.29 21.36 7.10
N ASN C 247 -33.68 20.94 8.31
CA ASN C 247 -33.36 19.64 8.89
C ASN C 247 -31.85 19.36 9.00
N CYS C 248 -31.12 20.40 9.39
CA CYS C 248 -29.66 20.30 9.60
C CYS C 248 -29.15 20.61 11.02
N ASP C 249 -30.01 21.08 11.91
CA ASP C 249 -29.51 21.45 13.24
C ASP C 249 -29.32 20.21 14.10
N ILE C 250 -28.12 19.64 14.00
CA ILE C 250 -27.80 18.39 14.65
C ILE C 250 -27.65 18.59 16.15
N PHE C 251 -27.52 19.85 16.58
CA PHE C 251 -27.39 20.21 18.00
C PHE C 251 -28.69 20.77 18.56
N GLN C 252 -29.77 20.49 17.86
CA GLN C 252 -31.11 21.03 18.23
C GLN C 252 -31.53 20.60 19.63
N ASN C 253 -31.00 19.47 20.11
CA ASN C 253 -31.36 18.94 21.45
C ASN C 253 -30.30 19.09 22.49
N LEU C 254 -29.31 19.92 22.21
CA LEU C 254 -28.33 20.30 23.22
C LEU C 254 -28.87 21.47 24.05
N THR C 255 -28.51 21.48 25.33
CA THR C 255 -28.86 22.64 26.16
C THR C 255 -28.07 23.88 25.70
N LYS C 256 -28.54 25.05 26.11
CA LYS C 256 -27.87 26.32 25.81
C LYS C 256 -26.43 26.15 26.23
N LYS C 257 -26.26 25.67 27.46
CA LYS C 257 -24.94 25.59 28.03
C LYS C 257 -24.03 24.61 27.28
N GLN C 258 -24.60 23.52 26.84
CA GLN C 258 -23.89 22.56 26.02
C GLN C 258 -23.54 23.17 24.68
N ARG C 259 -24.52 23.78 24.04
CA ARG C 259 -24.31 24.46 22.76
C ARG C 259 -23.17 25.49 22.80
N GLN C 260 -23.13 26.22 23.89
CA GLN C 260 -22.16 27.32 24.07
C GLN C 260 -20.74 26.79 24.25
N SER C 261 -20.64 25.70 25.00
CA SER C 261 -19.39 25.07 25.29
C SER C 261 -18.83 24.42 24.02
N LEU C 262 -19.65 23.62 23.39
CA LEU C 262 -19.22 23.00 22.15
C LEU C 262 -18.78 24.04 21.08
N ARG C 263 -19.50 25.14 20.95
CA ARG C 263 -19.19 26.14 19.94
C ARG C 263 -17.81 26.75 20.15
N LYS C 264 -17.60 27.09 21.42
CA LYS C 264 -16.33 27.61 21.91
C LYS C 264 -15.17 26.63 21.68
N MET C 265 -15.45 25.37 21.94
CA MET C 265 -14.51 24.27 21.73
C MET C 265 -14.13 24.06 20.24
N VAL C 266 -15.14 24.04 19.40
CA VAL C 266 -14.98 23.88 17.96
C VAL C 266 -14.19 25.05 17.38
N ILE C 267 -14.54 26.26 17.78
CA ILE C 267 -13.83 27.43 17.28
C ILE C 267 -12.35 27.33 17.64
N ASP C 268 -12.04 26.90 18.85
CA ASP C 268 -10.64 26.84 19.32
C ASP C 268 -9.89 25.71 18.61
N ILE C 269 -10.54 24.60 18.36
CA ILE C 269 -9.86 23.53 17.63
C ILE C 269 -9.55 23.96 16.20
N VAL C 270 -10.56 24.39 15.47
CA VAL C 270 -10.39 24.68 14.07
C VAL C 270 -9.36 25.79 13.82
N LEU C 271 -9.30 26.77 14.72
CA LEU C 271 -8.36 27.89 14.55
C LEU C 271 -6.92 27.43 14.85
N ALA C 272 -6.81 26.39 15.69
CA ALA C 272 -5.54 25.71 15.93
C ALA C 272 -5.06 24.88 14.73
N THR C 273 -5.87 24.79 13.66
CA THR C 273 -5.47 24.04 12.44
C THR C 273 -4.77 24.95 11.47
N ASP C 274 -4.80 26.23 11.78
CA ASP C 274 -3.98 27.19 11.07
C ASP C 274 -2.50 26.80 11.18
N MET C 275 -1.92 26.42 10.06
CA MET C 275 -0.54 25.86 10.06
C MET C 275 0.54 26.78 10.71
N SER C 276 0.36 28.09 10.57
CA SER C 276 1.30 29.07 11.14
C SER C 276 1.38 29.01 12.67
N LYS C 277 0.39 28.34 13.26
CA LYS C 277 0.35 28.13 14.70
C LYS C 277 1.09 26.89 15.17
N HIS C 278 1.64 26.12 14.22
CA HIS C 278 2.28 24.80 14.52
C HIS C 278 3.28 24.81 15.70
N MET C 279 4.20 25.78 15.70
CA MET C 279 5.29 25.82 16.70
C MET C 279 4.75 26.25 18.05
N ASN C 280 3.79 27.17 18.02
CA ASN C 280 3.12 27.60 19.25
C ASN C 280 2.55 26.37 19.87
N LEU C 281 1.71 25.73 19.09
CA LEU C 281 0.94 24.56 19.53
C LEU C 281 1.90 23.49 20.02
N LEU C 282 2.99 23.26 19.27
CA LEU C 282 4.01 22.24 19.61
C LEU C 282 4.72 22.56 20.94
N ALA C 283 4.89 23.84 21.19
CA ALA C 283 5.50 24.30 22.45
C ALA C 283 4.62 23.93 23.63
N ASP C 284 3.34 24.12 23.48
CA ASP C 284 2.37 23.78 24.52
C ASP C 284 2.19 22.29 24.73
N LEU C 285 2.32 21.53 23.64
CA LEU C 285 2.26 20.07 23.77
C LEU C 285 3.46 19.60 24.60
N LYS C 286 4.61 20.20 24.35
CA LYS C 286 5.87 19.85 25.05
C LYS C 286 5.74 20.12 26.54
N THR C 287 5.28 21.33 26.87
CA THR C 287 5.02 21.74 28.26
C THR C 287 4.08 20.78 28.96
N MET C 288 3.11 20.26 28.21
CA MET C 288 2.05 19.42 28.75
C MET C 288 2.52 18.01 29.01
N VAL C 289 3.52 17.59 28.24
CA VAL C 289 4.18 16.31 28.46
C VAL C 289 5.11 16.48 29.68
N GLU C 290 5.84 17.58 29.69
CA GLU C 290 6.71 17.93 30.83
C GLU C 290 5.99 17.87 32.18
N THR C 291 4.74 18.33 32.17
CA THR C 291 3.95 18.50 33.39
C THR C 291 2.85 17.43 33.47
N LYS C 292 3.07 16.34 32.76
CA LYS C 292 2.13 15.21 32.73
C LYS C 292 1.81 14.66 34.14
N LYS C 293 0.51 14.49 34.40
CA LYS C 293 0.00 13.74 35.56
C LYS C 293 -0.80 12.57 35.05
N VAL C 294 -0.70 11.45 35.76
CA VAL C 294 -1.50 10.26 35.44
C VAL C 294 -2.01 9.54 36.67
N THR C 295 -3.15 8.89 36.50
CA THR C 295 -3.67 7.93 37.49
C THR C 295 -2.76 6.70 37.57
N SER C 296 -3.03 5.85 38.55
CA SER C 296 -2.19 4.65 38.80
C SER C 296 -2.41 3.56 37.75
N SER C 297 -3.32 3.83 36.82
CA SER C 297 -3.61 2.91 35.73
C SER C 297 -3.05 3.45 34.42
N GLY C 298 -2.30 4.55 34.53
CA GLY C 298 -1.63 5.17 33.37
C GLY C 298 -2.47 6.11 32.51
N VAL C 299 -3.65 6.45 33.00
CA VAL C 299 -4.55 7.35 32.29
C VAL C 299 -4.25 8.82 32.64
N LEU C 300 -4.16 9.59 31.57
CA LEU C 300 -3.85 11.01 31.62
C LEU C 300 -4.86 11.73 32.49
N LEU C 301 -4.38 12.76 33.15
CA LEU C 301 -5.11 13.53 34.15
C LEU C 301 -5.15 14.98 33.68
N LEU C 302 -6.29 15.34 33.12
CA LEU C 302 -6.54 16.69 32.62
C LEU C 302 -7.65 17.34 33.45
N ASP C 303 -7.25 18.27 34.30
CA ASP C 303 -8.13 18.82 35.34
C ASP C 303 -8.97 20.02 34.88
N ASN C 304 -8.38 20.84 34.03
CA ASN C 304 -8.90 22.17 33.74
C ASN C 304 -9.06 22.40 32.25
N TYR C 305 -10.06 23.21 31.91
CA TYR C 305 -10.43 23.48 30.52
C TYR C 305 -9.26 23.68 29.60
N SER C 306 -8.29 24.46 30.07
CA SER C 306 -7.17 24.90 29.24
C SER C 306 -6.23 23.73 28.83
N ASP C 307 -6.12 22.76 29.74
CA ASP C 307 -5.33 21.56 29.52
C ASP C 307 -6.01 20.63 28.53
N ARG C 308 -7.32 20.51 28.68
CA ARG C 308 -8.14 19.62 27.90
C ARG C 308 -8.33 20.09 26.46
N ILE C 309 -8.45 21.40 26.28
CA ILE C 309 -8.67 22.00 24.98
C ILE C 309 -7.37 22.04 24.21
N GLN C 310 -6.24 22.14 24.92
CA GLN C 310 -4.93 22.03 24.27
C GLN C 310 -4.65 20.62 23.78
N VAL C 311 -5.17 19.65 24.47
CA VAL C 311 -4.98 18.30 24.03
C VAL C 311 -5.82 17.99 22.79
N LEU C 312 -7.02 18.58 22.70
CA LEU C 312 -7.92 18.32 21.55
C LEU C 312 -7.39 19.09 20.38
N GLN C 313 -6.90 20.29 20.64
CA GLN C 313 -6.27 21.11 19.59
C GLN C 313 -5.13 20.35 18.93
N ASN C 314 -4.27 19.75 19.77
CA ASN C 314 -3.09 19.06 19.27
C ASN C 314 -3.42 17.77 18.61
N MET C 315 -4.44 17.13 19.13
CA MET C 315 -4.93 15.88 18.58
C MET C 315 -5.44 16.06 17.16
N VAL C 316 -6.17 17.13 16.87
CA VAL C 316 -6.71 17.36 15.52
C VAL C 316 -5.66 17.98 14.58
N HIS C 317 -4.67 18.63 15.16
CA HIS C 317 -3.53 19.12 14.40
C HIS C 317 -2.65 17.94 13.92
N CYS C 318 -2.50 16.95 14.80
CA CYS C 318 -1.78 15.73 14.47
C CYS C 318 -2.49 14.99 13.36
N ALA C 319 -3.79 14.90 13.48
CA ALA C 319 -4.66 14.22 12.50
C ALA C 319 -4.59 14.90 11.14
N ASP C 320 -4.58 16.21 11.17
CA ASP C 320 -4.42 17.03 9.99
C ASP C 320 -3.03 16.79 9.35
N LEU C 321 -2.04 16.44 10.17
CA LEU C 321 -0.65 16.20 9.71
C LEU C 321 -0.26 14.73 9.85
N SER C 322 -1.21 13.85 9.63
CA SER C 322 -1.01 12.43 9.87
C SER C 322 -0.61 11.66 8.60
N ASN C 323 -0.62 12.35 7.46
CA ASN C 323 -0.46 11.67 6.16
C ASN C 323 0.80 10.84 6.11
N PRO C 324 1.92 11.38 6.64
CA PRO C 324 3.18 10.61 6.57
C PRO C 324 3.26 9.47 7.60
N THR C 325 2.28 9.40 8.48
CA THR C 325 2.22 8.40 9.53
C THR C 325 1.43 7.22 9.05
N LYS C 326 0.95 7.32 7.84
CA LYS C 326 0.02 6.32 7.32
C LYS C 326 0.78 5.32 6.49
N PRO C 327 0.18 4.16 6.24
CA PRO C 327 0.82 3.26 5.29
C PRO C 327 1.23 3.96 4.00
N LEU C 328 2.43 3.63 3.58
CA LEU C 328 3.06 4.20 2.40
C LEU C 328 2.15 4.29 1.18
N GLN C 329 1.41 3.23 0.87
CA GLN C 329 0.44 3.28 -0.25
C GLN C 329 -0.44 4.53 -0.16
N LEU C 330 -0.87 4.85 1.05
CA LEU C 330 -1.78 5.97 1.26
C LEU C 330 -1.01 7.26 1.20
N TYR C 331 0.09 7.31 1.96
CA TYR C 331 0.93 8.52 2.08
C TYR C 331 1.36 9.08 0.70
N ARG C 332 1.74 8.19 -0.19
CA ARG C 332 2.23 8.60 -1.53
C ARG C 332 1.12 9.35 -2.32
N GLN C 333 -0.11 8.89 -2.15
CA GLN C 333 -1.27 9.45 -2.86
C GLN C 333 -1.69 10.81 -2.33
N TRP C 334 -1.58 10.99 -1.02
CA TRP C 334 -1.79 12.30 -0.39
C TRP C 334 -0.76 13.30 -0.87
N THR C 335 0.47 12.81 -1.00
CA THR C 335 1.58 13.64 -1.51
C THR C 335 1.38 14.11 -2.94
N ASP C 336 0.94 13.19 -3.79
CA ASP C 336 0.60 13.50 -5.17
C ASP C 336 -0.47 14.57 -5.21
N ARG C 337 -1.48 14.39 -4.38
CA ARG C 337 -2.63 15.30 -4.33
C ARG C 337 -2.29 16.68 -3.85
N ILE C 338 -1.48 16.75 -2.78
CA ILE C 338 -1.00 18.04 -2.21
C ILE C 338 -0.13 18.78 -3.20
N MET C 339 0.80 18.07 -3.84
CA MET C 339 1.67 18.66 -4.88
C MET C 339 0.89 19.19 -6.06
N GLU C 340 -0.14 18.44 -6.44
CA GLU C 340 -1.04 18.88 -7.51
C GLU C 340 -1.81 20.16 -7.16
N GLU C 341 -2.31 20.23 -5.93
CA GLU C 341 -2.98 21.45 -5.47
C GLU C 341 -1.97 22.58 -5.41
N PHE C 342 -0.76 22.29 -4.91
CA PHE C 342 0.26 23.35 -4.84
C PHE C 342 0.65 23.89 -6.23
N PHE C 343 0.80 22.98 -7.19
CA PHE C 343 1.19 23.38 -8.56
C PHE C 343 0.11 24.23 -9.24
N ARG C 344 -1.16 23.97 -8.94
CA ARG C 344 -2.23 24.79 -9.52
C ARG C 344 -2.24 26.19 -8.91
N GLN C 345 -1.83 26.31 -7.65
CA GLN C 345 -1.71 27.65 -7.05
C GLN C 345 -0.59 28.38 -7.77
N GLY C 346 0.50 27.64 -7.87
CA GLY C 346 1.70 28.09 -8.55
C GLY C 346 1.44 28.58 -9.94
N ASP C 347 0.54 27.91 -10.64
CA ASP C 347 0.18 28.29 -12.02
C ASP C 347 -0.59 29.58 -12.03
N ARG C 348 -1.43 29.77 -11.03
CA ARG C 348 -2.15 31.02 -10.84
C ARG C 348 -1.20 32.17 -10.54
N GLU C 349 -0.20 31.91 -9.71
CA GLU C 349 0.78 32.95 -9.36
C GLU C 349 1.56 33.37 -10.60
N ARG C 350 1.89 32.39 -11.43
CA ARG C 350 2.65 32.64 -12.65
C ARG C 350 1.85 33.50 -13.65
N GLU C 351 0.55 33.22 -13.77
CA GLU C 351 -0.33 34.01 -14.66
C GLU C 351 -0.52 35.45 -14.18
N ARG C 352 -0.52 35.62 -12.87
CA ARG C 352 -0.64 36.97 -12.27
C ARG C 352 0.67 37.75 -12.34
N GLY C 353 1.75 37.07 -12.65
CA GLY C 353 3.06 37.69 -12.75
C GLY C 353 3.79 37.77 -11.42
N MET C 354 3.27 37.01 -10.44
CA MET C 354 3.81 37.02 -9.07
C MET C 354 4.92 36.02 -8.98
N GLU C 355 5.69 36.14 -7.90
CA GLU C 355 6.73 35.15 -7.60
C GLU C 355 6.02 33.86 -7.16
N ILE C 356 6.48 32.73 -7.68
CA ILE C 356 5.85 31.42 -7.38
C ILE C 356 6.33 30.96 -6.01
N SER C 357 5.39 30.50 -5.19
CA SER C 357 5.68 30.15 -3.79
C SER C 357 6.57 28.93 -3.71
N PRO C 358 7.36 28.81 -2.63
CA PRO C 358 8.07 27.56 -2.41
C PRO C 358 7.12 26.37 -2.55
N MET C 359 7.63 25.38 -3.28
CA MET C 359 6.97 24.08 -3.54
C MET C 359 5.75 24.13 -4.45
N CYS C 360 5.53 25.29 -5.07
CA CYS C 360 4.41 25.53 -6.01
C CYS C 360 4.77 25.59 -7.50
N ASP C 361 6.04 25.43 -7.80
CA ASP C 361 6.51 25.50 -9.19
C ASP C 361 6.75 24.10 -9.71
N LYS C 362 5.92 23.72 -10.67
CA LYS C 362 5.96 22.38 -11.27
C LYS C 362 7.21 22.13 -12.09
N HIS C 363 7.86 23.21 -12.54
CA HIS C 363 9.11 23.15 -13.30
C HIS C 363 10.38 23.11 -12.43
N ASN C 364 10.22 23.23 -11.12
CA ASN C 364 11.36 23.18 -10.21
C ASN C 364 10.97 22.77 -8.77
N ALA C 365 10.62 21.50 -8.65
CA ALA C 365 10.12 20.94 -7.40
C ALA C 365 10.85 19.65 -7.03
N SER C 366 11.35 19.59 -5.81
CA SER C 366 12.06 18.39 -5.35
C SER C 366 11.24 17.67 -4.29
N VAL C 367 10.36 16.82 -4.75
CA VAL C 367 9.31 16.25 -3.87
C VAL C 367 9.88 15.32 -2.80
N GLU C 368 10.87 14.55 -3.22
CA GLU C 368 11.47 13.55 -2.36
C GLU C 368 12.14 14.25 -1.21
N LYS C 369 12.95 15.23 -1.55
CA LYS C 369 13.69 16.04 -0.57
C LYS C 369 12.72 16.69 0.40
N SER C 370 11.82 17.46 -0.19
CA SER C 370 10.77 18.15 0.56
C SER C 370 10.10 17.26 1.60
N GLN C 371 9.84 15.99 1.28
CA GLN C 371 9.14 15.12 2.24
C GLN C 371 10.01 14.70 3.42
N VAL C 372 11.32 14.62 3.19
CA VAL C 372 12.27 14.21 4.23
C VAL C 372 12.47 15.39 5.20
N GLY C 373 12.45 16.60 4.68
CA GLY C 373 12.51 17.82 5.52
C GLY C 373 11.21 18.08 6.30
N PHE C 374 10.07 17.90 5.64
CA PHE C 374 8.73 17.97 6.24
C PHE C 374 8.65 17.04 7.47
N ILE C 375 9.08 15.80 7.31
CA ILE C 375 9.06 14.83 8.43
C ILE C 375 10.05 15.16 9.55
N ASP C 376 11.27 15.52 9.19
CA ASP C 376 12.33 15.76 10.16
C ASP C 376 12.08 17.01 10.98
N TYR C 377 11.57 18.02 10.30
CA TYR C 377 11.41 19.35 10.94
C TYR C 377 10.00 19.69 11.49
N ILE C 378 9.00 18.94 11.08
CA ILE C 378 7.60 19.25 11.42
C ILE C 378 6.81 18.05 11.93
N VAL C 379 6.75 16.99 11.12
CA VAL C 379 5.87 15.88 11.47
C VAL C 379 6.41 15.05 12.60
N HIS C 380 7.71 14.76 12.52
CA HIS C 380 8.32 13.84 13.48
C HIS C 380 8.44 14.50 14.86
N PRO C 381 8.82 15.77 14.91
CA PRO C 381 8.84 16.47 16.21
C PRO C 381 7.46 16.51 16.91
N LEU C 382 6.43 16.74 16.11
CA LEU C 382 5.05 16.80 16.59
C LEU C 382 4.61 15.45 17.16
N TRP C 383 4.75 14.42 16.32
CA TRP C 383 4.30 13.07 16.64
C TRP C 383 5.16 12.31 17.72
N GLU C 384 6.45 12.62 17.73
CA GLU C 384 7.30 12.21 18.86
C GLU C 384 6.77 12.75 20.21
N THR C 385 6.35 14.01 20.21
CA THR C 385 5.82 14.64 21.42
C THR C 385 4.45 14.06 21.79
N TRP C 386 3.64 13.80 20.79
CA TRP C 386 2.33 13.17 21.03
C TRP C 386 2.52 11.74 21.59
N ALA C 387 3.49 11.02 21.03
CA ALA C 387 3.79 9.66 21.47
C ALA C 387 4.17 9.66 22.95
N ASP C 388 4.96 10.64 23.32
CA ASP C 388 5.31 10.85 24.74
C ASP C 388 4.10 11.02 25.62
N LEU C 389 3.12 11.80 25.17
CA LEU C 389 1.91 12.08 25.97
C LEU C 389 1.12 10.80 26.26
N VAL C 390 0.93 10.02 25.21
CA VAL C 390 0.03 8.85 25.23
C VAL C 390 0.82 7.54 25.26
N HIS C 391 2.07 7.62 25.68
CA HIS C 391 2.99 6.48 25.67
C HIS C 391 2.37 5.24 26.30
N PRO C 392 2.46 4.06 25.63
CA PRO C 392 3.14 3.78 24.35
C PRO C 392 2.18 3.63 23.16
N ASP C 393 0.99 4.17 23.33
CA ASP C 393 -0.12 3.93 22.39
C ASP C 393 0.17 4.29 20.94
N ALA C 394 1.03 5.30 20.72
CA ALA C 394 1.37 5.85 19.38
C ALA C 394 2.66 5.32 18.70
N GLN C 395 3.21 4.23 19.23
CA GLN C 395 4.55 3.73 18.78
C GLN C 395 4.57 3.21 17.34
N ASP C 396 3.54 2.46 16.99
CA ASP C 396 3.40 1.90 15.63
C ASP C 396 3.28 3.03 14.61
N ILE C 397 2.53 4.07 14.98
CA ILE C 397 2.38 5.26 14.14
C ILE C 397 3.73 5.94 13.88
N LEU C 398 4.53 5.98 14.92
CA LEU C 398 5.84 6.69 14.87
C LEU C 398 6.88 5.79 14.18
N ASP C 399 6.69 4.48 14.28
CA ASP C 399 7.52 3.51 13.54
C ASP C 399 7.26 3.62 12.05
N THR C 400 5.98 3.79 11.69
CA THR C 400 5.59 3.98 10.26
C THR C 400 6.18 5.26 9.72
N LEU C 401 6.01 6.31 10.49
CA LEU C 401 6.56 7.64 10.16
C LEU C 401 8.06 7.58 9.77
N GLU C 402 8.81 6.83 10.57
CA GLU C 402 10.27 6.72 10.42
C GLU C 402 10.63 5.81 9.25
N ASP C 403 9.88 4.74 9.10
CA ASP C 403 10.01 3.90 7.91
C ASP C 403 9.76 4.72 6.65
N ASN C 404 8.74 5.58 6.70
CA ASN C 404 8.29 6.30 5.51
C ASN C 404 9.28 7.35 5.16
N ARG C 405 9.93 7.87 6.20
CA ARG C 405 10.99 8.85 6.06
C ARG C 405 12.15 8.17 5.35
N GLU C 406 12.46 6.95 5.79
CA GLU C 406 13.55 6.20 5.21
C GLU C 406 13.30 5.88 3.75
N TRP C 407 12.05 5.66 3.39
CA TRP C 407 11.72 5.34 2.01
C TRP C 407 11.94 6.54 1.09
N TYR C 408 11.48 7.70 1.54
CA TYR C 408 11.59 8.94 0.73
C TYR C 408 13.03 9.39 0.58
N GLN C 409 13.82 9.10 1.61
CA GLN C 409 15.24 9.39 1.62
C GLN C 409 15.95 8.59 0.52
N SER C 410 15.66 7.30 0.50
CA SER C 410 16.25 6.34 -0.45
C SER C 410 15.87 6.65 -1.89
N THR C 411 14.84 7.45 -2.01
CA THR C 411 14.18 7.78 -3.29
C THR C 411 14.72 9.07 -3.87
N ILE C 412 15.51 9.80 -3.09
CA ILE C 412 16.07 11.10 -3.55
C ILE C 412 16.99 10.89 -4.75
N PRO C 413 16.66 11.53 -5.89
CA PRO C 413 17.45 11.38 -7.12
C PRO C 413 18.89 11.84 -7.00
N GLN C 414 19.74 11.12 -7.70
CA GLN C 414 21.17 11.36 -7.71
C GLN C 414 21.63 11.69 -9.10
N ALA C 415 22.46 12.73 -9.18
CA ALA C 415 23.06 13.11 -10.45
C ALA C 415 23.97 11.99 -10.96
N HIS C 416 24.16 11.97 -12.28
CA HIS C 416 25.17 11.07 -12.91
C HIS C 416 24.94 9.58 -12.66
N ASN D 30 -24.49 46.24 42.37
CA ASN D 30 -24.20 44.87 41.84
C ASN D 30 -24.60 44.69 40.36
N GLN D 31 -25.58 45.49 39.90
CA GLN D 31 -25.80 45.70 38.46
C GLN D 31 -24.53 46.28 37.81
N VAL D 32 -23.91 47.18 38.55
CA VAL D 32 -22.65 47.85 38.18
C VAL D 32 -21.54 46.82 38.13
N SER D 33 -21.47 46.03 39.17
CA SER D 33 -20.48 44.94 39.28
C SER D 33 -20.55 43.91 38.12
N GLU D 34 -21.76 43.44 37.85
CA GLU D 34 -22.05 42.59 36.69
C GLU D 34 -21.63 43.25 35.40
N PHE D 35 -21.99 44.51 35.19
CA PHE D 35 -21.60 45.21 33.95
C PHE D 35 -20.11 45.15 33.75
N ILE D 36 -19.40 45.55 34.79
CA ILE D 36 -17.94 45.68 34.75
C ILE D 36 -17.29 44.31 34.46
N SER D 37 -17.92 43.26 34.98
CA SER D 37 -17.34 41.92 34.86
C SER D 37 -17.55 41.33 33.46
N ASN D 38 -18.72 41.57 32.90
CA ASN D 38 -19.06 41.10 31.55
C ASN D 38 -18.53 42.01 30.42
N THR D 39 -17.90 43.12 30.76
CA THR D 39 -17.46 44.09 29.74
C THR D 39 -15.94 44.13 29.57
N PHE D 40 -15.22 44.04 30.68
CA PHE D 40 -13.76 44.36 30.74
C PHE D 40 -12.84 43.17 31.04
N LEU D 41 -13.43 42.00 31.29
CA LEU D 41 -12.69 40.74 31.43
C LEU D 41 -13.03 39.76 30.29
N ASP D 42 -12.14 38.79 30.12
CA ASP D 42 -12.29 37.72 29.09
C ASP D 42 -12.52 36.32 29.71
N GLU D 91 -17.72 79.10 10.45
CA GLU D 91 -16.81 79.53 9.40
C GLU D 91 -15.45 79.92 10.00
N ASP D 92 -15.41 81.14 10.51
CA ASP D 92 -14.27 81.64 11.29
C ASP D 92 -14.31 81.08 12.70
N VAL D 93 -15.52 80.91 13.22
CA VAL D 93 -15.72 80.37 14.57
C VAL D 93 -15.27 78.90 14.65
N LEU D 94 -15.48 78.16 13.55
CA LEU D 94 -14.99 76.77 13.45
C LEU D 94 -13.46 76.72 13.45
N ALA D 95 -12.89 77.69 12.74
CA ALA D 95 -11.45 77.91 12.69
C ALA D 95 -10.84 78.20 14.07
N LYS D 96 -11.58 78.96 14.88
CA LYS D 96 -11.14 79.34 16.23
C LYS D 96 -11.19 78.15 17.20
N GLU D 97 -12.28 77.39 17.11
CA GLU D 97 -12.44 76.18 17.93
C GLU D 97 -11.32 75.17 17.62
N LEU D 98 -11.02 75.01 16.34
CA LEU D 98 -9.96 74.07 15.88
C LEU D 98 -8.52 74.50 16.22
N GLU D 99 -8.35 75.70 16.77
CA GLU D 99 -7.07 76.10 17.38
C GLU D 99 -6.78 75.32 18.66
N ASP D 100 -7.82 74.75 19.27
CA ASP D 100 -7.71 73.92 20.49
C ASP D 100 -7.39 72.42 20.24
N VAL D 101 -7.07 72.10 18.99
CA VAL D 101 -6.83 70.72 18.55
C VAL D 101 -5.75 70.00 19.36
N ASN D 102 -4.82 70.77 19.94
CA ASN D 102 -3.71 70.24 20.73
C ASN D 102 -4.01 70.12 22.22
N LYS D 103 -5.25 70.44 22.56
CA LYS D 103 -5.67 70.55 23.93
C LYS D 103 -6.64 69.45 24.33
N TRP D 104 -6.37 68.89 25.50
CA TRP D 104 -7.27 67.96 26.17
C TRP D 104 -8.46 68.76 26.62
N GLY D 105 -9.62 68.45 26.05
CA GLY D 105 -10.83 69.18 26.38
C GLY D 105 -11.32 70.05 25.25
N LEU D 106 -10.90 69.72 24.04
CA LEU D 106 -11.51 70.32 22.84
C LEU D 106 -13.04 70.26 22.89
N HIS D 107 -13.68 71.34 22.45
CA HIS D 107 -15.16 71.40 22.47
C HIS D 107 -15.68 70.67 21.24
N VAL D 108 -15.70 69.36 21.32
CA VAL D 108 -15.92 68.51 20.16
C VAL D 108 -17.35 68.51 19.67
N PHE D 109 -18.27 68.72 20.63
CA PHE D 109 -19.70 68.85 20.30
C PHE D 109 -19.99 70.18 19.59
N ARG D 110 -19.32 71.24 20.02
CA ARG D 110 -19.42 72.54 19.31
C ARG D 110 -18.93 72.36 17.88
N ILE D 111 -17.82 71.65 17.73
CA ILE D 111 -17.25 71.40 16.39
C ILE D 111 -18.19 70.56 15.53
N ALA D 112 -18.86 69.61 16.15
CA ALA D 112 -19.80 68.75 15.43
C ALA D 112 -20.85 69.65 14.79
N GLU D 113 -21.45 70.46 15.66
CA GLU D 113 -22.44 71.49 15.28
C GLU D 113 -21.90 72.39 14.18
N LEU D 114 -20.77 73.01 14.45
CA LEU D 114 -20.16 73.98 13.51
C LEU D 114 -19.78 73.43 12.13
N SER D 115 -19.57 72.13 12.03
CA SER D 115 -19.09 71.52 10.78
C SER D 115 -20.23 70.94 9.96
N GLY D 116 -21.45 71.17 10.41
CA GLY D 116 -22.61 70.55 9.78
C GLY D 116 -22.46 69.05 9.92
N ASN D 117 -22.15 68.67 11.15
CA ASN D 117 -21.96 67.27 11.53
C ASN D 117 -20.87 66.53 10.77
N ARG D 118 -19.73 67.21 10.59
CA ARG D 118 -18.52 66.61 10.02
C ARG D 118 -17.31 66.71 10.96
N PRO D 119 -17.49 66.43 12.27
CA PRO D 119 -16.36 66.52 13.19
C PRO D 119 -15.15 65.60 12.85
N LEU D 120 -15.44 64.39 12.40
CA LEU D 120 -14.32 63.44 12.08
C LEU D 120 -13.46 63.97 10.93
N THR D 121 -14.13 64.53 9.93
CA THR D 121 -13.47 65.08 8.74
C THR D 121 -12.62 66.30 9.04
N VAL D 122 -13.17 67.24 9.80
CA VAL D 122 -12.45 68.50 10.07
C VAL D 122 -11.32 68.26 11.08
N ILE D 123 -11.55 67.38 12.03
CA ILE D 123 -10.53 67.09 13.06
C ILE D 123 -9.35 66.29 12.46
N MET D 124 -9.66 65.37 11.55
CA MET D 124 -8.61 64.55 10.90
C MET D 124 -7.78 65.41 9.97
N HIS D 125 -8.47 66.22 9.19
CA HIS D 125 -7.80 67.05 8.18
C HIS D 125 -6.82 67.98 8.88
N THR D 126 -7.28 68.56 9.98
CA THR D 126 -6.51 69.50 10.78
C THR D 126 -5.27 68.88 11.36
N ILE D 127 -5.43 67.69 11.93
CA ILE D 127 -4.33 66.94 12.54
C ILE D 127 -3.31 66.49 11.48
N PHE D 128 -3.82 66.12 10.31
CA PHE D 128 -2.99 65.67 9.19
C PHE D 128 -2.15 66.80 8.59
N GLN D 129 -2.76 67.98 8.47
CA GLN D 129 -2.04 69.20 8.05
C GLN D 129 -1.04 69.59 9.15
N GLU D 130 -1.49 69.47 10.39
CA GLU D 130 -0.72 69.91 11.55
C GLU D 130 0.54 69.07 11.75
N ARG D 131 0.44 67.78 11.47
CA ARG D 131 1.55 66.86 11.67
C ARG D 131 2.32 66.66 10.39
N ASP D 132 1.84 67.33 9.35
CA ASP D 132 2.44 67.34 8.03
C ASP D 132 2.49 65.96 7.36
N LEU D 133 1.43 65.18 7.58
CA LEU D 133 1.35 63.79 7.11
C LEU D 133 1.04 63.69 5.62
N LEU D 134 0.34 64.71 5.12
CA LEU D 134 -0.04 64.75 3.69
C LEU D 134 1.18 64.77 2.77
N LYS D 135 2.19 65.51 3.20
CA LYS D 135 3.44 65.61 2.48
C LYS D 135 4.27 64.40 2.73
N THR D 136 4.49 64.10 4.01
CA THR D 136 5.31 62.94 4.40
C THR D 136 4.94 61.71 3.57
N PHE D 137 3.63 61.42 3.49
CA PHE D 137 3.13 60.20 2.81
C PHE D 137 2.48 60.50 1.46
N LYS D 138 2.76 61.68 0.96
CA LYS D 138 2.42 62.08 -0.38
C LYS D 138 0.97 61.70 -0.65
N ILE D 139 0.11 62.24 0.19
CA ILE D 139 -1.35 62.00 0.19
C ILE D 139 -2.12 63.18 -0.41
N PRO D 140 -2.81 62.96 -1.53
CA PRO D 140 -3.55 64.06 -2.15
C PRO D 140 -4.67 64.55 -1.23
N VAL D 141 -4.74 65.86 -1.05
CA VAL D 141 -5.66 66.41 -0.05
C VAL D 141 -7.13 66.08 -0.37
N ASP D 142 -7.41 66.05 -1.66
CA ASP D 142 -8.71 65.68 -2.21
C ASP D 142 -9.07 64.23 -1.88
N THR D 143 -8.08 63.34 -2.02
CA THR D 143 -8.21 61.93 -1.59
C THR D 143 -8.49 61.78 -0.09
N LEU D 144 -7.84 62.62 0.70
CA LEU D 144 -8.03 62.61 2.15
C LEU D 144 -9.48 62.92 2.47
N ILE D 145 -9.99 64.00 1.86
CA ILE D 145 -11.35 64.50 2.17
C ILE D 145 -12.42 63.54 1.71
N THR D 146 -12.19 63.01 0.52
CA THR D 146 -13.07 62.01 -0.05
C THR D 146 -13.15 60.75 0.82
N TYR D 147 -12.01 60.30 1.33
CA TYR D 147 -11.99 59.12 2.21
C TYR D 147 -12.69 59.40 3.54
N LEU D 148 -12.31 60.52 4.13
CA LEU D 148 -12.82 60.91 5.44
C LEU D 148 -14.32 61.08 5.46
N MET D 149 -14.84 61.64 4.36
CA MET D 149 -16.26 61.89 4.19
C MET D 149 -17.04 60.59 4.08
N THR D 150 -16.56 59.63 3.29
CA THR D 150 -17.23 58.31 3.23
C THR D 150 -17.14 57.58 4.54
N LEU D 151 -15.98 57.63 5.15
CA LEU D 151 -15.77 56.99 6.42
C LEU D 151 -16.80 57.49 7.43
N GLU D 152 -16.88 58.80 7.52
CA GLU D 152 -17.77 59.48 8.45
C GLU D 152 -19.22 59.12 8.17
N ASP D 153 -19.57 59.10 6.89
CA ASP D 153 -20.88 58.58 6.43
C ASP D 153 -21.22 57.14 6.89
N HIS D 154 -20.21 56.35 7.18
CA HIS D 154 -20.43 54.96 7.64
C HIS D 154 -20.51 54.82 9.17
N TYR D 155 -20.39 55.94 9.86
CA TYR D 155 -20.75 55.98 11.26
C TYR D 155 -22.24 56.28 11.35
N HIS D 156 -22.96 55.58 12.21
CA HIS D 156 -24.43 55.78 12.32
C HIS D 156 -24.84 56.96 13.17
N ALA D 157 -25.67 57.81 12.58
CA ALA D 157 -26.17 59.02 13.24
C ALA D 157 -27.32 58.71 14.19
N ASP D 158 -27.99 57.57 14.00
CA ASP D 158 -29.05 57.06 14.92
C ASP D 158 -28.52 56.43 16.23
N VAL D 159 -27.23 56.44 16.38
CA VAL D 159 -26.54 55.81 17.50
C VAL D 159 -25.94 56.96 18.34
N ALA D 160 -26.36 56.99 19.60
CA ALA D 160 -26.15 58.11 20.52
C ALA D 160 -24.66 58.33 20.89
N TYR D 161 -23.91 57.25 20.97
CA TYR D 161 -22.53 57.30 21.46
C TYR D 161 -21.51 56.83 20.42
N HIS D 162 -21.77 55.69 19.78
CA HIS D 162 -20.81 55.14 18.79
C HIS D 162 -21.02 55.73 17.41
N ASN D 163 -20.92 57.03 17.37
CA ASN D 163 -21.08 57.80 16.12
C ASN D 163 -19.77 58.52 15.77
N ASN D 164 -19.85 59.41 14.80
CA ASN D 164 -18.67 60.10 14.28
C ASN D 164 -18.10 61.08 15.28
N ILE D 165 -18.90 61.50 16.26
CA ILE D 165 -18.43 62.49 17.22
C ILE D 165 -17.46 61.80 18.16
N HIS D 166 -17.82 60.58 18.54
CA HIS D 166 -16.98 59.74 19.34
C HIS D 166 -15.67 59.42 18.61
N ALA D 167 -15.77 59.06 17.34
CA ALA D 167 -14.58 58.75 16.54
C ALA D 167 -13.62 59.93 16.51
N ALA D 168 -14.16 61.10 16.19
CA ALA D 168 -13.37 62.34 16.16
C ALA D 168 -12.68 62.63 17.49
N ASP D 169 -13.37 62.28 18.55
CA ASP D 169 -12.91 62.55 19.92
C ASP D 169 -11.78 61.63 20.32
N VAL D 170 -11.84 60.37 19.84
CA VAL D 170 -10.77 59.44 20.14
C VAL D 170 -9.54 59.77 19.25
N VAL D 171 -9.78 60.32 18.06
CA VAL D 171 -8.69 60.71 17.18
C VAL D 171 -7.87 61.84 17.84
N GLN D 172 -8.60 62.82 18.35
CA GLN D 172 -8.01 64.05 18.85
C GLN D 172 -7.31 63.77 20.16
N SER D 173 -7.89 62.86 20.94
CA SER D 173 -7.28 62.44 22.23
C SER D 173 -5.96 61.69 21.97
N THR D 174 -5.95 60.86 20.94
CA THR D 174 -4.75 60.10 20.57
C THR D 174 -3.63 61.08 20.19
N HIS D 175 -4.02 61.98 19.30
CA HIS D 175 -3.20 63.07 18.83
C HIS D 175 -2.52 63.77 20.00
N VAL D 176 -3.31 64.19 20.98
CA VAL D 176 -2.75 64.87 22.17
C VAL D 176 -1.87 63.93 22.98
N LEU D 177 -2.32 62.71 23.20
CA LEU D 177 -1.49 61.73 23.90
C LEU D 177 -0.17 61.45 23.18
N LEU D 178 -0.20 61.52 21.86
CA LEU D 178 1.01 61.30 21.05
C LEU D 178 2.03 62.44 21.30
N SER D 179 1.53 63.61 21.69
CA SER D 179 2.34 64.84 21.74
C SER D 179 3.02 65.02 23.10
N THR D 180 2.88 64.07 24.00
CA THR D 180 3.36 64.28 25.38
C THR D 180 4.89 64.14 25.40
N PRO D 181 5.56 64.87 26.32
CA PRO D 181 7.00 65.00 26.22
C PRO D 181 7.77 63.71 26.44
N ALA D 182 7.26 62.83 27.31
CA ALA D 182 7.88 61.53 27.54
C ALA D 182 7.95 60.64 26.27
N LEU D 183 7.17 61.00 25.25
CA LEU D 183 7.14 60.26 23.99
C LEU D 183 7.76 61.06 22.88
N GLU D 184 8.42 62.16 23.25
CA GLU D 184 9.00 63.10 22.29
C GLU D 184 9.95 62.35 21.38
N ALA D 185 9.48 62.20 20.15
CA ALA D 185 10.27 61.65 19.07
C ALA D 185 10.40 60.14 19.15
N VAL D 186 9.56 59.50 19.97
CA VAL D 186 9.67 58.05 20.20
C VAL D 186 9.10 57.28 19.02
N PHE D 187 8.07 57.85 18.40
CA PHE D 187 7.32 57.15 17.37
C PHE D 187 7.58 57.72 16.00
N THR D 188 7.66 56.79 15.05
CA THR D 188 7.87 57.15 13.64
C THR D 188 6.61 57.75 13.09
N ASP D 189 6.78 58.49 12.01
CA ASP D 189 5.65 59.06 11.24
C ASP D 189 4.62 57.97 10.87
N LEU D 190 5.11 56.78 10.53
CA LEU D 190 4.23 55.68 10.07
C LEU D 190 3.43 55.12 11.24
N GLU D 191 4.09 55.07 12.39
CA GLU D 191 3.47 54.64 13.65
C GLU D 191 2.42 55.63 14.13
N ILE D 192 2.70 56.91 13.96
CA ILE D 192 1.72 58.00 14.21
C ILE D 192 0.52 57.90 13.29
N LEU D 193 0.77 57.58 12.03
CA LEU D 193 -0.30 57.45 11.04
C LEU D 193 -1.18 56.27 11.39
N ALA D 194 -0.58 55.25 11.98
CA ALA D 194 -1.30 54.02 12.27
C ALA D 194 -2.30 54.29 13.41
N ALA D 195 -1.80 54.94 14.46
CA ALA D 195 -2.59 55.20 15.67
C ALA D 195 -3.74 56.15 15.43
N ILE D 196 -3.50 57.13 14.58
CA ILE D 196 -4.50 58.14 14.21
C ILE D 196 -5.55 57.52 13.27
N PHE D 197 -5.09 56.70 12.33
CA PHE D 197 -6.01 56.02 11.42
C PHE D 197 -6.88 55.03 12.16
N ALA D 198 -6.23 54.28 13.04
CA ALA D 198 -6.92 53.25 13.85
C ALA D 198 -8.05 53.90 14.65
N SER D 199 -7.74 55.06 15.26
CA SER D 199 -8.71 55.77 16.09
C SER D 199 -9.86 56.23 15.25
N ALA D 200 -9.56 56.75 14.09
CA ALA D 200 -10.61 57.24 13.18
C ALA D 200 -11.60 56.11 12.77
N ILE D 201 -11.08 54.88 12.62
CA ILE D 201 -11.87 53.77 12.07
C ILE D 201 -12.39 52.79 13.13
N HIS D 202 -12.07 53.02 14.39
CA HIS D 202 -12.15 51.96 15.38
C HIS D 202 -13.58 51.61 15.80
N ASP D 203 -14.54 52.48 15.46
CA ASP D 203 -15.97 52.18 15.73
C ASP D 203 -16.90 52.31 14.52
N VAL D 204 -16.34 52.34 13.32
CA VAL D 204 -17.16 52.59 12.13
C VAL D 204 -18.17 51.47 11.90
N ASP D 205 -19.37 51.89 11.50
CA ASP D 205 -20.51 51.02 11.24
C ASP D 205 -20.97 50.29 12.50
N HIS D 206 -20.87 50.96 13.62
CA HIS D 206 -21.29 50.40 14.90
C HIS D 206 -22.80 50.42 14.97
N PRO D 207 -23.42 49.26 15.25
CA PRO D 207 -24.87 49.17 15.25
C PRO D 207 -25.55 49.61 16.56
N GLY D 208 -24.74 49.88 17.58
CA GLY D 208 -25.23 50.44 18.82
C GLY D 208 -25.56 49.37 19.84
N VAL D 209 -25.07 48.17 19.56
CA VAL D 209 -25.19 47.06 20.51
C VAL D 209 -23.84 46.47 20.77
N SER D 210 -23.75 45.68 21.82
CA SER D 210 -22.49 45.07 22.22
C SER D 210 -22.21 43.74 21.52
N ASN D 211 -20.96 43.32 21.62
CA ASN D 211 -20.49 42.03 21.13
C ASN D 211 -21.37 40.93 21.72
N GLN D 212 -21.72 41.02 23.01
CA GLN D 212 -22.48 39.93 23.69
C GLN D 212 -23.93 39.86 23.21
N PHE D 213 -24.53 41.02 22.95
CA PHE D 213 -25.83 41.11 22.27
C PHE D 213 -25.83 40.40 20.91
N LEU D 214 -24.88 40.83 20.10
CA LEU D 214 -24.62 40.22 18.77
C LEU D 214 -24.48 38.73 18.86
N ILE D 215 -23.75 38.28 19.88
CA ILE D 215 -23.50 36.85 20.10
C ILE D 215 -24.74 36.14 20.62
N ASN D 216 -25.45 36.77 21.54
CA ASN D 216 -26.64 36.16 22.16
C ASN D 216 -27.84 36.04 21.21
N THR D 217 -27.89 36.89 20.20
CA THR D 217 -28.98 36.92 19.24
C THR D 217 -28.67 36.16 17.95
N ASN D 218 -27.52 35.51 17.92
CA ASN D 218 -27.15 34.67 16.78
C ASN D 218 -27.06 35.48 15.48
N SER D 219 -26.52 36.70 15.62
CA SER D 219 -26.30 37.57 14.45
C SER D 219 -25.32 36.97 13.44
N GLU D 220 -25.56 37.32 12.20
CA GLU D 220 -24.73 36.96 11.07
C GLU D 220 -23.26 37.42 11.28
N LEU D 221 -23.11 38.53 12.00
CA LEU D 221 -21.78 39.06 12.33
C LEU D 221 -21.03 38.17 13.32
N ALA D 222 -21.72 37.71 14.37
CA ALA D 222 -21.07 36.81 15.36
C ALA D 222 -20.67 35.54 14.68
N LEU D 223 -21.48 35.18 13.68
CA LEU D 223 -21.30 33.94 12.92
C LEU D 223 -20.10 34.06 11.97
N MET D 224 -20.07 35.13 11.19
CA MET D 224 -18.90 35.51 10.37
C MET D 224 -17.58 35.37 11.12
N TYR D 225 -17.56 35.88 12.34
CA TYR D 225 -16.29 36.13 13.04
C TYR D 225 -16.17 35.49 14.39
N ASN D 226 -17.05 34.58 14.78
CA ASN D 226 -16.77 33.23 15.26
C ASN D 226 -16.70 33.69 16.74
N ASP D 227 -17.56 34.65 17.08
CA ASP D 227 -17.70 35.22 18.43
C ASP D 227 -16.48 35.96 19.01
N SER D 228 -15.44 36.18 18.21
CA SER D 228 -14.19 36.79 18.75
C SER D 228 -13.97 38.15 18.17
N SER D 229 -14.02 39.14 19.06
CA SER D 229 -13.83 40.54 18.69
C SER D 229 -14.69 40.90 17.50
N VAL D 230 -15.95 40.49 17.59
CA VAL D 230 -16.87 40.56 16.45
C VAL D 230 -16.87 41.93 15.83
N LEU D 231 -17.20 42.91 16.66
CA LEU D 231 -17.35 44.29 16.19
C LEU D 231 -16.01 44.91 15.72
N GLU D 232 -14.96 44.58 16.43
CA GLU D 232 -13.65 45.15 16.18
C GLU D 232 -13.11 44.66 14.85
N ASN D 233 -13.34 43.38 14.59
CA ASN D 233 -12.99 42.84 13.28
C ASN D 233 -13.74 43.57 12.17
N HIS D 234 -15.02 43.82 12.45
CA HIS D 234 -15.92 44.45 11.50
C HIS D 234 -15.48 45.87 11.15
N HIS D 235 -14.99 46.60 12.15
CA HIS D 235 -14.62 48.01 12.02
C HIS D 235 -13.36 48.10 11.17
N LEU D 236 -12.44 47.21 11.45
CA LEU D 236 -11.25 47.06 10.62
C LEU D 236 -11.66 46.76 9.19
N ALA D 237 -12.56 45.79 9.03
CA ALA D 237 -12.93 45.33 7.69
C ALA D 237 -13.52 46.46 6.86
N VAL D 238 -14.38 47.27 7.48
CA VAL D 238 -15.08 48.34 6.78
C VAL D 238 -14.12 49.49 6.48
N GLY D 239 -13.31 49.86 7.47
CA GLY D 239 -12.39 50.97 7.26
C GLY D 239 -11.45 50.74 6.09
N PHE D 240 -10.90 49.53 6.01
CA PHE D 240 -9.98 49.19 4.91
C PHE D 240 -10.70 49.08 3.56
N LYS D 241 -11.92 48.61 3.59
CA LYS D 241 -12.71 48.42 2.38
C LYS D 241 -12.99 49.74 1.70
N LEU D 242 -13.23 50.74 2.54
CA LEU D 242 -13.55 52.09 2.10
C LEU D 242 -12.41 52.74 1.32
N LEU D 243 -11.20 52.24 1.52
CA LEU D 243 -9.99 52.69 0.81
C LEU D 243 -10.05 52.35 -0.68
N GLN D 244 -10.96 51.45 -1.02
CA GLN D 244 -11.08 50.94 -2.38
C GLN D 244 -12.08 51.73 -3.19
N GLU D 245 -12.80 52.63 -2.54
CA GLU D 245 -13.72 53.46 -3.27
C GLU D 245 -12.96 54.43 -4.20
N GLU D 246 -13.73 55.00 -5.10
CA GLU D 246 -13.23 55.99 -6.07
C GLU D 246 -12.64 57.17 -5.34
N ASN D 247 -11.35 57.37 -5.56
CA ASN D 247 -10.59 58.48 -4.96
C ASN D 247 -10.41 58.42 -3.43
N CYS D 248 -10.30 57.21 -2.88
CA CYS D 248 -10.27 57.02 -1.42
C CYS D 248 -9.00 56.44 -0.85
N ASP D 249 -8.14 55.92 -1.73
CA ASP D 249 -6.91 55.25 -1.27
C ASP D 249 -5.89 56.24 -0.80
N ILE D 250 -6.04 56.68 0.44
CA ILE D 250 -5.07 57.58 1.04
C ILE D 250 -3.69 56.95 1.26
N PHE D 251 -3.57 55.63 1.07
CA PHE D 251 -2.26 54.93 1.23
C PHE D 251 -1.61 54.52 -0.10
N GLN D 252 -2.09 55.11 -1.18
CA GLN D 252 -1.65 54.74 -2.53
C GLN D 252 -0.17 55.01 -2.82
N ASN D 253 0.37 56.07 -2.21
CA ASN D 253 1.75 56.51 -2.44
C ASN D 253 2.73 56.05 -1.39
N LEU D 254 2.21 55.29 -0.43
CA LEU D 254 3.07 54.54 0.49
C LEU D 254 3.78 53.45 -0.29
N THR D 255 4.93 53.07 0.24
CA THR D 255 5.68 51.93 -0.27
C THR D 255 5.07 50.64 0.25
N LYS D 256 5.55 49.53 -0.27
CA LYS D 256 5.02 48.20 0.04
C LYS D 256 5.32 47.80 1.48
N LYS D 257 6.55 48.09 1.91
CA LYS D 257 6.97 47.81 3.29
C LYS D 257 6.10 48.58 4.27
N GLN D 258 5.77 49.80 3.85
CA GLN D 258 4.96 50.70 4.66
C GLN D 258 3.51 50.24 4.79
N ARG D 259 2.94 49.76 3.70
CA ARG D 259 1.56 49.34 3.68
C ARG D 259 1.35 48.14 4.57
N GLN D 260 2.29 47.20 4.49
CA GLN D 260 2.21 45.97 5.28
C GLN D 260 2.42 46.31 6.73
N SER D 261 3.29 47.28 6.98
CA SER D 261 3.62 47.61 8.35
C SER D 261 2.44 48.33 9.03
N LEU D 262 1.96 49.32 8.32
CA LEU D 262 0.80 50.11 8.71
C LEU D 262 -0.42 49.22 8.99
N ARG D 263 -0.78 48.44 7.99
CA ARG D 263 -1.90 47.51 8.08
C ARG D 263 -1.79 46.63 9.32
N LYS D 264 -0.64 46.02 9.52
CA LYS D 264 -0.43 45.17 10.70
C LYS D 264 -0.62 45.94 12.03
N MET D 265 -0.13 47.17 12.07
CA MET D 265 -0.22 47.98 13.29
C MET D 265 -1.67 48.38 13.63
N VAL D 266 -2.42 48.77 12.60
CA VAL D 266 -3.79 49.27 12.77
C VAL D 266 -4.71 48.14 13.22
N ILE D 267 -4.55 47.02 12.56
CA ILE D 267 -5.20 45.79 12.98
C ILE D 267 -4.88 45.48 14.46
N ASP D 268 -3.59 45.52 14.83
CA ASP D 268 -3.19 45.24 16.22
C ASP D 268 -3.80 46.24 17.22
N ILE D 269 -4.02 47.47 16.78
CA ILE D 269 -4.53 48.56 17.65
C ILE D 269 -6.03 48.46 17.88
N VAL D 270 -6.77 48.30 16.78
CA VAL D 270 -8.22 48.27 16.87
C VAL D 270 -8.74 47.03 17.59
N LEU D 271 -8.07 45.91 17.38
CA LEU D 271 -8.40 44.69 18.09
C LEU D 271 -8.25 44.88 19.61
N ALA D 272 -7.30 45.72 19.98
CA ALA D 272 -7.03 46.06 21.39
C ALA D 272 -8.07 47.00 22.00
N THR D 273 -9.04 47.45 21.20
CA THR D 273 -10.11 48.33 21.66
C THR D 273 -11.35 47.53 22.05
N ASP D 274 -11.23 46.22 21.86
CA ASP D 274 -12.12 45.22 22.46
C ASP D 274 -12.03 45.30 24.01
N MET D 275 -13.13 45.78 24.60
CA MET D 275 -13.15 46.09 26.03
C MET D 275 -12.85 44.85 26.88
N SER D 276 -13.22 43.69 26.36
CA SER D 276 -13.00 42.43 27.10
C SER D 276 -11.50 42.11 27.31
N LYS D 277 -10.64 42.69 26.49
CA LYS D 277 -9.20 42.58 26.68
C LYS D 277 -8.60 43.63 27.65
N HIS D 278 -9.45 44.41 28.30
CA HIS D 278 -8.95 45.52 29.16
C HIS D 278 -8.02 45.03 30.26
N MET D 279 -8.44 44.01 30.98
CA MET D 279 -7.68 43.54 32.14
C MET D 279 -6.29 43.02 31.72
N ASN D 280 -6.24 42.33 30.60
CA ASN D 280 -5.01 41.77 30.05
C ASN D 280 -4.08 42.84 29.57
N LEU D 281 -4.65 43.76 28.81
CA LEU D 281 -3.92 44.94 28.31
C LEU D 281 -3.31 45.76 29.48
N LEU D 282 -4.07 45.91 30.56
CA LEU D 282 -3.60 46.70 31.71
C LEU D 282 -2.53 45.95 32.50
N ALA D 283 -2.74 44.64 32.71
CA ALA D 283 -1.80 43.84 33.49
C ALA D 283 -0.43 43.85 32.83
N ASP D 284 -0.45 43.79 31.50
CA ASP D 284 0.80 43.73 30.72
C ASP D 284 1.44 45.09 30.64
N LEU D 285 0.63 46.14 30.77
CA LEU D 285 1.15 47.52 30.81
C LEU D 285 1.82 47.76 32.17
N LYS D 286 1.24 47.21 33.23
CA LYS D 286 1.89 47.30 34.55
C LYS D 286 3.30 46.68 34.50
N THR D 287 3.38 45.54 33.82
CA THR D 287 4.60 44.75 33.70
C THR D 287 5.69 45.58 33.04
N MET D 288 5.30 46.31 32.03
CA MET D 288 6.20 47.18 31.26
C MET D 288 6.67 48.42 32.01
N VAL D 289 5.79 49.00 32.83
CA VAL D 289 6.15 50.13 33.68
C VAL D 289 7.19 49.72 34.74
N GLU D 290 7.07 48.50 35.26
CA GLU D 290 7.96 47.99 36.33
C GLU D 290 9.41 47.93 35.84
N THR D 291 9.58 47.80 34.52
CA THR D 291 10.91 47.69 33.92
C THR D 291 11.15 48.70 32.79
N LYS D 292 10.54 49.87 32.91
CA LYS D 292 10.65 50.91 31.88
C LYS D 292 12.03 51.55 31.91
N LYS D 293 12.49 51.85 30.70
CA LYS D 293 13.76 52.52 30.52
C LYS D 293 13.47 53.93 30.05
N VAL D 294 14.30 54.85 30.50
CA VAL D 294 14.24 56.23 30.05
C VAL D 294 15.63 56.61 29.50
N THR D 295 15.65 57.43 28.46
CA THR D 295 16.91 57.89 27.84
C THR D 295 17.55 58.93 28.75
N SER D 296 18.71 59.41 28.34
CA SER D 296 19.37 60.50 29.07
C SER D 296 18.67 61.84 28.82
N SER D 297 18.00 61.92 27.67
CA SER D 297 17.16 63.06 27.30
C SER D 297 15.81 63.04 28.03
N GLY D 298 15.57 61.98 28.80
CA GLY D 298 14.38 61.90 29.67
C GLY D 298 13.18 61.26 29.00
N VAL D 299 13.41 60.73 27.82
CA VAL D 299 12.35 60.21 26.99
C VAL D 299 12.27 58.68 27.09
N LEU D 300 11.06 58.18 26.96
CA LEU D 300 10.78 56.74 27.05
C LEU D 300 11.52 55.91 26.00
N LEU D 301 12.16 54.84 26.46
CA LEU D 301 12.87 53.92 25.55
C LEU D 301 12.11 52.65 25.18
N LEU D 302 11.74 52.60 23.91
CA LEU D 302 11.06 51.45 23.29
C LEU D 302 11.87 50.96 22.11
N ASP D 303 12.54 49.83 22.31
CA ASP D 303 13.57 49.35 21.39
C ASP D 303 13.18 48.10 20.61
N ASN D 304 11.93 47.71 20.73
CA ASN D 304 11.40 46.58 19.95
C ASN D 304 9.93 46.77 19.58
N TYR D 305 9.53 46.10 18.49
CA TYR D 305 8.15 46.16 18.00
C TYR D 305 7.13 45.90 19.09
N SER D 306 7.37 44.88 19.88
CA SER D 306 6.39 44.49 20.91
C SER D 306 6.11 45.62 21.94
N ASP D 307 7.17 46.30 22.35
CA ASP D 307 7.07 47.37 23.34
C ASP D 307 6.42 48.57 22.67
N ARG D 308 6.75 48.77 21.40
CA ARG D 308 6.20 49.88 20.63
C ARG D 308 4.70 49.77 20.40
N ILE D 309 4.27 48.59 19.96
CA ILE D 309 2.86 48.35 19.64
C ILE D 309 2.00 48.25 20.90
N GLN D 310 2.57 47.68 21.96
CA GLN D 310 1.87 47.59 23.26
C GLN D 310 1.54 48.98 23.82
N VAL D 311 2.44 49.93 23.55
CA VAL D 311 2.29 51.34 23.98
C VAL D 311 1.24 52.07 23.13
N LEU D 312 1.19 51.79 21.83
CA LEU D 312 0.16 52.43 20.97
C LEU D 312 -1.21 51.79 21.24
N GLN D 313 -1.20 50.50 21.60
CA GLN D 313 -2.44 49.81 21.96
C GLN D 313 -3.06 50.43 23.22
N ASN D 314 -2.25 50.49 24.26
CA ASN D 314 -2.70 51.08 25.52
C ASN D 314 -3.06 52.56 25.41
N MET D 315 -2.42 53.28 24.49
CA MET D 315 -2.72 54.69 24.21
C MET D 315 -4.12 54.96 23.58
N VAL D 316 -4.39 54.23 22.52
CA VAL D 316 -5.70 54.31 21.83
C VAL D 316 -6.85 53.79 22.73
N HIS D 317 -6.52 52.80 23.54
CA HIS D 317 -7.48 52.26 24.52
C HIS D 317 -7.73 53.27 25.64
N CYS D 318 -6.70 54.03 25.98
CA CYS D 318 -6.84 55.17 26.91
C CYS D 318 -7.64 56.33 26.31
N ALA D 319 -7.39 56.62 25.05
CA ALA D 319 -8.21 57.59 24.32
C ALA D 319 -9.68 57.12 24.31
N ASP D 320 -9.89 55.83 24.12
CA ASP D 320 -11.24 55.26 24.02
C ASP D 320 -11.98 55.39 25.34
N LEU D 321 -11.24 55.17 26.42
CA LEU D 321 -11.72 55.30 27.79
C LEU D 321 -11.39 56.65 28.42
N SER D 322 -11.42 57.72 27.62
CA SER D 322 -10.95 59.01 28.12
C SER D 322 -12.07 59.94 28.62
N ASN D 323 -13.31 59.59 28.33
CA ASN D 323 -14.47 60.48 28.64
C ASN D 323 -14.41 61.06 30.07
N PRO D 324 -14.11 60.20 31.07
CA PRO D 324 -14.15 60.64 32.47
C PRO D 324 -13.02 61.56 32.94
N THR D 325 -11.98 61.67 32.11
CA THR D 325 -10.79 62.49 32.37
C THR D 325 -10.94 63.84 31.71
N LYS D 326 -12.01 64.00 30.96
CA LYS D 326 -12.29 65.28 30.28
C LYS D 326 -12.98 66.26 31.23
N PRO D 327 -13.05 67.55 30.84
CA PRO D 327 -13.82 68.49 31.64
C PRO D 327 -15.19 67.94 31.97
N LEU D 328 -15.63 68.18 33.20
CA LEU D 328 -16.89 67.64 33.67
C LEU D 328 -18.02 67.80 32.67
N GLN D 329 -18.11 68.98 32.10
CA GLN D 329 -19.23 69.31 31.23
C GLN D 329 -19.28 68.42 30.01
N LEU D 330 -18.12 68.07 29.49
CA LEU D 330 -18.00 67.14 28.36
C LEU D 330 -18.36 65.71 28.83
N TYR D 331 -17.76 65.25 29.92
CA TYR D 331 -18.04 63.92 30.53
C TYR D 331 -19.55 63.61 30.71
N ARG D 332 -20.25 64.60 31.27
CA ARG D 332 -21.72 64.51 31.49
C ARG D 332 -22.54 64.20 30.24
N GLN D 333 -22.14 64.82 29.14
CA GLN D 333 -22.81 64.62 27.86
C GLN D 333 -22.52 63.22 27.34
N TRP D 334 -21.27 62.78 27.52
CA TRP D 334 -20.84 61.45 27.06
C TRP D 334 -21.60 60.37 27.81
N THR D 335 -21.74 60.56 29.10
CA THR D 335 -22.49 59.62 29.96
C THR D 335 -23.95 59.56 29.56
N ASP D 336 -24.52 60.71 29.23
CA ASP D 336 -25.92 60.80 28.74
C ASP D 336 -26.13 60.08 27.41
N ARG D 337 -25.15 60.24 26.53
CA ARG D 337 -25.15 59.57 25.21
C ARG D 337 -24.94 58.05 25.31
N ILE D 338 -24.05 57.60 26.18
CA ILE D 338 -23.82 56.14 26.34
C ILE D 338 -25.02 55.45 26.99
N MET D 339 -25.61 56.10 27.99
CA MET D 339 -26.82 55.57 28.68
C MET D 339 -28.04 55.48 27.76
N GLU D 340 -28.21 56.46 26.90
CA GLU D 340 -29.23 56.41 25.88
C GLU D 340 -29.03 55.23 24.95
N GLU D 341 -27.81 55.02 24.52
CA GLU D 341 -27.49 53.92 23.62
C GLU D 341 -27.73 52.57 24.27
N PHE D 342 -27.30 52.43 25.51
CA PHE D 342 -27.50 51.20 26.27
C PHE D 342 -28.98 50.92 26.47
N PHE D 343 -29.71 51.97 26.83
CA PHE D 343 -31.12 51.86 27.15
C PHE D 343 -31.82 51.39 25.89
N ARG D 344 -31.32 51.84 24.75
CA ARG D 344 -31.82 51.40 23.44
C ARG D 344 -31.55 49.93 23.20
N GLN D 345 -30.39 49.45 23.64
CA GLN D 345 -30.06 48.02 23.49
C GLN D 345 -30.97 47.20 24.39
N GLY D 346 -31.22 47.75 25.58
CA GLY D 346 -32.10 47.14 26.58
C GLY D 346 -33.51 46.97 26.07
N ASP D 347 -34.00 48.00 25.38
CA ASP D 347 -35.30 47.95 24.72
C ASP D 347 -35.33 46.83 23.69
N ARG D 348 -34.24 46.67 22.95
CA ARG D 348 -34.19 45.60 21.92
C ARG D 348 -34.26 44.21 22.54
N GLU D 349 -33.61 44.07 23.69
CA GLU D 349 -33.58 42.81 24.43
C GLU D 349 -34.92 42.49 25.05
N ARG D 350 -35.66 43.51 25.48
CA ARG D 350 -36.98 43.33 26.10
C ARG D 350 -38.04 42.85 25.09
N GLU D 351 -38.01 43.45 23.91
CA GLU D 351 -38.94 43.11 22.82
C GLU D 351 -38.69 41.73 22.18
N ARG D 352 -37.55 41.15 22.53
CA ARG D 352 -37.11 39.86 22.00
C ARG D 352 -37.20 38.78 23.04
N GLY D 353 -37.64 39.13 24.24
CA GLY D 353 -37.73 38.19 25.34
C GLY D 353 -36.42 37.82 26.01
N MET D 354 -35.42 38.66 25.80
CA MET D 354 -34.10 38.50 26.46
C MET D 354 -34.06 39.14 27.85
N GLU D 355 -33.17 38.63 28.68
CA GLU D 355 -32.77 39.35 29.92
C GLU D 355 -32.19 40.66 29.45
N ILE D 356 -32.52 41.71 30.17
CA ILE D 356 -31.99 43.02 29.88
C ILE D 356 -30.60 43.03 30.52
N SER D 357 -29.60 43.38 29.72
CA SER D 357 -28.22 43.35 30.17
C SER D 357 -28.04 44.37 31.28
N PRO D 358 -27.07 44.16 32.16
CA PRO D 358 -26.86 45.15 33.22
C PRO D 358 -26.62 46.54 32.64
N MET D 359 -27.15 47.54 33.30
CA MET D 359 -27.06 48.96 32.87
C MET D 359 -27.80 49.26 31.57
N CYS D 360 -28.65 48.32 31.13
CA CYS D 360 -29.42 48.55 29.90
C CYS D 360 -30.92 48.67 30.08
N ASP D 361 -31.35 48.75 31.33
CA ASP D 361 -32.78 48.83 31.64
C ASP D 361 -33.14 50.22 32.08
N LYS D 362 -33.86 50.92 31.23
CA LYS D 362 -34.18 52.31 31.52
C LYS D 362 -34.99 52.49 32.80
N HIS D 363 -35.67 51.41 33.24
CA HIS D 363 -36.54 51.45 34.44
C HIS D 363 -35.75 51.19 35.70
N ASN D 364 -34.63 50.52 35.56
CA ASN D 364 -33.81 50.20 36.71
C ASN D 364 -32.34 50.33 36.43
N ALA D 365 -31.82 51.54 36.54
CA ALA D 365 -30.40 51.85 36.32
C ALA D 365 -29.82 52.90 37.30
N SER D 366 -28.64 52.63 37.83
CA SER D 366 -28.01 53.56 38.74
C SER D 366 -26.83 54.18 38.09
N VAL D 367 -27.11 55.22 37.34
CA VAL D 367 -26.13 55.82 36.47
C VAL D 367 -24.96 56.45 37.26
N GLU D 368 -25.30 57.05 38.38
CA GLU D 368 -24.34 57.84 39.15
C GLU D 368 -23.34 56.94 39.85
N LYS D 369 -23.92 55.92 40.48
CA LYS D 369 -23.16 54.86 41.11
C LYS D 369 -22.27 54.11 40.10
N SER D 370 -22.75 53.98 38.86
CA SER D 370 -22.04 53.19 37.84
C SER D 370 -20.75 53.86 37.43
N GLN D 371 -20.77 55.18 37.51
CA GLN D 371 -19.65 56.04 37.11
C GLN D 371 -18.58 55.99 38.14
N VAL D 372 -19.01 55.96 39.38
CA VAL D 372 -18.07 55.87 40.51
C VAL D 372 -17.29 54.54 40.44
N GLY D 373 -18.02 53.44 40.21
CA GLY D 373 -17.41 52.11 40.02
C GLY D 373 -16.56 51.96 38.77
N PHE D 374 -17.01 52.55 37.68
CA PHE D 374 -16.29 52.59 36.41
C PHE D 374 -14.91 53.22 36.58
N ILE D 375 -14.92 54.36 37.26
CA ILE D 375 -13.70 55.09 37.56
C ILE D 375 -12.82 54.29 38.55
N ASP D 376 -13.39 53.84 39.65
CA ASP D 376 -12.59 53.20 40.71
C ASP D 376 -11.94 51.90 40.24
N TYR D 377 -12.69 51.13 39.44
CA TYR D 377 -12.28 49.81 39.03
C TYR D 377 -11.70 49.71 37.66
N ILE D 378 -12.02 50.65 36.79
CA ILE D 378 -11.54 50.58 35.40
C ILE D 378 -10.66 51.76 34.97
N VAL D 379 -11.15 52.96 35.16
CA VAL D 379 -10.60 54.10 34.45
C VAL D 379 -9.39 54.65 35.19
N HIS D 380 -9.54 54.77 36.50
CA HIS D 380 -8.44 55.23 37.34
C HIS D 380 -7.27 54.24 37.34
N PRO D 381 -7.54 52.91 37.50
CA PRO D 381 -6.36 52.00 37.47
C PRO D 381 -5.55 52.10 36.18
N LEU D 382 -6.26 52.33 35.07
CA LEU D 382 -5.67 52.40 33.74
C LEU D 382 -4.80 53.65 33.60
N TRP D 383 -5.42 54.79 33.85
CA TRP D 383 -4.80 56.10 33.66
C TRP D 383 -3.66 56.28 34.66
N GLU D 384 -3.87 55.73 35.85
CA GLU D 384 -2.82 55.70 36.86
C GLU D 384 -1.54 55.04 36.35
N THR D 385 -1.71 53.98 35.59
CA THR D 385 -0.58 53.17 35.07
C THR D 385 0.03 53.88 33.88
N TRP D 386 -0.81 54.55 33.11
CA TRP D 386 -0.37 55.37 32.00
C TRP D 386 0.41 56.58 32.51
N ALA D 387 -0.06 57.12 33.63
CA ALA D 387 0.60 58.21 34.31
C ALA D 387 2.00 57.81 34.84
N ASP D 388 2.16 56.60 35.33
CA ASP D 388 3.50 56.07 35.68
C ASP D 388 4.42 55.98 34.44
N LEU D 389 3.90 55.45 33.35
CA LEU D 389 4.68 55.30 32.11
C LEU D 389 5.21 56.64 31.55
N VAL D 390 4.37 57.66 31.53
CA VAL D 390 4.75 58.96 30.95
C VAL D 390 5.07 59.97 32.05
N HIS D 391 5.17 59.50 33.28
CA HIS D 391 5.34 60.37 34.47
C HIS D 391 6.28 61.57 34.24
N PRO D 392 5.85 62.81 34.57
CA PRO D 392 4.63 63.28 35.25
C PRO D 392 3.63 63.98 34.33
N ASP D 393 3.70 63.68 33.04
CA ASP D 393 2.98 64.42 31.99
C ASP D 393 1.45 64.25 32.01
N ALA D 394 1.01 63.17 32.65
CA ALA D 394 -0.39 62.78 32.66
C ALA D 394 -1.10 63.21 33.95
N GLN D 395 -0.45 64.03 34.76
CA GLN D 395 -0.94 64.34 36.10
C GLN D 395 -2.24 65.16 36.12
N ASP D 396 -2.35 66.12 35.22
CA ASP D 396 -3.55 66.99 35.20
C ASP D 396 -4.77 66.20 34.71
N ILE D 397 -4.54 65.27 33.78
CA ILE D 397 -5.61 64.39 33.31
C ILE D 397 -6.13 63.59 34.52
N LEU D 398 -5.17 63.11 35.31
CA LEU D 398 -5.44 62.32 36.52
C LEU D 398 -6.14 63.12 37.63
N ASP D 399 -5.74 64.36 37.82
CA ASP D 399 -6.38 65.23 38.83
C ASP D 399 -7.85 65.44 38.46
N THR D 400 -8.09 65.61 37.16
CA THR D 400 -9.44 65.86 36.61
C THR D 400 -10.32 64.64 36.82
N LEU D 401 -9.78 63.47 36.58
CA LEU D 401 -10.55 62.24 36.76
C LEU D 401 -10.99 62.11 38.21
N GLU D 402 -10.15 62.59 39.09
CA GLU D 402 -10.45 62.47 40.52
C GLU D 402 -11.53 63.46 40.91
N ASP D 403 -11.51 64.63 40.25
CA ASP D 403 -12.50 65.67 40.51
C ASP D 403 -13.85 65.25 39.95
N ASN D 404 -13.81 64.53 38.83
CA ASN D 404 -15.06 64.05 38.20
C ASN D 404 -15.71 62.91 38.96
N ARG D 405 -14.87 62.12 39.58
CA ARG D 405 -15.31 61.04 40.45
C ARG D 405 -15.98 61.61 41.68
N GLU D 406 -15.36 62.66 42.18
CA GLU D 406 -15.87 63.41 43.32
C GLU D 406 -17.26 63.99 43.01
N TRP D 407 -17.39 64.55 41.81
CA TRP D 407 -18.68 65.10 41.40
C TRP D 407 -19.79 64.06 41.35
N TYR D 408 -19.54 62.94 40.68
CA TYR D 408 -20.56 61.88 40.57
C TYR D 408 -20.89 61.33 41.95
N GLN D 409 -19.89 61.20 42.80
CA GLN D 409 -20.13 60.75 44.18
C GLN D 409 -21.05 61.72 44.97
N SER D 410 -20.87 63.02 44.77
CA SER D 410 -21.75 64.05 45.43
C SER D 410 -23.22 63.93 44.98
N THR D 411 -23.37 63.33 43.83
CA THR D 411 -24.64 63.19 43.13
C THR D 411 -25.41 62.00 43.70
N ILE D 412 -24.84 61.38 44.69
CA ILE D 412 -25.38 60.15 45.21
C ILE D 412 -25.84 60.48 46.60
N PRO D 413 -27.14 60.30 46.86
CA PRO D 413 -27.68 60.66 48.19
C PRO D 413 -27.13 59.82 49.32
N GLN D 414 -26.86 60.47 50.43
CA GLN D 414 -26.28 59.74 51.57
C GLN D 414 -27.38 59.22 52.50
#